data_9KH7
#
_entry.id   9KH7
#
_cell.length_a   1.00
_cell.length_b   1.00
_cell.length_c   1.00
_cell.angle_alpha   90.00
_cell.angle_beta   90.00
_cell.angle_gamma   90.00
#
_symmetry.space_group_name_H-M   'P 1'
#
loop_
_entity.id
_entity.type
_entity.pdbx_description
1 polymer 'CBASS cGAMP-activated phospholipase'
2 non-polymer "2-amino-9-[(2R,3R,3aS,5R,7aR,9R,10R,10aS,12R,14aR)-9-(6-amino-9H-purin-9-yl)-3,5,10,12-tetrahydroxy-5,12-dioxidooctahydro-2H,7H-difuro[3,2-d:3',2'-j][1,3,7,9,2,8]tetraoxadiphosphacyclododecin-2-yl]-1,9-dihydro-6H-purin-6-one"
#
_entity_poly.entity_id   1
_entity_poly.type   'polypeptide(L)'
_entity_poly.pdbx_seq_one_letter_code
;MEKFQILALSGGGYRGLFTATVLKELEQEAKENGHDSIADCFDLITGTSVGGIVALAIAYGIKVEAIVDLFKSHGDKIFQ
PKPFLKFTGSKYSNESLKTVLEEWFGDSILGDLKCPVVIPTIDFTRGSPVTLKTPHNPNLKRDWKLKIVDVALATSAAPT
YFPRHPIGPNEYVAGGLFANDPSLIGLHEADYMFKKNIQDVHILSIGTLSSKKQLNPSTKKDGGYLDWGEGSILKAAPNI
IDLVLSSQQQFMEQMVKHRMEPFPNQFYKIDEQIVQASAQFIGLDETSDAAKQVLEGNGIQSAKVALGKDFIRNYFNQPS
RKREWFDGPQKNV
;
_entity_poly.pdbx_strand_id   A,B,C,D,E,F
#
# COMPACT_ATOMS: atom_id res chain seq x y z
N MET A 1 -19.15 16.67 -3.99
CA MET A 1 -19.94 17.46 -3.01
C MET A 1 -20.01 16.70 -1.69
N GLU A 2 -20.93 15.75 -1.58
CA GLU A 2 -21.10 15.08 -0.28
C GLU A 2 -19.75 14.57 0.17
N LYS A 3 -19.48 14.70 1.45
CA LYS A 3 -18.23 14.20 2.01
C LYS A 3 -18.38 12.69 2.09
N PHE A 4 -17.44 11.96 1.55
CA PHE A 4 -17.45 10.50 1.62
C PHE A 4 -16.64 10.11 2.85
N GLN A 5 -17.32 9.64 3.89
CA GLN A 5 -16.70 9.38 5.18
C GLN A 5 -16.47 7.90 5.37
N ILE A 6 -15.27 7.55 5.82
CA ILE A 6 -14.85 6.16 6.00
C ILE A 6 -14.46 5.96 7.46
N LEU A 7 -14.85 4.81 8.00
CA LEU A 7 -14.48 4.41 9.36
C LEU A 7 -13.58 3.20 9.26
N ALA A 8 -12.32 3.36 9.61
CA ALA A 8 -11.30 2.32 9.45
C ALA A 8 -10.95 1.77 10.83
N LEU A 9 -11.68 0.75 11.26
CA LEU A 9 -11.47 0.19 12.63
C LEU A 9 -10.25 -0.73 12.62
N SER A 10 -9.21 -0.37 13.37
CA SER A 10 -8.02 -1.25 13.49
C SER A 10 -7.94 -1.76 14.94
N GLY A 11 -7.93 -3.09 15.13
CA GLY A 11 -7.92 -3.65 16.49
C GLY A 11 -7.33 -5.04 16.53
N GLY A 12 -6.26 -5.24 17.30
CA GLY A 12 -5.67 -6.56 17.44
C GLY A 12 -5.86 -7.13 18.82
N GLY A 13 -6.62 -8.21 18.87
CA GLY A 13 -6.75 -8.91 20.15
C GLY A 13 -7.44 -8.15 21.23
N TYR A 14 -6.96 -8.28 22.46
CA TYR A 14 -7.66 -7.70 23.62
C TYR A 14 -7.67 -6.19 23.62
N ARG A 15 -6.62 -5.57 23.11
CA ARG A 15 -6.67 -4.10 23.01
C ARG A 15 -7.60 -3.91 21.82
N GLY A 16 -8.81 -4.45 21.85
CA GLY A 16 -9.91 -4.11 20.94
C GLY A 16 -10.88 -3.37 21.80
N LEU A 17 -10.88 -3.70 23.07
CA LEU A 17 -11.66 -2.93 24.03
C LEU A 17 -11.44 -1.43 23.90
N PHE A 18 -10.26 -1.00 23.44
CA PHE A 18 -10.06 0.41 23.15
C PHE A 18 -10.94 0.85 21.99
N THR A 19 -10.95 0.07 20.90
CA THR A 19 -11.76 0.39 19.74
C THR A 19 -13.25 0.38 20.04
N ALA A 20 -13.71 -0.55 20.88
CA ALA A 20 -15.11 -0.60 21.25
C ALA A 20 -15.52 0.52 22.21
N THR A 21 -14.59 1.02 23.03
CA THR A 21 -14.88 2.15 23.90
C THR A 21 -14.93 3.47 23.14
N VAL A 22 -13.97 3.73 22.26
CA VAL A 22 -13.97 4.97 21.45
C VAL A 22 -15.24 5.05 20.64
N LEU A 23 -15.84 3.92 20.29
CA LEU A 23 -17.01 3.93 19.38
C LEU A 23 -18.30 4.04 20.19
N LYS A 24 -18.27 3.70 21.47
CA LYS A 24 -19.45 3.89 22.33
C LYS A 24 -19.61 5.38 22.58
N GLU A 25 -18.51 6.12 22.67
CA GLU A 25 -18.54 7.57 22.93
C GLU A 25 -18.73 8.34 21.64
N LEU A 26 -18.36 7.77 20.50
CA LEU A 26 -18.65 8.45 19.21
C LEU A 26 -20.08 8.14 18.80
N GLU A 27 -20.65 7.02 19.20
CA GLU A 27 -22.08 6.79 18.90
C GLU A 27 -22.92 7.78 19.70
N GLN A 28 -22.61 8.01 20.97
CA GLN A 28 -23.36 9.05 21.71
C GLN A 28 -23.51 10.27 20.81
N GLU A 29 -22.43 10.94 20.42
CA GLU A 29 -22.61 12.08 19.52
C GLU A 29 -23.51 11.71 18.35
N ALA A 30 -23.35 10.49 17.82
CA ALA A 30 -24.15 10.07 16.67
C ALA A 30 -25.64 10.11 16.99
N LYS A 31 -26.03 9.58 18.15
CA LYS A 31 -27.43 9.61 18.57
C LYS A 31 -27.89 11.02 18.95
N GLU A 32 -27.03 11.77 19.66
CA GLU A 32 -27.40 13.14 20.03
C GLU A 32 -27.66 14.01 18.82
N ASN A 33 -27.04 13.70 17.68
CA ASN A 33 -27.32 14.41 16.44
C ASN A 33 -28.48 13.81 15.66
N GLY A 34 -29.10 12.76 16.17
CA GLY A 34 -30.31 12.23 15.59
C GLY A 34 -30.18 11.03 14.66
N HIS A 35 -29.13 10.23 14.80
CA HIS A 35 -28.96 9.05 13.97
C HIS A 35 -29.33 7.80 14.76
N ASP A 36 -29.68 6.75 14.03
CA ASP A 36 -30.04 5.48 14.63
C ASP A 36 -28.85 4.72 15.19
N SER A 37 -27.73 4.73 14.47
CA SER A 37 -26.51 4.08 14.92
C SER A 37 -25.33 4.84 14.36
N ILE A 38 -24.12 4.39 14.70
CA ILE A 38 -22.91 5.05 14.25
C ILE A 38 -22.60 4.61 12.83
N ALA A 39 -23.39 3.67 12.31
CA ALA A 39 -23.22 3.20 10.94
C ALA A 39 -24.00 4.04 9.94
N ASP A 40 -24.78 5.01 10.39
CA ASP A 40 -25.52 5.90 9.51
C ASP A 40 -24.74 7.17 9.17
N CYS A 41 -23.55 7.34 9.75
CA CYS A 41 -22.73 8.51 9.51
C CYS A 41 -21.58 8.25 8.57
N PHE A 42 -21.40 7.02 8.12
CA PHE A 42 -20.23 6.62 7.35
C PHE A 42 -20.67 5.96 6.05
N ASP A 43 -19.86 6.11 5.01
CA ASP A 43 -20.20 5.55 3.71
C ASP A 43 -19.36 4.30 3.46
N LEU A 44 -18.45 3.93 4.35
CA LEU A 44 -17.68 2.70 4.20
C LEU A 44 -17.03 2.39 5.54
N ILE A 45 -16.95 1.11 5.85
CA ILE A 45 -16.37 0.64 7.10
C ILE A 45 -15.39 -0.47 6.74
N THR A 46 -14.14 -0.33 7.22
CA THR A 46 -13.10 -1.33 6.93
C THR A 46 -12.47 -1.80 8.25
N GLY A 47 -12.31 -3.08 8.40
CA GLY A 47 -11.63 -3.56 9.61
C GLY A 47 -10.74 -4.72 9.29
N THR A 48 -9.78 -4.98 10.16
CA THR A 48 -8.94 -6.17 10.00
C THR A 48 -8.80 -6.80 11.38
N SER A 49 -8.81 -8.13 11.48
CA SER A 49 -8.73 -8.83 12.80
C SER A 49 -9.97 -8.49 13.63
N VAL A 50 -9.81 -8.28 14.94
CA VAL A 50 -10.99 -8.00 15.80
C VAL A 50 -11.68 -6.76 15.25
N GLY A 51 -10.94 -5.85 14.66
CA GLY A 51 -11.58 -4.68 14.04
C GLY A 51 -12.62 -5.08 13.03
N GLY A 52 -12.52 -6.27 12.45
CA GLY A 52 -13.56 -6.73 11.51
C GLY A 52 -14.75 -7.30 12.24
N ILE A 53 -14.56 -8.00 13.35
CA ILE A 53 -15.74 -8.46 14.14
C ILE A 53 -16.43 -7.23 14.69
N VAL A 54 -15.72 -6.12 14.90
CA VAL A 54 -16.37 -4.89 15.32
C VAL A 54 -16.97 -4.13 14.14
N ALA A 55 -16.28 -4.10 13.00
CA ALA A 55 -16.80 -3.46 11.80
C ALA A 55 -18.08 -4.09 11.29
N LEU A 56 -18.16 -5.42 11.28
CA LEU A 56 -19.39 -6.08 10.87
C LEU A 56 -20.52 -5.79 11.85
N ALA A 57 -20.20 -5.83 13.15
CA ALA A 57 -21.21 -5.53 14.16
C ALA A 57 -21.71 -4.10 14.06
N ILE A 58 -20.80 -3.15 13.81
CA ILE A 58 -21.21 -1.76 13.66
C ILE A 58 -22.15 -1.60 12.48
N ALA A 59 -21.80 -2.20 11.34
CA ALA A 59 -22.61 -2.05 10.13
C ALA A 59 -23.92 -2.80 10.21
N TYR A 60 -23.94 -3.96 10.87
CA TYR A 60 -25.18 -4.71 11.01
C TYR A 60 -26.24 -3.98 11.81
N GLY A 61 -25.85 -2.98 12.61
CA GLY A 61 -26.79 -2.28 13.46
C GLY A 61 -26.72 -2.67 14.92
N ILE A 62 -25.74 -3.49 15.30
CA ILE A 62 -25.61 -3.92 16.69
C ILE A 62 -25.28 -2.72 17.57
N LYS A 63 -25.94 -2.63 18.71
CA LYS A 63 -25.65 -1.59 19.68
C LYS A 63 -24.22 -1.75 20.19
N VAL A 64 -23.48 -0.64 20.25
CA VAL A 64 -22.09 -0.69 20.70
C VAL A 64 -21.95 -1.08 22.16
N GLU A 65 -23.03 -1.03 22.95
CA GLU A 65 -22.93 -1.54 24.31
C GLU A 65 -22.61 -3.03 24.36
N ALA A 66 -23.13 -3.81 23.42
CA ALA A 66 -22.85 -5.25 23.36
C ALA A 66 -21.51 -5.57 22.75
N ILE A 67 -21.01 -4.75 21.83
CA ILE A 67 -19.64 -4.92 21.35
C ILE A 67 -18.64 -4.70 22.48
N VAL A 68 -18.86 -3.70 23.33
CA VAL A 68 -18.05 -3.55 24.53
C VAL A 68 -18.29 -4.67 25.54
N ASP A 69 -19.53 -5.12 25.69
CA ASP A 69 -19.83 -6.23 26.58
C ASP A 69 -19.07 -7.50 26.21
N LEU A 70 -18.78 -7.68 24.91
CA LEU A 70 -17.98 -8.81 24.47
C LEU A 70 -16.56 -8.77 25.01
N PHE A 71 -15.96 -7.59 25.15
CA PHE A 71 -14.55 -7.47 25.45
C PHE A 71 -14.24 -7.43 26.94
N LYS A 72 -15.19 -7.07 27.78
CA LYS A 72 -14.95 -6.96 29.22
C LYS A 72 -15.67 -8.04 30.01
N SER A 73 -16.33 -8.98 29.33
CA SER A 73 -16.99 -10.07 30.04
C SER A 73 -16.66 -11.41 29.37
N HIS A 74 -16.29 -11.37 28.09
CA HIS A 74 -15.96 -12.56 27.33
C HIS A 74 -14.56 -12.44 26.71
N GLY A 75 -13.83 -11.38 27.06
CA GLY A 75 -12.57 -11.10 26.39
C GLY A 75 -11.48 -12.12 26.66
N ASP A 76 -11.43 -12.65 27.89
CA ASP A 76 -10.39 -13.61 28.22
C ASP A 76 -10.59 -14.93 27.50
N LYS A 77 -11.81 -15.47 27.54
CA LYS A 77 -12.09 -16.77 26.95
C LYS A 77 -11.92 -16.73 25.43
N ILE A 78 -12.36 -15.65 24.78
CA ILE A 78 -12.23 -15.54 23.34
C ILE A 78 -10.84 -15.10 22.91
N PHE A 79 -10.28 -14.08 23.54
CA PHE A 79 -8.98 -13.56 23.15
C PHE A 79 -7.95 -13.71 24.27
N GLY A 89 -5.57 -26.79 20.59
CA GLY A 89 -4.96 -26.93 19.28
C GLY A 89 -4.06 -25.78 18.91
N SER A 90 -4.66 -24.71 18.36
CA SER A 90 -3.93 -23.52 17.94
C SER A 90 -4.03 -22.39 18.96
N LYS A 91 -4.04 -22.73 20.25
CA LYS A 91 -4.10 -21.85 21.41
C LYS A 91 -5.51 -21.30 21.64
N TYR A 92 -6.41 -21.45 20.67
CA TYR A 92 -7.77 -20.93 20.96
C TYR A 92 -8.82 -21.71 20.19
N SER A 93 -9.79 -22.30 20.92
CA SER A 93 -10.92 -22.97 20.23
C SER A 93 -11.87 -21.86 19.76
N ASN A 94 -12.13 -21.78 18.47
CA ASN A 94 -12.93 -20.66 17.94
C ASN A 94 -14.37 -20.83 18.39
N GLU A 95 -14.63 -21.81 19.26
CA GLU A 95 -16.04 -22.09 19.60
C GLU A 95 -16.66 -20.93 20.37
N SER A 96 -15.96 -20.38 21.36
CA SER A 96 -16.61 -19.30 22.13
C SER A 96 -17.04 -18.21 21.16
N LEU A 97 -16.09 -17.62 20.43
CA LEU A 97 -16.45 -16.50 19.54
C LEU A 97 -17.66 -16.96 18.75
N LYS A 98 -17.59 -18.16 18.19
CA LYS A 98 -18.68 -18.59 17.32
C LYS A 98 -20.03 -18.46 18.02
N THR A 99 -20.10 -18.86 19.29
CA THR A 99 -21.37 -18.77 20.02
C THR A 99 -21.84 -17.33 20.12
N VAL A 100 -20.92 -16.42 20.46
CA VAL A 100 -21.30 -15.01 20.62
C VAL A 100 -21.70 -14.41 19.27
N LEU A 101 -21.04 -14.84 18.19
CA LEU A 101 -21.37 -14.28 16.89
C LEU A 101 -22.72 -14.76 16.39
N GLU A 102 -23.03 -16.05 16.58
CA GLU A 102 -24.39 -16.50 16.27
C GLU A 102 -25.42 -15.82 17.15
N GLU A 103 -25.10 -15.59 18.43
CA GLU A 103 -26.04 -14.89 19.30
C GLU A 103 -26.28 -13.47 18.80
N TRP A 104 -25.25 -12.83 18.22
CA TRP A 104 -25.42 -11.53 17.59
C TRP A 104 -26.13 -11.60 16.25
N PHE A 105 -25.52 -12.29 15.28
CA PHE A 105 -26.02 -12.25 13.91
C PHE A 105 -27.06 -13.33 13.66
N GLY A 106 -26.67 -14.59 13.82
CA GLY A 106 -27.58 -15.69 13.55
C GLY A 106 -27.31 -16.34 12.21
N ASP A 107 -28.22 -16.14 11.25
CA ASP A 107 -28.10 -16.70 9.91
C ASP A 107 -28.22 -15.62 8.86
N SER A 108 -27.87 -14.39 9.22
CA SER A 108 -27.91 -13.26 8.31
C SER A 108 -26.73 -13.32 7.35
N ILE A 109 -26.98 -12.92 6.11
CA ILE A 109 -25.97 -12.90 5.07
C ILE A 109 -25.31 -11.52 5.06
N LEU A 110 -24.16 -11.43 4.41
CA LEU A 110 -23.38 -10.19 4.39
C LEU A 110 -24.10 -9.09 3.63
N GLY A 111 -25.16 -9.44 2.91
CA GLY A 111 -25.92 -8.47 2.16
C GLY A 111 -27.00 -7.79 2.99
N ASP A 112 -27.12 -8.19 4.25
CA ASP A 112 -28.09 -7.60 5.17
C ASP A 112 -27.49 -6.46 5.97
N LEU A 113 -26.24 -6.09 5.72
CA LEU A 113 -25.61 -4.99 6.42
C LEU A 113 -26.22 -3.66 5.97
N LYS A 114 -26.20 -2.68 6.88
CA LYS A 114 -26.74 -1.36 6.62
C LYS A 114 -25.68 -0.38 6.13
N CYS A 115 -24.42 -0.79 6.12
CA CYS A 115 -23.34 0.08 5.70
C CYS A 115 -22.35 -0.74 4.88
N PRO A 116 -21.87 -0.22 3.75
CA PRO A 116 -20.87 -0.96 2.98
C PRO A 116 -19.62 -1.20 3.81
N VAL A 117 -19.12 -2.42 3.78
CA VAL A 117 -17.92 -2.79 4.50
C VAL A 117 -16.96 -3.49 3.56
N VAL A 118 -15.68 -3.41 3.90
CA VAL A 118 -14.63 -4.13 3.19
C VAL A 118 -13.83 -4.86 4.25
N ILE A 119 -13.82 -6.18 4.18
CA ILE A 119 -13.08 -6.99 5.15
C ILE A 119 -11.95 -7.71 4.43
N PRO A 120 -10.73 -7.20 4.50
CA PRO A 120 -9.60 -7.91 3.90
C PRO A 120 -9.24 -9.17 4.68
N THR A 121 -8.65 -10.12 3.96
CA THR A 121 -8.35 -11.45 4.47
C THR A 121 -7.43 -12.12 3.44
N ILE A 122 -6.78 -13.22 3.83
CA ILE A 122 -5.90 -13.93 2.92
C ILE A 122 -6.47 -15.31 2.64
N ASP A 123 -6.56 -15.67 1.36
CA ASP A 123 -6.88 -17.01 0.92
C ASP A 123 -5.64 -17.87 1.10
N PHE A 124 -5.66 -18.72 2.13
CA PHE A 124 -4.53 -19.62 2.39
C PHE A 124 -4.36 -20.65 1.29
N THR A 125 -5.45 -21.12 0.71
CA THR A 125 -5.40 -22.10 -0.37
C THR A 125 -4.58 -21.56 -1.54
N ARG A 126 -5.02 -20.48 -2.16
CA ARG A 126 -4.21 -19.83 -3.18
C ARG A 126 -3.08 -19.00 -2.58
N GLY A 127 -3.20 -18.62 -1.31
CA GLY A 127 -2.24 -17.72 -0.70
C GLY A 127 -2.24 -16.35 -1.33
N SER A 128 -3.43 -15.75 -1.46
CA SER A 128 -3.54 -14.48 -2.16
C SER A 128 -4.50 -13.58 -1.42
N PRO A 129 -4.37 -12.26 -1.57
CA PRO A 129 -5.30 -11.35 -0.89
C PRO A 129 -6.73 -11.55 -1.39
N VAL A 130 -7.68 -11.37 -0.48
CA VAL A 130 -9.11 -11.43 -0.77
C VAL A 130 -9.77 -10.33 0.05
N THR A 131 -10.81 -9.71 -0.49
CA THR A 131 -11.61 -8.76 0.26
C THR A 131 -13.06 -9.18 0.18
N LEU A 132 -13.71 -9.31 1.34
CA LEU A 132 -15.13 -9.62 1.41
C LEU A 132 -15.90 -8.32 1.47
N LYS A 133 -16.70 -8.03 0.47
CA LYS A 133 -17.32 -6.70 0.42
C LYS A 133 -18.82 -6.86 0.27
N THR A 134 -19.58 -5.87 0.77
CA THR A 134 -21.04 -5.88 0.53
C THR A 134 -21.27 -5.44 -0.92
N PRO A 135 -22.43 -5.74 -1.54
CA PRO A 135 -22.64 -5.40 -2.95
C PRO A 135 -22.85 -3.89 -3.12
N HIS A 136 -21.77 -3.11 -2.97
CA HIS A 136 -21.88 -1.63 -3.06
C HIS A 136 -21.36 -1.13 -4.41
N ASN A 137 -21.05 -2.05 -5.33
CA ASN A 137 -20.64 -1.62 -6.68
C ASN A 137 -21.26 -2.61 -7.65
N PRO A 138 -21.61 -2.25 -8.91
CA PRO A 138 -22.23 -3.23 -9.79
C PRO A 138 -21.36 -4.49 -10.01
N ASN A 139 -20.06 -4.41 -9.69
CA ASN A 139 -19.16 -5.55 -9.94
C ASN A 139 -19.02 -6.50 -8.77
N LEU A 140 -19.66 -6.25 -7.65
CA LEU A 140 -19.59 -7.08 -6.45
C LEU A 140 -20.85 -7.93 -6.38
N LYS A 141 -20.71 -9.24 -6.63
CA LYS A 141 -21.89 -10.09 -6.77
C LYS A 141 -21.76 -11.47 -6.12
N ARG A 142 -20.74 -11.70 -5.30
CA ARG A 142 -20.57 -13.06 -4.78
C ARG A 142 -20.29 -13.12 -3.28
N ASP A 143 -20.07 -11.97 -2.65
CA ASP A 143 -19.70 -12.00 -1.21
C ASP A 143 -20.86 -11.56 -0.37
N TRP A 144 -21.97 -11.16 -0.97
CA TRP A 144 -23.13 -10.82 -0.18
C TRP A 144 -23.92 -12.04 0.24
N LYS A 145 -23.54 -13.23 -0.22
CA LYS A 145 -24.23 -14.46 0.10
C LYS A 145 -23.64 -15.18 1.30
N LEU A 146 -22.54 -14.70 1.85
CA LEU A 146 -21.84 -15.42 2.90
C LEU A 146 -22.46 -15.12 4.26
N LYS A 147 -22.27 -16.06 5.19
CA LYS A 147 -22.65 -15.86 6.58
C LYS A 147 -21.78 -14.77 7.19
N ILE A 148 -22.40 -13.84 7.91
CA ILE A 148 -21.62 -12.87 8.66
C ILE A 148 -20.80 -13.57 9.72
N VAL A 149 -21.32 -14.65 10.28
CA VAL A 149 -20.58 -15.45 11.25
C VAL A 149 -19.30 -16.02 10.64
N ASP A 150 -19.38 -16.57 9.43
CA ASP A 150 -18.20 -17.11 8.75
C ASP A 150 -17.22 -16.01 8.34
N VAL A 151 -17.70 -14.86 7.89
CA VAL A 151 -16.81 -13.73 7.61
C VAL A 151 -16.07 -13.30 8.87
N ALA A 152 -16.78 -13.17 9.99
CA ALA A 152 -16.17 -12.82 11.26
C ALA A 152 -15.16 -13.85 11.75
N LEU A 153 -15.46 -15.13 11.57
CA LEU A 153 -14.52 -16.19 11.93
C LEU A 153 -13.33 -16.28 10.99
N ALA A 154 -13.47 -15.79 9.76
CA ALA A 154 -12.37 -15.81 8.80
C ALA A 154 -11.43 -14.63 9.00
N THR A 155 -11.97 -13.43 9.20
CA THR A 155 -11.13 -12.26 9.37
C THR A 155 -10.30 -12.36 10.64
N SER A 156 -10.89 -12.87 11.72
CA SER A 156 -10.18 -13.04 12.99
C SER A 156 -9.76 -14.49 13.13
N ALA A 157 -8.84 -14.91 12.25
CA ALA A 157 -8.30 -16.26 12.31
C ALA A 157 -6.85 -16.28 11.85
N ALA A 158 -5.93 -16.18 12.80
CA ALA A 158 -4.51 -16.16 12.45
C ALA A 158 -3.84 -17.45 12.89
N PRO A 159 -2.77 -17.86 12.21
CA PRO A 159 -1.99 -19.00 12.69
C PRO A 159 -1.44 -18.73 14.07
N THR A 160 -1.34 -19.80 14.87
CA THR A 160 -0.98 -19.74 16.29
C THR A 160 -2.02 -19.02 17.14
N TYR A 161 -3.11 -18.57 16.53
CA TYR A 161 -4.22 -17.99 17.28
C TYR A 161 -5.49 -18.81 17.09
N PHE A 162 -5.89 -19.05 15.84
CA PHE A 162 -7.13 -19.75 15.57
C PHE A 162 -6.91 -20.70 14.39
N PRO A 163 -7.66 -21.80 14.33
CA PRO A 163 -7.65 -22.62 13.11
C PRO A 163 -8.20 -21.85 11.93
N ARG A 164 -7.68 -22.15 10.74
CA ARG A 164 -8.13 -21.47 9.54
C ARG A 164 -9.59 -21.83 9.25
N HIS A 165 -10.40 -20.82 8.93
CA HIS A 165 -11.83 -21.04 8.76
C HIS A 165 -12.16 -21.30 7.31
N PRO A 166 -12.70 -22.47 6.98
CA PRO A 166 -13.19 -22.80 5.61
C PRO A 166 -14.61 -22.29 5.33
N ILE A 167 -14.70 -21.04 4.88
CA ILE A 167 -16.01 -20.47 4.55
C ILE A 167 -16.73 -21.33 3.53
N GLY A 168 -16.05 -21.67 2.45
CA GLY A 168 -16.58 -22.58 1.45
C GLY A 168 -15.55 -23.62 1.08
N PRO A 169 -15.26 -23.74 -0.21
CA PRO A 169 -14.17 -24.62 -0.66
C PRO A 169 -12.78 -24.11 -0.35
N ASN A 170 -12.64 -22.88 0.16
CA ASN A 170 -11.36 -22.25 0.39
C ASN A 170 -11.16 -22.02 1.88
N GLU A 171 -9.91 -22.08 2.32
CA GLU A 171 -9.54 -21.77 3.70
C GLU A 171 -8.97 -20.36 3.75
N TYR A 172 -9.41 -19.57 4.73
CA TYR A 172 -9.01 -18.17 4.87
C TYR A 172 -8.29 -17.96 6.20
N VAL A 173 -7.30 -17.09 6.21
CA VAL A 173 -6.59 -16.74 7.43
C VAL A 173 -6.87 -15.28 7.76
N ALA A 174 -6.29 -14.79 8.85
CA ALA A 174 -6.59 -13.44 9.32
C ALA A 174 -6.16 -12.40 8.31
N GLY A 175 -6.94 -11.33 8.20
CA GLY A 175 -6.63 -10.24 7.28
C GLY A 175 -5.56 -9.29 7.74
N GLY A 176 -5.32 -9.20 9.05
CA GLY A 176 -4.29 -8.32 9.56
C GLY A 176 -2.89 -8.72 9.13
N LEU A 177 -2.71 -9.95 8.66
CA LEU A 177 -1.41 -10.41 8.24
C LEU A 177 -0.89 -9.60 7.05
N PHE A 178 -1.76 -9.28 6.09
CA PHE A 178 -1.35 -8.49 4.94
C PHE A 178 -1.86 -7.05 5.02
N ALA A 179 -3.16 -6.86 5.18
CA ALA A 179 -3.74 -5.52 5.17
C ALA A 179 -3.88 -5.01 6.61
N ASN A 180 -2.72 -4.89 7.26
CA ASN A 180 -2.73 -4.57 8.69
C ASN A 180 -3.32 -3.18 8.95
N ASP A 181 -3.33 -2.33 7.92
CA ASP A 181 -3.97 -1.02 8.04
C ASP A 181 -5.25 -1.01 7.21
N PRO A 182 -6.42 -0.90 7.82
CA PRO A 182 -7.66 -0.89 7.04
C PRO A 182 -8.05 0.51 6.58
N SER A 183 -7.16 1.48 6.75
CA SER A 183 -7.41 2.83 6.25
C SER A 183 -6.88 3.03 4.84
N LEU A 184 -5.90 2.24 4.40
CA LEU A 184 -5.53 2.23 2.98
C LEU A 184 -6.57 1.53 2.13
N ILE A 185 -7.17 0.46 2.65
CA ILE A 185 -8.29 -0.18 1.97
C ILE A 185 -9.48 0.76 1.82
N GLY A 186 -9.83 1.53 2.84
CA GLY A 186 -10.92 2.46 2.73
C GLY A 186 -10.67 3.52 1.68
N LEU A 187 -9.48 4.13 1.72
CA LEU A 187 -9.12 5.12 0.72
C LEU A 187 -9.10 4.56 -0.69
N HIS A 188 -8.51 3.38 -0.88
CA HIS A 188 -8.48 2.76 -2.19
C HIS A 188 -9.88 2.44 -2.69
N GLU A 189 -10.75 1.88 -1.85
CA GLU A 189 -12.12 1.51 -2.27
C GLU A 189 -12.87 2.78 -2.61
N ALA A 190 -12.73 3.85 -1.85
CA ALA A 190 -13.32 5.10 -2.26
C ALA A 190 -12.70 5.66 -3.53
N ASP A 191 -11.57 5.14 -3.95
CA ASP A 191 -10.89 5.69 -5.15
C ASP A 191 -11.19 4.84 -6.39
N TYR A 192 -11.29 3.53 -6.25
CA TYR A 192 -11.47 2.65 -7.43
C TYR A 192 -12.89 2.08 -7.54
N MET A 193 -13.62 1.96 -6.45
CA MET A 193 -15.00 1.48 -6.53
C MET A 193 -15.99 2.62 -6.53
N PHE A 194 -15.79 3.60 -5.66
CA PHE A 194 -16.73 4.70 -5.54
C PHE A 194 -16.44 5.89 -6.45
N LYS A 195 -15.33 5.83 -7.20
CA LYS A 195 -14.96 6.92 -8.11
C LYS A 195 -15.06 8.26 -7.42
N LYS A 196 -14.59 8.32 -6.17
CA LYS A 196 -14.66 9.54 -5.39
C LYS A 196 -13.36 10.32 -5.55
N ASN A 197 -13.49 11.63 -5.70
CA ASN A 197 -12.33 12.51 -5.63
C ASN A 197 -11.78 12.49 -4.22
N ILE A 198 -10.44 12.46 -4.12
CA ILE A 198 -9.79 12.30 -2.83
C ILE A 198 -10.05 13.47 -1.91
N GLN A 199 -10.41 14.63 -2.45
CA GLN A 199 -10.71 15.78 -1.59
C GLN A 199 -12.01 15.57 -0.82
N ASP A 200 -12.88 14.68 -1.31
CA ASP A 200 -14.16 14.41 -0.68
C ASP A 200 -14.11 13.25 0.29
N VAL A 201 -12.95 12.64 0.49
CA VAL A 201 -12.81 11.46 1.33
C VAL A 201 -12.34 11.90 2.71
N HIS A 202 -13.07 11.50 3.74
CA HIS A 202 -12.71 11.77 5.12
C HIS A 202 -12.60 10.43 5.85
N ILE A 203 -11.40 10.11 6.32
CA ILE A 203 -11.12 8.83 6.96
C ILE A 203 -10.96 9.06 8.45
N LEU A 204 -11.68 8.27 9.24
CA LEU A 204 -11.54 8.25 10.69
C LEU A 204 -11.10 6.86 11.10
N SER A 205 -9.84 6.74 11.52
CA SER A 205 -9.24 5.44 11.79
C SER A 205 -9.09 5.25 13.29
N ILE A 206 -9.98 4.46 13.87
CA ILE A 206 -9.91 4.14 15.28
C ILE A 206 -9.08 2.87 15.44
N GLY A 207 -7.76 3.03 15.50
CA GLY A 207 -6.88 1.90 15.65
C GLY A 207 -6.23 1.87 17.02
N THR A 208 -5.36 0.88 17.20
CA THR A 208 -4.64 0.71 18.46
C THR A 208 -3.29 0.06 18.17
N LEU A 209 -2.37 0.22 19.11
CA LEU A 209 -1.02 -0.31 19.00
C LEU A 209 -0.99 -1.74 19.55
N SER A 210 -0.29 -2.62 18.84
CA SER A 210 -0.18 -4.00 19.27
C SER A 210 0.76 -4.12 20.46
N SER A 211 0.56 -5.17 21.25
CA SER A 211 1.38 -5.42 22.42
C SER A 211 2.43 -6.49 22.14
N ALA A 236 14.02 -16.15 17.07
CA ALA A 236 14.32 -14.98 16.25
C ALA A 236 13.29 -14.81 15.15
N ALA A 237 12.76 -15.93 14.64
CA ALA A 237 11.77 -15.92 13.57
C ALA A 237 10.49 -15.17 13.96
N PRO A 238 9.88 -15.44 15.13
CA PRO A 238 8.69 -14.65 15.49
C PRO A 238 8.98 -13.17 15.61
N ASN A 239 10.18 -12.81 16.07
CA ASN A 239 10.57 -11.40 16.12
C ASN A 239 10.57 -10.81 14.71
N ILE A 240 11.09 -11.56 13.74
CA ILE A 240 11.11 -11.09 12.36
C ILE A 240 9.70 -10.93 11.82
N ILE A 241 8.82 -11.89 12.13
CA ILE A 241 7.43 -11.79 11.67
C ILE A 241 6.76 -10.56 12.24
N ASP A 242 6.92 -10.32 13.54
CA ASP A 242 6.35 -9.13 14.17
C ASP A 242 6.92 -7.84 13.57
N LEU A 243 8.23 -7.81 13.31
CA LEU A 243 8.86 -6.64 12.71
C LEU A 243 8.28 -6.38 11.32
N VAL A 244 8.12 -7.43 10.52
CA VAL A 244 7.58 -7.27 9.18
C VAL A 244 6.15 -6.77 9.24
N LEU A 245 5.34 -7.33 10.13
CA LEU A 245 3.95 -6.91 10.24
C LEU A 245 3.84 -5.44 10.67
N SER A 246 4.64 -5.04 11.66
CA SER A 246 4.62 -3.65 12.09
C SER A 246 5.09 -2.71 10.99
N SER A 247 6.17 -3.08 10.29
CA SER A 247 6.66 -2.27 9.19
C SER A 247 5.63 -2.13 8.08
N GLN A 248 4.91 -3.20 7.78
CA GLN A 248 3.89 -3.15 6.73
C GLN A 248 2.66 -2.36 7.13
N GLN A 249 2.28 -2.37 8.41
CA GLN A 249 1.25 -1.45 8.86
C GLN A 249 1.68 0.00 8.78
N GLN A 250 2.90 0.33 9.23
CA GLN A 250 3.38 1.70 9.16
C GLN A 250 3.55 2.21 7.74
N PHE A 251 4.03 1.37 6.82
CA PHE A 251 4.20 1.78 5.43
C PHE A 251 2.88 2.22 4.82
N MET A 252 1.84 1.40 4.98
CA MET A 252 0.53 1.74 4.43
C MET A 252 -0.11 2.92 5.15
N GLU A 253 0.05 3.01 6.47
CA GLU A 253 -0.43 4.18 7.20
C GLU A 253 0.21 5.47 6.72
N GLN A 254 1.52 5.44 6.48
CA GLN A 254 2.19 6.65 6.02
C GLN A 254 1.78 6.98 4.59
N MET A 255 1.51 5.96 3.77
CA MET A 255 0.99 6.25 2.44
C MET A 255 -0.36 6.95 2.51
N VAL A 256 -1.25 6.48 3.39
CA VAL A 256 -2.53 7.16 3.56
C VAL A 256 -2.33 8.58 4.06
N LYS A 257 -1.45 8.77 5.04
CA LYS A 257 -1.18 10.11 5.54
C LYS A 257 -0.62 11.04 4.49
N HIS A 258 0.25 10.55 3.61
CA HIS A 258 0.79 11.33 2.51
C HIS A 258 -0.25 11.70 1.47
N ARG A 259 -1.14 10.78 1.12
CA ARG A 259 -2.14 11.11 0.12
C ARG A 259 -3.17 12.09 0.63
N MET A 260 -3.27 12.28 1.94
CA MET A 260 -4.29 13.13 2.55
C MET A 260 -3.68 14.36 3.23
N GLU A 261 -2.43 14.68 2.91
CA GLU A 261 -1.82 15.89 3.44
C GLU A 261 -2.30 17.15 2.72
N PRO A 262 -2.52 17.15 1.40
CA PRO A 262 -3.03 18.37 0.75
C PRO A 262 -4.37 18.81 1.26
N PHE A 263 -5.12 17.93 1.93
CA PHE A 263 -6.43 18.27 2.47
C PHE A 263 -6.38 18.18 3.99
N PRO A 264 -6.40 19.30 4.70
CA PRO A 264 -6.14 19.28 6.15
C PRO A 264 -7.25 18.56 6.91
N ASN A 265 -6.84 17.76 7.88
CA ASN A 265 -7.74 17.13 8.85
C ASN A 265 -8.73 16.17 8.20
N GLN A 266 -8.43 15.70 6.98
CA GLN A 266 -9.29 14.73 6.32
C GLN A 266 -8.90 13.30 6.60
N PHE A 267 -7.82 13.07 7.35
CA PHE A 267 -7.48 11.75 7.86
C PHE A 267 -7.05 11.93 9.30
N TYR A 268 -7.88 11.49 10.23
CA TYR A 268 -7.58 11.57 11.65
C TYR A 268 -7.62 10.18 12.26
N LYS A 269 -6.57 9.81 12.96
CA LYS A 269 -6.47 8.49 13.58
C LYS A 269 -6.64 8.64 15.08
N ILE A 270 -7.65 7.97 15.63
CA ILE A 270 -7.88 7.95 17.08
C ILE A 270 -7.05 6.81 17.66
N ASP A 271 -5.79 7.11 17.99
CA ASP A 271 -4.90 6.12 18.56
C ASP A 271 -4.63 6.45 20.02
N GLU A 272 -4.30 5.40 20.78
CA GLU A 272 -3.91 5.57 22.18
C GLU A 272 -2.46 6.04 22.28
N GLN A 273 -2.19 7.20 21.69
CA GLN A 273 -0.89 7.87 21.85
C GLN A 273 -0.66 8.37 23.26
N ILE A 274 -1.59 8.08 24.18
CA ILE A 274 -1.44 8.50 25.57
C ILE A 274 -0.94 7.35 26.43
N VAL A 275 -1.14 6.11 26.01
CA VAL A 275 -0.62 4.96 26.75
C VAL A 275 0.89 4.88 26.60
N GLN A 276 1.42 5.32 25.45
CA GLN A 276 2.86 5.43 25.31
C GLN A 276 3.42 6.59 26.12
N ALA A 277 2.58 7.57 26.44
CA ALA A 277 2.93 8.64 27.36
C ALA A 277 2.42 8.37 28.77
N SER A 278 1.85 7.20 29.01
CA SER A 278 1.32 6.85 30.33
C SER A 278 2.45 6.51 31.29
N ALA A 279 2.69 7.38 32.27
CA ALA A 279 3.71 7.16 33.29
C ALA A 279 3.41 5.95 34.16
N GLN A 280 2.17 5.48 34.17
CA GLN A 280 1.80 4.31 34.96
C GLN A 280 1.21 3.22 34.06
N SER A 288 -6.91 -9.48 34.84
CA SER A 288 -6.73 -8.47 33.80
C SER A 288 -7.74 -7.34 33.95
N ASP A 289 -8.36 -7.25 35.14
CA ASP A 289 -9.30 -6.16 35.41
C ASP A 289 -8.60 -4.80 35.40
N ALA A 290 -7.36 -4.74 35.91
CA ALA A 290 -6.60 -3.50 35.83
C ALA A 290 -6.36 -3.10 34.38
N ALA A 291 -6.00 -4.06 33.53
CA ALA A 291 -5.81 -3.78 32.12
C ALA A 291 -7.10 -3.33 31.47
N LYS A 292 -8.24 -3.89 31.90
CA LYS A 292 -9.52 -3.39 31.42
C LYS A 292 -9.69 -1.93 31.79
N GLN A 293 -9.30 -1.57 33.02
CA GLN A 293 -9.39 -0.17 33.44
C GLN A 293 -8.55 0.74 32.56
N VAL A 294 -7.29 0.36 32.31
CA VAL A 294 -6.44 1.21 31.47
C VAL A 294 -6.99 1.33 30.06
N LEU A 295 -7.43 0.21 29.48
CA LEU A 295 -7.94 0.24 28.11
C LEU A 295 -9.19 1.10 28.00
N GLU A 296 -10.13 0.89 28.93
CA GLU A 296 -11.39 1.68 28.95
C GLU A 296 -11.06 3.17 29.10
N GLY A 297 -10.25 3.51 30.11
CA GLY A 297 -9.93 4.90 30.38
C GLY A 297 -9.23 5.56 29.21
N ASN A 298 -8.30 4.84 28.58
CA ASN A 298 -7.64 5.35 27.40
C ASN A 298 -8.62 5.59 26.26
N GLY A 299 -9.55 4.66 26.06
CA GLY A 299 -10.56 4.86 25.04
C GLY A 299 -11.41 6.07 25.30
N ILE A 300 -11.86 6.24 26.54
CA ILE A 300 -12.69 7.39 26.90
C ILE A 300 -11.93 8.69 26.70
N GLN A 301 -10.66 8.73 27.11
CA GLN A 301 -9.87 9.94 26.95
C GLN A 301 -9.60 10.26 25.49
N SER A 302 -9.27 9.25 24.68
CA SER A 302 -9.04 9.48 23.26
C SER A 302 -10.31 9.96 22.56
N ALA A 303 -11.46 9.39 22.90
CA ALA A 303 -12.71 9.85 22.32
C ALA A 303 -13.04 11.26 22.77
N LYS A 304 -12.74 11.60 24.03
CA LYS A 304 -12.93 12.97 24.50
C LYS A 304 -12.07 13.94 23.70
N VAL A 305 -10.80 13.58 23.49
CA VAL A 305 -9.91 14.42 22.68
C VAL A 305 -10.43 14.57 21.26
N ALA A 306 -10.89 13.48 20.64
CA ALA A 306 -11.43 13.54 19.29
C ALA A 306 -12.68 14.40 19.18
N LEU A 307 -13.61 14.29 20.13
CA LEU A 307 -14.83 15.08 20.09
C LEU A 307 -14.58 16.57 20.32
N GLY A 308 -13.41 16.94 20.80
CA GLY A 308 -13.08 18.34 20.95
C GLY A 308 -12.70 19.03 19.66
N LYS A 309 -12.55 18.28 18.57
CA LYS A 309 -12.18 18.83 17.27
C LYS A 309 -13.42 18.91 16.41
N ASP A 310 -13.69 20.11 15.87
CA ASP A 310 -14.95 20.35 15.18
C ASP A 310 -15.09 19.47 13.93
N PHE A 311 -13.97 19.18 13.26
CA PHE A 311 -14.06 18.36 12.06
C PHE A 311 -14.44 16.92 12.38
N ILE A 312 -14.12 16.42 13.57
CA ILE A 312 -14.61 15.12 13.98
C ILE A 312 -16.09 15.18 14.31
N ARG A 313 -16.52 16.25 14.98
CA ARG A 313 -17.93 16.42 15.30
C ARG A 313 -18.77 16.62 14.05
N ASN A 314 -18.16 17.03 12.93
CA ASN A 314 -18.90 17.23 11.70
C ASN A 314 -19.16 15.94 10.94
N TYR A 315 -18.60 14.81 11.38
CA TYR A 315 -18.94 13.53 10.80
C TYR A 315 -20.36 13.11 11.14
N PHE A 316 -20.90 13.60 12.26
CA PHE A 316 -22.15 13.10 12.81
C PHE A 316 -23.30 14.09 12.73
N ASN A 317 -23.06 15.32 12.29
CA ASN A 317 -24.10 16.34 12.24
C ASN A 317 -24.70 16.50 10.84
N GLN A 318 -24.65 15.42 10.05
CA GLN A 318 -25.05 15.54 8.62
C GLN A 318 -26.35 14.78 8.37
N PRO A 319 -27.00 14.92 7.21
CA PRO A 319 -28.20 14.15 6.97
C PRO A 319 -27.83 12.68 6.80
N SER A 320 -28.76 11.76 7.07
CA SER A 320 -28.43 10.31 7.03
C SER A 320 -27.92 9.93 5.65
N ARG A 321 -27.04 8.93 5.60
CA ARG A 321 -26.42 8.55 4.31
C ARG A 321 -27.39 7.63 3.60
N LYS A 322 -27.64 7.87 2.32
CA LYS A 322 -28.48 7.01 1.51
C LYS A 322 -27.60 6.02 0.76
N ARG A 323 -27.92 4.73 0.89
CA ARG A 323 -27.10 3.67 0.34
C ARG A 323 -27.57 3.30 -1.06
N GLU A 324 -26.64 2.77 -1.85
CA GLU A 324 -26.95 2.26 -3.19
C GLU A 324 -26.45 0.81 -3.25
N TRP A 325 -27.37 -0.13 -3.06
CA TRP A 325 -27.04 -1.55 -3.12
C TRP A 325 -27.37 -2.06 -4.51
N PHE A 326 -26.41 -2.74 -5.11
CA PHE A 326 -26.57 -3.15 -6.52
C PHE A 326 -26.83 -4.64 -6.61
N ASP A 327 -27.02 -5.30 -5.47
CA ASP A 327 -27.38 -6.74 -5.49
C ASP A 327 -27.68 -7.16 -4.08
N GLY A 328 -28.35 -8.27 -3.90
CA GLY A 328 -28.57 -8.78 -2.55
C GLY A 328 -29.97 -8.48 -2.08
N PRO A 329 -30.32 -8.80 -0.83
CA PRO A 329 -31.68 -8.62 -0.39
C PRO A 329 -32.15 -7.17 -0.44
N GLN A 330 -31.23 -6.21 -0.44
CA GLN A 330 -31.63 -4.78 -0.34
C GLN A 330 -31.36 -4.03 -1.64
N LYS A 331 -31.20 -4.72 -2.77
CA LYS A 331 -30.82 -4.01 -4.01
C LYS A 331 -31.77 -2.83 -4.24
N ASN A 332 -31.24 -1.60 -4.21
CA ASN A 332 -32.07 -0.39 -4.45
C ASN A 332 -31.89 0.07 -5.88
N VAL A 333 -30.69 -0.13 -6.44
CA VAL A 333 -30.37 0.36 -7.81
C VAL A 333 -30.76 -0.71 -8.83
N MET B 1 2.64 19.34 -19.52
CA MET B 1 2.31 17.93 -19.36
C MET B 1 3.21 17.02 -20.19
N GLU B 2 4.30 16.54 -19.60
CA GLU B 2 5.11 15.52 -20.25
C GLU B 2 5.17 14.31 -19.34
N LYS B 3 5.35 13.14 -19.93
CA LYS B 3 5.13 11.88 -19.24
C LYS B 3 6.20 11.67 -18.16
N PHE B 4 5.76 11.33 -16.96
CA PHE B 4 6.66 11.00 -15.86
C PHE B 4 6.81 9.49 -15.83
N GLN B 5 7.97 8.99 -16.23
CA GLN B 5 8.20 7.56 -16.41
C GLN B 5 8.99 7.00 -15.24
N ILE B 6 8.53 5.87 -14.71
CA ILE B 6 9.13 5.22 -13.56
C ILE B 6 9.54 3.81 -13.95
N LEU B 7 10.72 3.41 -13.47
CA LEU B 7 11.23 2.05 -13.66
C LEU B 7 11.28 1.36 -12.31
N ALA B 8 10.42 0.37 -12.12
CA ALA B 8 10.27 -0.30 -10.83
C ALA B 8 10.88 -1.70 -10.92
N LEU B 9 12.17 -1.79 -10.60
CA LEU B 9 12.89 -3.08 -10.72
C LEU B 9 12.59 -3.97 -9.51
N SER B 10 12.02 -5.15 -9.75
CA SER B 10 11.77 -6.11 -8.64
C SER B 10 12.53 -7.40 -8.94
N GLY B 11 13.48 -7.78 -8.05
CA GLY B 11 14.29 -8.98 -8.29
C GLY B 11 14.74 -9.62 -6.99
N GLY B 12 14.28 -10.85 -6.73
CA GLY B 12 14.70 -11.56 -5.53
C GLY B 12 15.72 -12.63 -5.83
N GLY B 13 16.90 -12.44 -5.28
CA GLY B 13 17.90 -13.49 -5.41
C GLY B 13 18.35 -13.79 -6.81
N TYR B 14 18.57 -15.06 -7.10
CA TYR B 14 19.17 -15.44 -8.42
C TYR B 14 18.26 -15.15 -9.57
N ARG B 15 16.96 -15.23 -9.39
CA ARG B 15 16.08 -14.85 -10.51
C ARG B 15 16.17 -13.33 -10.48
N GLY B 16 17.37 -12.75 -10.54
CA GLY B 16 17.58 -11.33 -10.82
C GLY B 16 18.17 -11.29 -12.19
N LEU B 17 18.89 -12.32 -12.54
CA LEU B 17 19.36 -12.48 -13.90
C LEU B 17 18.27 -12.23 -14.94
N PHE B 18 17.00 -12.49 -14.59
CA PHE B 18 15.90 -12.11 -15.47
C PHE B 18 15.82 -10.59 -15.60
N THR B 19 15.85 -9.89 -14.47
CA THR B 19 15.77 -8.43 -14.47
C THR B 19 16.95 -7.80 -15.19
N ALA B 20 18.08 -8.47 -15.25
CA ALA B 20 19.24 -7.91 -15.97
C ALA B 20 19.16 -8.17 -17.46
N THR B 21 18.67 -9.33 -17.89
CA THR B 21 18.49 -9.59 -19.34
C THR B 21 17.42 -8.64 -19.91
N VAL B 22 16.30 -8.45 -19.22
CA VAL B 22 15.22 -7.58 -19.74
C VAL B 22 15.75 -6.17 -19.87
N LEU B 23 16.65 -5.76 -18.96
CA LEU B 23 17.15 -4.35 -18.96
C LEU B 23 18.14 -4.16 -20.12
N LYS B 24 19.05 -5.13 -20.30
CA LYS B 24 20.07 -5.02 -21.38
C LYS B 24 19.35 -4.89 -22.72
N GLU B 25 18.29 -5.67 -22.93
CA GLU B 25 17.50 -5.59 -24.19
C GLU B 25 16.84 -4.22 -24.29
N LEU B 26 16.29 -3.73 -23.17
CA LEU B 26 15.58 -2.42 -23.19
C LEU B 26 16.61 -1.31 -23.31
N GLU B 27 17.83 -1.49 -22.84
CA GLU B 27 18.87 -0.45 -23.08
C GLU B 27 19.19 -0.40 -24.56
N GLN B 28 19.32 -1.55 -25.23
CA GLN B 28 19.55 -1.49 -26.69
C GLN B 28 18.61 -0.45 -27.28
N GLU B 29 17.30 -0.65 -27.24
CA GLU B 29 16.39 0.36 -27.75
C GLU B 29 16.79 1.74 -27.25
N ALA B 30 17.18 1.85 -25.98
CA ALA B 30 17.54 3.14 -25.41
C ALA B 30 18.69 3.78 -26.18
N LYS B 31 19.73 3.00 -26.47
CA LYS B 31 20.86 3.52 -27.24
C LYS B 31 20.50 3.76 -28.71
N GLU B 32 19.73 2.83 -29.31
CA GLU B 32 19.33 3.01 -30.70
C GLU B 32 18.52 4.28 -30.90
N ASN B 33 17.83 4.75 -29.87
CA ASN B 33 17.11 6.00 -29.93
C ASN B 33 17.97 7.20 -29.53
N GLY B 34 19.23 6.98 -29.20
CA GLY B 34 20.17 8.05 -28.98
C GLY B 34 20.43 8.47 -27.54
N HIS B 35 20.21 7.59 -26.57
CA HIS B 35 20.47 7.91 -25.18
C HIS B 35 21.78 7.29 -24.72
N ASP B 36 22.37 7.87 -23.68
CA ASP B 36 23.60 7.38 -23.12
C ASP B 36 23.43 6.09 -22.33
N SER B 37 22.36 5.99 -21.55
CA SER B 37 22.07 4.79 -20.78
C SER B 37 20.55 4.67 -20.65
N ILE B 38 20.12 3.60 -19.99
CA ILE B 38 18.69 3.34 -19.82
C ILE B 38 18.18 4.20 -18.67
N ALA B 39 19.08 4.89 -17.98
CA ALA B 39 18.71 5.78 -16.89
C ALA B 39 18.36 7.19 -17.36
N ASP B 40 18.52 7.48 -18.66
CA ASP B 40 18.16 8.77 -19.20
C ASP B 40 16.74 8.81 -19.73
N CYS B 41 16.02 7.68 -19.68
CA CYS B 41 14.66 7.60 -20.17
C CYS B 41 13.63 7.60 -19.05
N PHE B 42 14.06 7.62 -17.80
CA PHE B 42 13.17 7.46 -16.66
C PHE B 42 13.36 8.60 -15.70
N ASP B 43 12.29 8.96 -14.99
CA ASP B 43 12.34 10.08 -14.04
C ASP B 43 12.37 9.54 -12.62
N LEU B 44 12.33 8.25 -12.41
CA LEU B 44 12.46 7.67 -11.08
C LEU B 44 12.71 6.18 -11.23
N ILE B 45 13.54 5.65 -10.34
CA ILE B 45 13.90 4.24 -10.35
C ILE B 45 13.73 3.72 -8.92
N THR B 46 12.86 2.75 -8.78
CA THR B 46 12.59 2.21 -7.45
C THR B 46 13.10 0.79 -7.50
N GLY B 47 13.50 0.23 -6.38
CA GLY B 47 13.93 -1.15 -6.36
C GLY B 47 13.89 -1.72 -4.98
N THR B 48 13.76 -3.02 -4.86
CA THR B 48 13.82 -3.65 -3.53
C THR B 48 14.62 -4.93 -3.65
N SER B 49 15.46 -5.21 -2.64
CA SER B 49 16.31 -6.42 -2.61
C SER B 49 17.42 -6.34 -3.63
N VAL B 50 17.59 -7.40 -4.42
CA VAL B 50 18.58 -7.39 -5.47
C VAL B 50 18.22 -6.30 -6.46
N GLY B 51 16.92 -6.14 -6.69
CA GLY B 51 16.46 -5.12 -7.64
C GLY B 51 16.95 -3.76 -7.23
N GLY B 52 17.38 -3.59 -5.99
CA GLY B 52 17.95 -2.32 -5.55
C GLY B 52 19.42 -2.23 -5.92
N ILE B 53 20.16 -3.33 -5.89
CA ILE B 53 21.57 -3.30 -6.35
C ILE B 53 21.55 -3.08 -7.86
N VAL B 54 20.51 -3.51 -8.57
CA VAL B 54 20.41 -3.22 -9.99
C VAL B 54 19.92 -1.81 -10.26
N ALA B 55 18.97 -1.31 -9.46
CA ALA B 55 18.47 0.05 -9.59
C ALA B 55 19.55 1.09 -9.34
N LEU B 56 20.38 0.91 -8.32
CA LEU B 56 21.48 1.83 -8.09
C LEU B 56 22.49 1.78 -9.23
N ALA B 57 22.81 0.57 -9.71
CA ALA B 57 23.74 0.44 -10.82
C ALA B 57 23.20 1.08 -12.09
N ILE B 58 21.91 0.92 -12.35
CA ILE B 58 21.30 1.54 -13.53
C ILE B 58 21.41 3.05 -13.44
N ALA B 59 21.07 3.63 -12.29
CA ALA B 59 21.07 5.07 -12.15
C ALA B 59 22.47 5.65 -12.11
N TYR B 60 23.43 4.93 -11.53
CA TYR B 60 24.80 5.41 -11.48
C TYR B 60 25.43 5.55 -12.86
N GLY B 61 24.88 4.89 -13.87
CA GLY B 61 25.46 4.90 -15.20
C GLY B 61 26.22 3.66 -15.57
N ILE B 62 26.16 2.62 -14.75
CA ILE B 62 26.86 1.37 -15.02
C ILE B 62 26.26 0.72 -16.25
N LYS B 63 27.14 0.23 -17.14
CA LYS B 63 26.69 -0.50 -18.31
C LYS B 63 25.97 -1.78 -17.87
N VAL B 64 24.82 -2.06 -18.49
CA VAL B 64 24.06 -3.24 -18.12
C VAL B 64 24.76 -4.55 -18.47
N GLU B 65 25.80 -4.51 -19.30
CA GLU B 65 26.57 -5.73 -19.53
C GLU B 65 27.24 -6.23 -18.26
N ALA B 66 27.70 -5.34 -17.39
CA ALA B 66 28.34 -5.73 -16.14
C ALA B 66 27.34 -6.12 -15.05
N ILE B 67 26.14 -5.53 -15.07
CA ILE B 67 25.10 -6.00 -14.16
C ILE B 67 24.70 -7.43 -14.49
N VAL B 68 24.61 -7.78 -15.77
CA VAL B 68 24.42 -9.18 -16.16
C VAL B 68 25.65 -10.03 -15.87
N ASP B 69 26.85 -9.50 -16.05
CA ASP B 69 28.07 -10.23 -15.74
C ASP B 69 28.13 -10.62 -14.27
N LEU B 70 27.52 -9.81 -13.39
CA LEU B 70 27.46 -10.16 -11.97
C LEU B 70 26.64 -11.41 -11.71
N PHE B 71 25.59 -11.65 -12.47
CA PHE B 71 24.65 -12.72 -12.16
C PHE B 71 24.98 -14.06 -12.78
N LYS B 72 25.77 -14.07 -13.86
CA LYS B 72 26.10 -15.33 -14.54
C LYS B 72 27.56 -15.71 -14.36
N SER B 73 28.31 -14.97 -13.55
CA SER B 73 29.70 -15.33 -13.29
C SER B 73 30.00 -15.26 -11.79
N HIS B 74 29.21 -14.47 -11.06
CA HIS B 74 29.38 -14.29 -9.63
C HIS B 74 28.09 -14.61 -8.88
N GLY B 75 27.09 -15.13 -9.60
CA GLY B 75 25.78 -15.30 -9.00
C GLY B 75 25.72 -16.35 -7.90
N ASP B 76 26.47 -17.44 -8.06
CA ASP B 76 26.44 -18.51 -7.06
C ASP B 76 27.08 -18.06 -5.75
N LYS B 77 28.27 -17.47 -5.84
CA LYS B 77 29.01 -17.07 -4.64
C LYS B 77 28.27 -15.99 -3.86
N ILE B 78 27.69 -15.02 -4.56
CA ILE B 78 26.96 -13.95 -3.91
C ILE B 78 25.55 -14.36 -3.50
N PHE B 79 24.80 -14.99 -4.40
CA PHE B 79 23.42 -15.36 -4.10
C PHE B 79 23.23 -16.87 -4.12
N GLY B 89 27.85 -17.86 8.83
CA GLY B 89 27.00 -17.22 9.81
C GLY B 89 25.53 -17.25 9.44
N SER B 90 25.10 -16.27 8.64
CA SER B 90 23.72 -16.15 8.20
C SER B 90 23.53 -16.68 6.77
N LYS B 91 24.24 -17.74 6.41
CA LYS B 91 24.22 -18.45 5.14
C LYS B 91 24.97 -17.68 4.05
N TYR B 92 25.31 -16.42 4.28
CA TYR B 92 26.07 -15.74 3.20
C TYR B 92 26.97 -14.65 3.78
N SER B 93 28.28 -14.76 3.54
CA SER B 93 29.19 -13.68 3.96
C SER B 93 29.02 -12.54 2.95
N ASN B 94 28.63 -11.35 3.41
CA ASN B 94 28.33 -10.25 2.47
C ASN B 94 29.62 -9.78 1.83
N GLU B 95 30.72 -10.49 2.06
CA GLU B 95 32.02 -9.96 1.56
C GLU B 95 32.05 -9.99 0.03
N SER B 96 31.63 -11.09 -0.59
CA SER B 96 31.75 -11.10 -2.06
C SER B 96 31.03 -9.88 -2.62
N LEU B 97 29.73 -9.76 -2.36
CA LEU B 97 28.98 -8.64 -2.95
C LEU B 97 29.79 -7.38 -2.69
N LYS B 98 30.26 -7.22 -1.46
CA LYS B 98 30.94 -5.98 -1.12
C LYS B 98 32.08 -5.70 -2.09
N THR B 99 32.87 -6.71 -2.42
CA THR B 99 33.99 -6.52 -3.34
C THR B 99 33.50 -6.05 -4.70
N VAL B 100 32.46 -6.69 -5.22
CA VAL B 100 31.96 -6.33 -6.54
C VAL B 100 31.35 -4.93 -6.53
N LEU B 101 30.72 -4.55 -5.41
CA LEU B 101 30.10 -3.23 -5.34
C LEU B 101 31.14 -2.12 -5.25
N GLU B 102 32.20 -2.33 -4.45
CA GLU B 102 33.31 -1.36 -4.48
C GLU B 102 33.96 -1.32 -5.84
N GLU B 103 34.11 -2.46 -6.51
CA GLU B 103 34.69 -2.45 -7.84
C GLU B 103 33.82 -1.66 -8.82
N TRP B 104 32.50 -1.69 -8.63
CA TRP B 104 31.59 -0.86 -9.43
C TRP B 104 31.62 0.60 -8.99
N PHE B 105 31.21 0.87 -7.75
CA PHE B 105 31.00 2.24 -7.30
C PHE B 105 32.27 2.85 -6.75
N GLY B 106 32.81 2.27 -5.68
CA GLY B 106 33.99 2.81 -5.05
C GLY B 106 33.66 3.58 -3.78
N ASP B 107 33.81 4.90 -3.84
CA ASP B 107 33.54 5.77 -2.69
C ASP B 107 32.56 6.88 -3.09
N SER B 108 31.73 6.61 -4.09
CA SER B 108 30.73 7.56 -4.55
C SER B 108 29.55 7.60 -3.58
N ILE B 109 29.01 8.78 -3.39
CA ILE B 109 27.86 9.00 -2.51
C ILE B 109 26.59 8.88 -3.33
N LEU B 110 25.47 8.72 -2.63
CA LEU B 110 24.18 8.50 -3.29
C LEU B 110 23.74 9.73 -4.06
N GLY B 111 24.41 10.86 -3.85
CA GLY B 111 24.07 12.08 -4.55
C GLY B 111 24.76 12.20 -5.90
N ASP B 112 25.57 11.21 -6.25
CA ASP B 112 26.26 11.17 -7.53
C ASP B 112 25.49 10.40 -8.59
N LEU B 113 24.28 9.93 -8.27
CA LEU B 113 23.46 9.22 -9.22
C LEU B 113 22.92 10.17 -10.28
N LYS B 114 22.70 9.63 -11.47
CA LYS B 114 22.19 10.41 -12.60
C LYS B 114 20.68 10.33 -12.71
N CYS B 115 20.02 9.52 -11.90
CA CYS B 115 18.58 9.37 -11.95
C CYS B 115 18.04 9.27 -10.54
N PRO B 116 16.96 9.96 -10.20
CA PRO B 116 16.39 9.84 -8.87
C PRO B 116 15.98 8.40 -8.60
N VAL B 117 16.35 7.90 -7.42
CA VAL B 117 16.00 6.54 -7.01
C VAL B 117 15.37 6.59 -5.63
N VAL B 118 14.57 5.58 -5.36
CA VAL B 118 13.96 5.38 -4.05
C VAL B 118 14.24 3.93 -3.68
N ILE B 119 15.01 3.72 -2.60
CA ILE B 119 15.35 2.38 -2.16
C ILE B 119 14.69 2.14 -0.80
N PRO B 120 13.56 1.45 -0.76
CA PRO B 120 12.95 1.12 0.54
C PRO B 120 13.75 0.07 1.29
N THR B 121 13.62 0.10 2.61
CA THR B 121 14.39 -0.73 3.53
C THR B 121 13.74 -0.60 4.90
N ILE B 122 14.08 -1.49 5.83
CA ILE B 122 13.53 -1.43 7.17
C ILE B 122 14.64 -1.14 8.17
N ASP B 123 14.41 -0.15 9.03
CA ASP B 123 15.26 0.13 10.17
C ASP B 123 14.96 -0.91 11.24
N PHE B 124 15.88 -1.86 11.41
CA PHE B 124 15.73 -2.91 12.42
C PHE B 124 15.78 -2.33 13.82
N THR B 125 16.61 -1.31 14.05
CA THR B 125 16.72 -0.68 15.36
C THR B 125 15.36 -0.16 15.83
N ARG B 126 14.79 0.80 15.10
CA ARG B 126 13.44 1.23 15.40
C ARG B 126 12.39 0.25 14.90
N GLY B 127 12.74 -0.61 13.93
CA GLY B 127 11.78 -1.49 13.32
C GLY B 127 10.72 -0.74 12.55
N SER B 128 11.15 0.17 11.68
CA SER B 128 10.20 1.03 10.98
C SER B 128 10.63 1.19 9.54
N PRO B 129 9.69 1.48 8.62
CA PRO B 129 10.07 1.67 7.22
C PRO B 129 11.00 2.87 7.06
N VAL B 130 11.93 2.75 6.11
CA VAL B 130 12.85 3.82 5.74
C VAL B 130 12.99 3.77 4.23
N THR B 131 13.14 4.92 3.60
CA THR B 131 13.43 5.00 2.17
C THR B 131 14.67 5.85 1.98
N LEU B 132 15.66 5.31 1.27
CA LEU B 132 16.86 6.03 0.93
C LEU B 132 16.66 6.68 -0.43
N LYS B 133 16.64 8.00 -0.47
CA LYS B 133 16.28 8.66 -1.72
C LYS B 133 17.36 9.65 -2.12
N THR B 134 17.51 9.90 -3.42
CA THR B 134 18.45 10.95 -3.88
C THR B 134 17.78 12.29 -3.60
N PRO B 135 18.52 13.42 -3.52
CA PRO B 135 17.92 14.71 -3.18
C PRO B 135 17.10 15.24 -4.36
N HIS B 136 15.95 14.64 -4.63
CA HIS B 136 15.11 15.05 -5.80
C HIS B 136 13.92 15.89 -5.34
N ASN B 137 13.89 16.26 -4.05
CA ASN B 137 12.81 17.14 -3.56
C ASN B 137 13.44 18.09 -2.58
N PRO B 138 12.92 19.33 -2.39
CA PRO B 138 13.51 20.31 -1.48
C PRO B 138 13.55 19.80 -0.03
N ASN B 139 12.88 18.67 0.25
CA ASN B 139 12.82 18.13 1.62
C ASN B 139 13.74 16.95 1.87
N LEU B 140 14.47 16.47 0.88
CA LEU B 140 15.36 15.29 1.03
C LEU B 140 16.78 15.83 1.17
N LYS B 141 17.41 15.70 2.33
CA LYS B 141 18.69 16.36 2.61
C LYS B 141 19.66 15.52 3.42
N ARG B 142 19.42 14.22 3.61
CA ARG B 142 20.29 13.47 4.49
C ARG B 142 20.72 12.12 3.92
N ASP B 143 20.15 11.71 2.80
CA ASP B 143 20.46 10.36 2.28
C ASP B 143 21.36 10.47 1.06
N TRP B 144 21.65 11.67 0.61
CA TRP B 144 22.58 11.82 -0.49
C TRP B 144 24.03 11.73 -0.05
N LYS B 145 24.27 11.63 1.26
CA LYS B 145 25.63 11.57 1.79
C LYS B 145 26.11 10.14 2.01
N LEU B 146 25.26 9.15 1.81
CA LEU B 146 25.61 7.77 2.13
C LEU B 146 26.41 7.14 1.00
N LYS B 147 27.20 6.12 1.36
CA LYS B 147 27.89 5.30 0.38
C LYS B 147 26.86 4.51 -0.42
N ILE B 148 27.04 4.48 -1.75
CA ILE B 148 26.20 3.62 -2.56
C ILE B 148 26.46 2.16 -2.22
N VAL B 149 27.69 1.83 -1.84
CA VAL B 149 28.02 0.49 -1.39
C VAL B 149 27.21 0.11 -0.15
N ASP B 150 27.12 0.99 0.84
CA ASP B 150 26.35 0.73 2.03
C ASP B 150 24.85 0.66 1.76
N VAL B 151 24.32 1.52 0.89
CA VAL B 151 22.93 1.41 0.50
C VAL B 151 22.64 0.08 -0.16
N ALA B 152 23.50 -0.36 -1.08
CA ALA B 152 23.37 -1.65 -1.74
C ALA B 152 23.46 -2.83 -0.78
N LEU B 153 24.36 -2.75 0.20
CA LEU B 153 24.47 -3.78 1.22
C LEU B 153 23.32 -3.77 2.22
N ALA B 154 22.64 -2.63 2.37
CA ALA B 154 21.50 -2.54 3.28
C ALA B 154 20.22 -3.04 2.62
N THR B 155 19.97 -2.64 1.38
CA THR B 155 18.75 -3.07 0.70
C THR B 155 18.73 -4.57 0.50
N SER B 156 19.86 -5.17 0.14
CA SER B 156 19.97 -6.60 -0.07
C SER B 156 20.59 -7.23 1.17
N ALA B 157 19.84 -7.17 2.27
CA ALA B 157 20.29 -7.79 3.51
C ALA B 157 19.10 -8.30 4.32
N ALA B 158 18.76 -9.57 4.14
CA ALA B 158 17.62 -10.12 4.85
C ALA B 158 18.07 -11.12 5.90
N PRO B 159 17.31 -11.29 6.98
CA PRO B 159 17.62 -12.35 7.94
C PRO B 159 17.62 -13.72 7.27
N THR B 160 18.49 -14.59 7.76
CA THR B 160 18.77 -15.91 7.18
C THR B 160 19.41 -15.82 5.80
N TYR B 161 19.67 -14.61 5.31
CA TYR B 161 20.39 -14.42 4.07
C TYR B 161 21.70 -13.67 4.31
N PHE B 162 21.63 -12.51 4.94
CA PHE B 162 22.81 -11.68 5.14
C PHE B 162 22.76 -11.06 6.54
N PRO B 163 23.91 -10.78 7.14
CA PRO B 163 23.92 -10.00 8.37
C PRO B 163 23.38 -8.60 8.11
N ARG B 164 22.73 -8.03 9.13
CA ARG B 164 22.17 -6.70 9.01
C ARG B 164 23.29 -5.67 8.86
N HIS B 165 23.13 -4.75 7.91
CA HIS B 165 24.20 -3.81 7.60
C HIS B 165 24.02 -2.52 8.38
N PRO B 166 24.97 -2.16 9.25
CA PRO B 166 24.96 -0.87 9.97
C PRO B 166 25.55 0.30 9.16
N ILE B 167 24.70 0.94 8.36
CA ILE B 167 25.15 2.07 7.56
C ILE B 167 25.77 3.14 8.45
N GLY B 168 25.06 3.52 9.52
CA GLY B 168 25.58 4.44 10.48
C GLY B 168 25.33 3.92 11.89
N PRO B 169 24.69 4.74 12.73
CA PRO B 169 24.27 4.29 14.06
C PRO B 169 23.10 3.31 14.05
N ASN B 170 22.49 3.06 12.89
CA ASN B 170 21.30 2.24 12.78
C ASN B 170 21.61 0.99 11.97
N GLU B 171 20.94 -0.12 12.28
CA GLU B 171 21.04 -1.35 11.51
C GLU B 171 19.82 -1.46 10.61
N TYR B 172 20.05 -1.82 9.35
CA TYR B 172 19.00 -1.91 8.34
C TYR B 172 18.90 -3.33 7.82
N VAL B 173 17.67 -3.76 7.50
CA VAL B 173 17.46 -5.08 6.91
C VAL B 173 16.92 -4.90 5.51
N ALA B 174 16.65 -6.01 4.82
CA ALA B 174 16.24 -5.94 3.42
C ALA B 174 14.92 -5.21 3.26
N GLY B 175 14.78 -4.47 2.17
CA GLY B 175 13.57 -3.73 1.89
C GLY B 175 12.43 -4.55 1.33
N GLY B 176 12.72 -5.69 0.72
CA GLY B 176 11.68 -6.55 0.19
C GLY B 176 10.77 -7.12 1.25
N LEU B 177 11.20 -7.08 2.52
CA LEU B 177 10.37 -7.62 3.59
C LEU B 177 9.07 -6.84 3.73
N PHE B 178 9.11 -5.51 3.61
CA PHE B 178 7.90 -4.71 3.70
C PHE B 178 7.43 -4.20 2.34
N ALA B 179 8.30 -3.51 1.60
CA ALA B 179 7.90 -2.91 0.32
C ALA B 179 8.27 -3.86 -0.81
N ASN B 180 7.65 -5.03 -0.78
CA ASN B 180 8.02 -6.08 -1.72
C ASN B 180 7.70 -5.68 -3.16
N ASP B 181 6.81 -4.72 -3.34
CA ASP B 181 6.54 -4.18 -4.67
C ASP B 181 7.10 -2.77 -4.78
N PRO B 182 8.10 -2.53 -5.61
CA PRO B 182 8.66 -1.18 -5.74
C PRO B 182 7.92 -0.33 -6.76
N SER B 183 6.79 -0.81 -7.26
CA SER B 183 5.97 -0.02 -8.15
C SER B 183 4.92 0.82 -7.43
N LEU B 184 4.53 0.43 -6.22
CA LEU B 184 3.71 1.31 -5.39
C LEU B 184 4.53 2.46 -4.83
N ILE B 185 5.80 2.21 -4.48
CA ILE B 185 6.69 3.30 -4.09
C ILE B 185 6.91 4.29 -5.21
N GLY B 186 7.10 3.84 -6.44
CA GLY B 186 7.27 4.76 -7.54
C GLY B 186 6.05 5.62 -7.77
N LEU B 187 4.87 4.99 -7.79
CA LEU B 187 3.64 5.76 -7.96
C LEU B 187 3.41 6.74 -6.82
N HIS B 188 3.62 6.31 -5.58
CA HIS B 188 3.45 7.21 -4.44
C HIS B 188 4.42 8.37 -4.50
N GLU B 189 5.69 8.13 -4.79
CA GLU B 189 6.70 9.22 -4.85
C GLU B 189 6.32 10.16 -5.96
N ALA B 190 5.91 9.67 -7.11
CA ALA B 190 5.43 10.58 -8.13
C ALA B 190 4.17 11.30 -7.72
N ASP B 191 3.53 10.89 -6.65
CA ASP B 191 2.26 11.51 -6.24
C ASP B 191 2.47 12.50 -5.10
N TYR B 192 3.37 12.24 -4.16
CA TYR B 192 3.54 13.10 -2.98
C TYR B 192 4.83 13.91 -3.02
N MET B 193 5.84 13.48 -3.74
CA MET B 193 7.07 14.24 -3.87
C MET B 193 7.11 15.04 -5.15
N PHE B 194 6.74 14.41 -6.26
CA PHE B 194 6.81 15.08 -7.56
C PHE B 194 5.55 15.86 -7.94
N LYS B 195 4.51 15.78 -7.11
CA LYS B 195 3.25 16.49 -7.38
C LYS B 195 2.80 16.24 -8.82
N LYS B 196 2.88 14.99 -9.27
CA LYS B 196 2.50 14.65 -10.63
C LYS B 196 1.07 14.15 -10.65
N ASN B 197 0.33 14.59 -11.67
CA ASN B 197 -0.98 14.02 -11.92
C ASN B 197 -0.81 12.57 -12.38
N ILE B 198 -1.69 11.69 -11.88
CA ILE B 198 -1.53 10.27 -12.12
C ILE B 198 -1.69 9.91 -13.59
N GLN B 199 -2.34 10.77 -14.38
CA GLN B 199 -2.46 10.49 -15.81
C GLN B 199 -1.12 10.63 -16.52
N ASP B 200 -0.18 11.36 -15.92
CA ASP B 200 1.12 11.58 -16.52
C ASP B 200 2.17 10.57 -16.06
N VAL B 201 1.78 9.62 -15.23
CA VAL B 201 2.72 8.66 -14.66
C VAL B 201 2.67 7.38 -15.49
N HIS B 202 3.83 6.93 -15.95
CA HIS B 202 3.96 5.68 -16.69
C HIS B 202 4.95 4.81 -15.95
N ILE B 203 4.48 3.67 -15.45
CA ILE B 203 5.30 2.76 -14.66
C ILE B 203 5.64 1.53 -15.49
N LEU B 204 6.93 1.19 -15.54
CA LEU B 204 7.40 -0.03 -16.18
C LEU B 204 8.08 -0.87 -15.11
N SER B 205 7.43 -1.97 -14.72
CA SER B 205 7.88 -2.78 -13.60
C SER B 205 8.49 -4.08 -14.12
N ILE B 206 9.81 -4.14 -14.12
CA ILE B 206 10.51 -5.35 -14.53
C ILE B 206 10.74 -6.21 -13.30
N GLY B 207 9.73 -7.00 -12.93
CA GLY B 207 9.84 -7.86 -11.78
C GLY B 207 9.94 -9.32 -12.16
N THR B 208 9.98 -10.17 -11.13
CA THR B 208 10.07 -11.61 -11.32
C THR B 208 9.40 -12.30 -10.15
N LEU B 209 9.03 -13.56 -10.37
CA LEU B 209 8.35 -14.38 -9.37
C LEU B 209 9.38 -15.08 -8.50
N SER B 210 9.14 -15.11 -7.21
CA SER B 210 10.05 -15.78 -6.28
C SER B 210 9.93 -17.29 -6.40
N SER B 211 11.00 -17.98 -6.04
CA SER B 211 11.03 -19.44 -6.08
C SER B 211 10.82 -20.03 -4.71
N ALA B 236 6.40 -24.76 9.83
CA ALA B 236 5.18 -24.09 9.44
C ALA B 236 5.36 -22.57 9.43
N ALA B 237 6.20 -22.08 10.34
CA ALA B 237 6.47 -20.64 10.47
C ALA B 237 7.08 -20.05 9.19
N PRO B 238 8.13 -20.65 8.61
CA PRO B 238 8.63 -20.08 7.34
C PRO B 238 7.61 -20.07 6.24
N ASN B 239 6.73 -21.08 6.19
CA ASN B 239 5.63 -21.08 5.23
C ASN B 239 4.74 -19.87 5.44
N ILE B 240 4.43 -19.55 6.71
CA ILE B 240 3.59 -18.40 7.02
C ILE B 240 4.29 -17.11 6.60
N ILE B 241 5.59 -17.01 6.86
CA ILE B 241 6.33 -15.80 6.46
C ILE B 241 6.29 -15.63 4.95
N ASP B 242 6.55 -16.70 4.20
CA ASP B 242 6.48 -16.62 2.75
C ASP B 242 5.09 -16.25 2.25
N LEU B 243 4.05 -16.83 2.85
CA LEU B 243 2.69 -16.50 2.48
C LEU B 243 2.38 -15.03 2.72
N VAL B 244 2.80 -14.51 3.87
CA VAL B 244 2.56 -13.10 4.19
C VAL B 244 3.30 -12.21 3.20
N LEU B 245 4.55 -12.54 2.89
CA LEU B 245 5.32 -11.71 1.96
C LEU B 245 4.70 -11.71 0.57
N SER B 246 4.28 -12.88 0.09
CA SER B 246 3.64 -12.95 -1.22
C SER B 246 2.32 -12.19 -1.23
N SER B 247 1.52 -12.36 -0.19
CA SER B 247 0.25 -11.63 -0.10
C SER B 247 0.46 -10.13 -0.07
N GLN B 248 1.48 -9.65 0.63
CA GLN B 248 1.75 -8.23 0.70
C GLN B 248 2.30 -7.66 -0.60
N GLN B 249 3.08 -8.44 -1.35
CA GLN B 249 3.44 -8.01 -2.69
C GLN B 249 2.25 -7.93 -3.62
N GLN B 250 1.37 -8.94 -3.62
CA GLN B 250 0.20 -8.92 -4.48
C GLN B 250 -0.79 -7.81 -4.13
N PHE B 251 -0.98 -7.55 -2.83
CA PHE B 251 -1.90 -6.48 -2.42
C PHE B 251 -1.46 -5.13 -3.00
N MET B 252 -0.19 -4.79 -2.83
CA MET B 252 0.31 -3.52 -3.34
C MET B 252 0.35 -3.48 -4.86
N GLU B 253 0.70 -4.59 -5.51
CA GLU B 253 0.64 -4.65 -6.97
C GLU B 253 -0.76 -4.42 -7.49
N GLN B 254 -1.76 -5.02 -6.85
CA GLN B 254 -3.13 -4.83 -7.30
C GLN B 254 -3.61 -3.41 -7.02
N MET B 255 -3.14 -2.80 -5.94
CA MET B 255 -3.47 -1.39 -5.73
C MET B 255 -2.90 -0.52 -6.84
N VAL B 256 -1.66 -0.76 -7.25
CA VAL B 256 -1.09 0.00 -8.36
C VAL B 256 -1.88 -0.25 -9.64
N LYS B 257 -2.22 -1.51 -9.91
CA LYS B 257 -3.01 -1.82 -11.11
C LYS B 257 -4.37 -1.14 -11.10
N HIS B 258 -5.03 -1.07 -9.95
CA HIS B 258 -6.31 -0.39 -9.82
C HIS B 258 -6.20 1.11 -10.01
N ARG B 259 -5.17 1.75 -9.47
CA ARG B 259 -5.05 3.20 -9.63
C ARG B 259 -4.70 3.59 -11.05
N MET B 260 -4.24 2.66 -11.87
CA MET B 260 -3.78 2.94 -13.23
C MET B 260 -4.68 2.28 -14.28
N GLU B 261 -5.87 1.85 -13.89
CA GLU B 261 -6.80 1.30 -14.86
C GLU B 261 -7.50 2.37 -15.69
N PRO B 262 -7.87 3.53 -15.13
CA PRO B 262 -8.48 4.57 -15.97
C PRO B 262 -7.59 5.06 -17.10
N PHE B 263 -6.30 4.82 -17.03
CA PHE B 263 -5.36 5.24 -18.05
C PHE B 263 -4.74 4.00 -18.70
N PRO B 264 -5.11 3.68 -19.93
CA PRO B 264 -4.71 2.38 -20.52
C PRO B 264 -3.22 2.31 -20.74
N ASN B 265 -2.64 1.15 -20.43
CA ASN B 265 -1.25 0.81 -20.75
C ASN B 265 -0.24 1.73 -20.07
N GLN B 266 -0.65 2.42 -19.01
CA GLN B 266 0.26 3.28 -18.26
C GLN B 266 0.95 2.54 -17.12
N PHE B 267 0.62 1.28 -16.89
CA PHE B 267 1.37 0.43 -15.97
C PHE B 267 1.53 -0.92 -16.63
N TYR B 268 2.74 -1.24 -17.06
CA TYR B 268 3.03 -2.51 -17.70
C TYR B 268 4.12 -3.21 -16.91
N LYS B 269 3.88 -4.47 -16.55
CA LYS B 269 4.83 -5.25 -15.78
C LYS B 269 5.45 -6.30 -16.68
N ILE B 270 6.77 -6.26 -16.82
CA ILE B 270 7.52 -7.25 -17.59
C ILE B 270 7.84 -8.41 -16.67
N ASP B 271 6.91 -9.35 -16.56
CA ASP B 271 7.09 -10.53 -15.72
C ASP B 271 7.28 -11.77 -16.57
N GLU B 272 7.97 -12.75 -15.99
CA GLU B 272 8.15 -14.04 -16.65
C GLU B 272 6.89 -14.89 -16.50
N GLN B 273 5.77 -14.38 -17.03
CA GLN B 273 4.54 -15.15 -17.12
C GLN B 273 4.64 -16.31 -18.10
N ILE B 274 5.82 -16.53 -18.68
CA ILE B 274 6.01 -17.62 -19.62
C ILE B 274 6.67 -18.81 -18.95
N VAL B 275 7.38 -18.58 -17.84
CA VAL B 275 7.98 -19.69 -17.10
C VAL B 275 6.92 -20.49 -16.36
N GLN B 276 5.83 -19.82 -15.95
CA GLN B 276 4.69 -20.54 -15.40
C GLN B 276 3.94 -21.29 -16.49
N ALA B 277 4.07 -20.86 -17.75
CA ALA B 277 3.56 -21.59 -18.89
C ALA B 277 4.63 -22.44 -19.57
N SER B 278 5.82 -22.50 -18.98
CA SER B 278 6.91 -23.29 -19.55
C SER B 278 6.70 -24.77 -19.31
N ALA B 279 6.41 -25.52 -20.38
CA ALA B 279 6.21 -26.96 -20.29
C ALA B 279 7.48 -27.69 -19.88
N GLN B 280 8.64 -27.05 -20.00
CA GLN B 280 9.90 -27.67 -19.61
C GLN B 280 10.61 -26.82 -18.55
N SER B 288 24.15 -24.97 -12.15
CA SER B 288 23.02 -24.07 -12.35
C SER B 288 23.11 -23.39 -13.72
N ASP B 289 23.96 -23.93 -14.60
CA ASP B 289 24.08 -23.38 -15.95
C ASP B 289 22.79 -23.54 -16.73
N ALA B 290 22.07 -24.65 -16.55
CA ALA B 290 20.78 -24.82 -17.19
C ALA B 290 19.81 -23.74 -16.71
N ALA B 291 19.78 -23.49 -15.40
CA ALA B 291 18.93 -22.44 -14.87
C ALA B 291 19.32 -21.08 -15.41
N LYS B 292 20.61 -20.84 -15.61
CA LYS B 292 21.04 -19.61 -16.28
C LYS B 292 20.43 -19.52 -17.68
N GLN B 293 20.42 -20.65 -18.40
CA GLN B 293 19.84 -20.67 -19.73
C GLN B 293 18.35 -20.30 -19.69
N VAL B 294 17.59 -20.93 -18.78
CA VAL B 294 16.16 -20.62 -18.71
C VAL B 294 15.93 -19.17 -18.34
N LEU B 295 16.67 -18.66 -17.34
CA LEU B 295 16.47 -17.28 -16.92
C LEU B 295 16.80 -16.30 -18.02
N GLU B 296 17.94 -16.49 -18.68
CA GLU B 296 18.36 -15.61 -19.79
C GLU B 296 17.31 -15.65 -20.90
N GLY B 297 16.94 -16.86 -21.35
CA GLY B 297 16.01 -17.00 -22.43
C GLY B 297 14.65 -16.39 -22.12
N ASN B 298 14.19 -16.58 -20.88
CA ASN B 298 12.94 -15.96 -20.46
C ASN B 298 13.05 -14.43 -20.47
N GLY B 299 14.17 -13.89 -20.01
CA GLY B 299 14.36 -12.46 -20.07
C GLY B 299 14.35 -11.93 -21.48
N ILE B 300 15.06 -12.61 -22.39
CA ILE B 300 15.09 -12.17 -23.77
C ILE B 300 13.71 -12.23 -24.40
N GLN B 301 12.96 -13.31 -24.14
CA GLN B 301 11.62 -13.42 -24.70
C GLN B 301 10.67 -12.37 -24.14
N SER B 302 10.71 -12.13 -22.83
CA SER B 302 9.85 -11.10 -22.25
C SER B 302 10.19 -9.71 -22.76
N ALA B 303 11.48 -9.41 -22.93
CA ALA B 303 11.85 -8.12 -23.50
C ALA B 303 11.42 -8.02 -24.96
N LYS B 304 11.50 -9.12 -25.71
CA LYS B 304 11.01 -9.12 -27.08
C LYS B 304 9.52 -8.83 -27.12
N VAL B 305 8.75 -9.48 -26.24
CA VAL B 305 7.33 -9.21 -26.16
C VAL B 305 7.04 -7.77 -25.80
N ALA B 306 7.76 -7.22 -24.83
CA ALA B 306 7.58 -5.83 -24.43
C ALA B 306 7.91 -4.84 -25.54
N LEU B 307 8.99 -5.06 -26.28
CA LEU B 307 9.36 -4.15 -27.34
C LEU B 307 8.40 -4.20 -28.53
N GLY B 308 7.55 -5.21 -28.60
CA GLY B 308 6.54 -5.25 -29.63
C GLY B 308 5.36 -4.34 -29.41
N LYS B 309 5.34 -3.68 -28.24
CA LYS B 309 4.21 -2.81 -27.82
C LYS B 309 4.62 -1.35 -27.99
N ASP B 310 3.92 -0.58 -28.80
CA ASP B 310 4.40 0.76 -29.14
C ASP B 310 4.53 1.64 -27.92
N PHE B 311 3.65 1.45 -26.93
CA PHE B 311 3.73 2.29 -25.74
C PHE B 311 4.97 2.00 -24.91
N ILE B 312 5.51 0.78 -24.97
CA ILE B 312 6.79 0.52 -24.33
C ILE B 312 7.92 1.14 -25.13
N ARG B 313 7.85 1.07 -26.46
CA ARG B 313 8.86 1.71 -27.29
C ARG B 313 8.85 3.22 -27.17
N ASN B 314 7.74 3.80 -26.71
CA ASN B 314 7.65 5.24 -26.56
C ASN B 314 8.31 5.75 -25.28
N TYR B 315 8.75 4.85 -24.40
CA TYR B 315 9.53 5.28 -23.24
C TYR B 315 10.91 5.78 -23.64
N PHE B 316 11.44 5.32 -24.77
CA PHE B 316 12.83 5.53 -25.13
C PHE B 316 13.02 6.46 -26.32
N ASN B 317 11.95 6.89 -26.98
CA ASN B 317 12.06 7.74 -28.15
C ASN B 317 11.83 9.21 -27.83
N GLN B 318 12.29 9.68 -26.69
CA GLN B 318 12.02 11.02 -26.21
C GLN B 318 13.33 11.77 -25.95
N PRO B 319 13.29 13.09 -25.91
CA PRO B 319 14.49 13.85 -25.56
C PRO B 319 14.95 13.51 -24.15
N SER B 320 16.27 13.55 -23.95
CA SER B 320 16.85 13.17 -22.68
C SER B 320 16.25 14.01 -21.54
N ARG B 321 15.94 13.32 -20.44
CA ARG B 321 15.24 13.97 -19.30
C ARG B 321 16.18 14.89 -18.56
N LYS B 322 15.66 16.01 -18.11
CA LYS B 322 16.44 17.00 -17.37
C LYS B 322 16.12 16.88 -15.89
N ARG B 323 17.16 16.73 -15.07
CA ARG B 323 16.99 16.47 -13.65
C ARG B 323 16.99 17.77 -12.86
N GLU B 324 16.35 17.75 -11.70
CA GLU B 324 16.34 18.88 -10.77
C GLU B 324 16.81 18.37 -9.42
N TRP B 325 18.09 18.57 -9.13
CA TRP B 325 18.68 18.16 -7.86
C TRP B 325 18.67 19.35 -6.91
N PHE B 326 18.15 19.13 -5.72
CA PHE B 326 17.96 20.25 -4.78
C PHE B 326 18.99 20.20 -3.67
N ASP B 327 19.96 19.30 -3.77
CA ASP B 327 21.05 19.26 -2.78
C ASP B 327 22.07 18.25 -3.24
N GLY B 328 23.27 18.31 -2.72
CA GLY B 328 24.26 17.28 -3.07
C GLY B 328 25.25 17.81 -4.07
N PRO B 329 26.18 16.97 -4.56
CA PRO B 329 27.21 17.47 -5.44
C PRO B 329 26.66 18.05 -6.75
N GLN B 330 25.44 17.69 -7.14
CA GLN B 330 24.91 18.12 -8.45
C GLN B 330 23.76 19.10 -8.31
N LYS B 331 23.63 19.77 -7.17
CA LYS B 331 22.44 20.65 -6.98
C LYS B 331 22.32 21.62 -8.15
N ASN B 332 21.23 21.54 -8.91
CA ASN B 332 21.01 22.45 -10.06
C ASN B 332 20.02 23.56 -9.65
N VAL B 333 19.07 23.23 -8.77
CA VAL B 333 18.02 24.20 -8.36
C VAL B 333 18.52 25.01 -7.18
N MET C 1 -27.61 -5.77 -36.22
CA MET C 1 -26.38 -6.04 -35.50
C MET C 1 -26.61 -6.36 -34.03
N GLU C 2 -26.75 -7.64 -33.70
CA GLU C 2 -26.78 -8.05 -32.30
C GLU C 2 -25.65 -9.03 -32.08
N LYS C 3 -25.16 -9.08 -30.84
CA LYS C 3 -23.91 -9.75 -30.52
C LYS C 3 -24.05 -11.26 -30.70
N PHE C 4 -23.09 -11.85 -31.42
CA PHE C 4 -23.04 -13.30 -31.59
C PHE C 4 -22.06 -13.84 -30.54
N GLN C 5 -22.60 -14.51 -29.53
CA GLN C 5 -21.81 -14.94 -28.38
C GLN C 5 -21.49 -16.43 -28.47
N ILE C 6 -20.23 -16.77 -28.23
CA ILE C 6 -19.74 -18.13 -28.33
C ILE C 6 -19.17 -18.55 -26.99
N LEU C 7 -19.45 -19.79 -26.60
CA LEU C 7 -18.90 -20.38 -25.39
C LEU C 7 -17.96 -21.52 -25.80
N ALA C 8 -16.67 -21.33 -25.57
CA ALA C 8 -15.64 -22.27 -26.02
C ALA C 8 -15.10 -23.01 -24.80
N LEU C 9 -15.75 -24.12 -24.44
CA LEU C 9 -15.37 -24.85 -23.22
C LEU C 9 -14.07 -25.65 -23.45
N SER C 10 -12.92 -25.03 -23.20
CA SER C 10 -11.64 -25.78 -23.30
C SER C 10 -11.42 -26.53 -21.98
N GLY C 11 -10.66 -27.63 -22.02
CA GLY C 11 -10.44 -28.43 -20.80
C GLY C 11 -9.73 -29.74 -21.10
N GLY C 12 -9.56 -30.58 -20.09
CA GLY C 12 -8.86 -31.87 -20.28
C GLY C 12 -8.84 -32.72 -19.04
N GLY C 13 -9.25 -33.98 -19.17
CA GLY C 13 -9.15 -34.93 -18.06
C GLY C 13 -9.94 -34.57 -16.83
N TYR C 14 -9.27 -34.55 -15.69
CA TYR C 14 -9.95 -34.35 -14.40
C TYR C 14 -9.90 -32.92 -13.99
N ARG C 15 -9.26 -32.07 -14.78
CA ARG C 15 -9.30 -30.64 -14.42
C ARG C 15 -10.64 -30.09 -14.91
N GLY C 16 -11.44 -30.92 -15.56
CA GLY C 16 -12.74 -30.48 -16.08
C GLY C 16 -13.61 -29.97 -14.97
N LEU C 17 -13.32 -30.39 -13.76
CA LEU C 17 -14.00 -29.84 -12.59
C LEU C 17 -13.86 -28.34 -12.48
N PHE C 18 -12.77 -27.76 -13.00
CA PHE C 18 -12.67 -26.31 -13.07
C PHE C 18 -13.71 -25.74 -14.03
N THR C 19 -13.81 -26.33 -15.22
CA THR C 19 -14.77 -25.88 -16.22
C THR C 19 -16.20 -26.03 -15.75
N ALA C 20 -16.52 -27.11 -15.04
CA ALA C 20 -17.86 -27.31 -14.52
C ALA C 20 -18.19 -26.39 -13.35
N THR C 21 -17.20 -25.94 -12.60
CA THR C 21 -17.48 -24.99 -11.50
C THR C 21 -17.61 -23.56 -12.02
N VAL C 22 -16.78 -23.14 -12.96
CA VAL C 22 -16.92 -21.78 -13.55
C VAL C 22 -18.28 -21.70 -14.20
N LEU C 23 -18.84 -22.82 -14.63
CA LEU C 23 -20.12 -22.79 -15.36
C LEU C 23 -21.29 -22.85 -14.38
N LYS C 24 -21.13 -23.38 -13.18
CA LYS C 24 -22.27 -23.33 -12.24
C LYS C 24 -22.43 -21.89 -11.80
N GLU C 25 -21.32 -21.16 -11.60
CA GLU C 25 -21.35 -19.75 -11.15
C GLU C 25 -21.90 -18.84 -12.23
N LEU C 26 -21.51 -19.07 -13.47
CA LEU C 26 -21.99 -18.24 -14.59
C LEU C 26 -23.46 -18.57 -14.81
N GLU C 27 -23.85 -19.84 -14.70
CA GLU C 27 -25.28 -20.21 -14.82
C GLU C 27 -26.10 -19.37 -13.86
N GLN C 28 -25.71 -19.26 -12.61
CA GLN C 28 -26.52 -18.51 -11.63
C GLN C 28 -26.80 -17.12 -12.19
N GLU C 29 -25.83 -16.52 -12.86
CA GLU C 29 -26.01 -15.14 -13.35
C GLU C 29 -27.05 -15.16 -14.46
N ALA C 30 -27.08 -16.22 -15.25
CA ALA C 30 -28.08 -16.36 -16.33
C ALA C 30 -29.45 -16.46 -15.71
N LYS C 31 -29.62 -17.39 -14.78
CA LYS C 31 -30.90 -17.51 -14.07
C LYS C 31 -31.25 -16.14 -13.49
N GLU C 32 -30.39 -15.59 -12.64
CA GLU C 32 -30.77 -14.35 -12.00
C GLU C 32 -31.21 -13.30 -13.01
N ASN C 33 -30.73 -13.38 -14.24
CA ASN C 33 -31.18 -12.49 -15.30
C ASN C 33 -32.40 -13.02 -16.04
N GLY C 34 -32.91 -14.18 -15.65
CA GLY C 34 -34.16 -14.69 -16.17
C GLY C 34 -34.10 -15.70 -17.29
N HIS C 35 -33.00 -16.45 -17.42
CA HIS C 35 -32.88 -17.47 -18.44
C HIS C 35 -33.11 -18.85 -17.84
N ASP C 36 -33.50 -19.78 -18.70
CA ASP C 36 -33.73 -21.16 -18.30
C ASP C 36 -32.45 -21.92 -18.01
N SER C 37 -31.42 -21.73 -18.83
CA SER C 37 -30.13 -22.36 -18.65
C SER C 37 -29.06 -21.45 -19.20
N ILE C 38 -27.80 -21.87 -19.08
CA ILE C 38 -26.67 -21.08 -19.54
C ILE C 38 -26.53 -21.26 -21.04
N ALA C 39 -27.32 -22.16 -21.62
CA ALA C 39 -27.31 -22.37 -23.06
C ALA C 39 -28.24 -21.43 -23.80
N ASP C 40 -29.00 -20.60 -23.11
CA ASP C 40 -29.87 -19.62 -23.74
C ASP C 40 -29.21 -18.28 -23.95
N CYS C 41 -27.97 -18.12 -23.48
CA CYS C 41 -27.24 -16.88 -23.61
C CYS C 41 -26.19 -16.91 -24.70
N PHE C 42 -26.01 -18.05 -25.38
CA PHE C 42 -24.93 -18.23 -26.33
C PHE C 42 -25.50 -18.70 -27.66
N ASP C 43 -24.85 -18.28 -28.76
CA ASP C 43 -25.27 -18.70 -30.08
C ASP C 43 -24.53 -19.93 -30.57
N LEU C 44 -23.42 -20.29 -29.93
CA LEU C 44 -22.63 -21.41 -30.36
C LEU C 44 -21.81 -21.90 -29.18
N ILE C 45 -21.63 -23.21 -29.11
CA ILE C 45 -20.88 -23.85 -28.03
C ILE C 45 -19.91 -24.82 -28.67
N THR C 46 -18.64 -24.60 -28.44
CA THR C 46 -17.63 -25.45 -29.07
C THR C 46 -16.87 -26.06 -27.93
N GLY C 47 -16.56 -27.34 -28.01
CA GLY C 47 -15.77 -27.97 -26.97
C GLY C 47 -14.88 -29.00 -27.56
N THR C 48 -13.84 -29.42 -26.82
CA THR C 48 -12.96 -30.51 -27.32
C THR C 48 -12.83 -31.59 -26.24
N SER C 49 -12.90 -32.86 -26.63
CA SER C 49 -12.76 -33.98 -25.67
C SER C 49 -13.75 -33.81 -24.50
N VAL C 50 -13.23 -33.77 -23.26
CA VAL C 50 -14.11 -33.64 -22.06
C VAL C 50 -14.97 -32.38 -22.21
N GLY C 51 -14.34 -31.27 -22.62
CA GLY C 51 -15.10 -30.02 -22.85
C GLY C 51 -16.31 -30.30 -23.72
N GLY C 52 -16.28 -31.42 -24.45
CA GLY C 52 -17.40 -31.79 -25.34
C GLY C 52 -18.43 -32.54 -24.56
N ILE C 53 -18.02 -33.30 -23.55
CA ILE C 53 -19.03 -33.96 -22.69
C ILE C 53 -19.69 -32.85 -21.88
N VAL C 54 -19.00 -31.74 -21.62
CA VAL C 54 -19.65 -30.64 -20.93
C VAL C 54 -20.42 -29.73 -21.88
N ALA C 55 -19.88 -29.47 -23.07
CA ALA C 55 -20.56 -28.67 -24.08
C ALA C 55 -21.87 -29.29 -24.54
N LEU C 56 -21.90 -30.60 -24.78
CA LEU C 56 -23.14 -31.26 -25.14
C LEU C 56 -24.15 -31.21 -24.00
N ALA C 57 -23.68 -31.44 -22.77
CA ALA C 57 -24.57 -31.38 -21.62
C ALA C 57 -25.13 -29.98 -21.41
N ILE C 58 -24.30 -28.96 -21.60
CA ILE C 58 -24.79 -27.58 -21.47
C ILE C 58 -25.87 -27.29 -22.50
N ALA C 59 -25.64 -27.67 -23.76
CA ALA C 59 -26.59 -27.37 -24.82
C ALA C 59 -27.86 -28.21 -24.72
N TYR C 60 -27.75 -29.46 -24.26
CA TYR C 60 -28.91 -30.31 -24.11
C TYR C 60 -29.90 -29.77 -23.09
N GLY C 61 -29.47 -28.90 -22.18
CA GLY C 61 -30.32 -28.41 -21.13
C GLY C 61 -30.06 -29.03 -19.78
N ILE C 62 -29.00 -29.84 -19.64
CA ILE C 62 -28.69 -30.47 -18.38
C ILE C 62 -28.30 -29.42 -17.35
N LYS C 63 -28.83 -29.56 -16.14
CA LYS C 63 -28.46 -28.68 -15.04
C LYS C 63 -26.98 -28.83 -14.74
N VAL C 64 -26.28 -27.70 -14.56
CA VAL C 64 -24.85 -27.73 -14.30
C VAL C 64 -24.52 -28.35 -12.95
N GLU C 65 -25.49 -28.50 -12.05
CA GLU C 65 -25.20 -29.21 -10.81
C GLU C 65 -24.82 -30.67 -11.06
N ALA C 66 -25.41 -31.32 -12.05
CA ALA C 66 -25.09 -32.70 -12.38
C ALA C 66 -23.81 -32.85 -13.18
N ILE C 67 -23.46 -31.85 -14.00
CA ILE C 67 -22.17 -31.86 -14.66
C ILE C 67 -21.04 -31.76 -13.63
N VAL C 68 -21.20 -30.94 -12.60
CA VAL C 68 -20.26 -30.94 -11.48
C VAL C 68 -20.32 -32.21 -10.66
N ASP C 69 -21.51 -32.77 -10.45
CA ASP C 69 -21.66 -34.02 -9.73
C ASP C 69 -20.90 -35.16 -10.41
N LEU C 70 -20.76 -35.10 -11.73
CA LEU C 70 -19.97 -36.09 -12.45
C LEU C 70 -18.50 -36.06 -12.08
N PHE C 71 -17.94 -34.88 -11.81
CA PHE C 71 -16.50 -34.73 -11.65
C PHE C 71 -16.02 -34.91 -10.23
N LYS C 72 -16.88 -34.75 -9.22
CA LYS C 72 -16.46 -34.86 -7.83
C LYS C 72 -17.04 -36.11 -7.15
N SER C 73 -17.73 -36.96 -7.90
CA SER C 73 -18.26 -38.19 -7.34
C SER C 73 -17.96 -39.38 -8.25
N HIS C 74 -17.75 -39.11 -9.53
CA HIS C 74 -17.46 -40.13 -10.52
C HIS C 74 -16.16 -39.83 -11.26
N GLY C 75 -15.44 -38.80 -10.82
CA GLY C 75 -14.28 -38.33 -11.58
C GLY C 75 -13.13 -39.31 -11.60
N ASP C 76 -12.89 -40.04 -10.50
CA ASP C 76 -11.78 -40.97 -10.45
C ASP C 76 -12.02 -42.16 -11.36
N LYS C 77 -13.20 -42.77 -11.27
CA LYS C 77 -13.50 -43.96 -12.05
C LYS C 77 -13.51 -43.68 -13.54
N ILE C 78 -14.08 -42.54 -13.95
CA ILE C 78 -14.13 -42.18 -15.35
C ILE C 78 -12.81 -41.59 -15.86
N PHE C 79 -12.23 -40.65 -15.12
CA PHE C 79 -11.00 -40.00 -15.57
C PHE C 79 -9.85 -40.27 -14.62
N GLY C 89 -7.38 -52.40 -20.70
CA GLY C 89 -6.94 -52.28 -22.08
C GLY C 89 -6.13 -51.02 -22.36
N SER C 90 -6.82 -49.92 -22.65
CA SER C 90 -6.20 -48.64 -22.94
C SER C 90 -6.23 -47.70 -21.74
N LYS C 91 -6.07 -48.24 -20.53
CA LYS C 91 -6.03 -47.57 -19.23
C LYS C 91 -7.43 -47.15 -18.76
N TYR C 92 -8.38 -47.15 -19.69
CA TYR C 92 -9.71 -46.65 -19.28
C TYR C 92 -10.79 -47.22 -20.19
N SER C 93 -11.51 -48.25 -19.72
CA SER C 93 -12.66 -48.78 -20.49
C SER C 93 -13.85 -47.85 -20.21
N ASN C 94 -14.37 -47.19 -21.25
CA ASN C 94 -15.43 -46.19 -21.03
C ASN C 94 -16.79 -46.83 -20.72
N GLU C 95 -16.88 -47.69 -19.69
CA GLU C 95 -18.20 -48.19 -19.33
C GLU C 95 -18.91 -47.29 -18.32
N SER C 96 -18.18 -46.76 -17.34
CA SER C 96 -18.80 -45.83 -16.39
C SER C 96 -19.21 -44.53 -17.08
N LEU C 97 -18.35 -44.02 -17.95
CA LEU C 97 -18.69 -42.83 -18.72
C LEU C 97 -19.91 -43.08 -19.59
N LYS C 98 -19.96 -44.25 -20.23
CA LYS C 98 -21.12 -44.59 -21.03
C LYS C 98 -22.38 -44.67 -20.18
N THR C 99 -22.29 -45.27 -19.00
CA THR C 99 -23.45 -45.39 -18.13
C THR C 99 -23.96 -44.00 -17.73
N VAL C 100 -23.06 -43.11 -17.34
CA VAL C 100 -23.47 -41.78 -16.90
C VAL C 100 -24.05 -40.99 -18.07
N LEU C 101 -23.52 -41.19 -19.27
CA LEU C 101 -24.03 -40.44 -20.42
C LEU C 101 -25.41 -40.92 -20.84
N GLU C 102 -25.64 -42.24 -20.84
CA GLU C 102 -27.00 -42.72 -21.06
C GLU C 102 -27.94 -42.25 -19.98
N GLU C 103 -27.46 -42.27 -18.73
CA GLU C 103 -28.24 -41.72 -17.58
C GLU C 103 -28.70 -40.31 -17.95
N TRP C 104 -27.77 -39.48 -18.43
CA TRP C 104 -28.07 -38.10 -18.80
C TRP C 104 -28.94 -38.00 -20.05
N PHE C 105 -28.42 -38.48 -21.19
CA PHE C 105 -29.08 -38.25 -22.47
C PHE C 105 -30.10 -39.33 -22.78
N GLY C 106 -29.64 -40.58 -22.88
CA GLY C 106 -30.53 -41.67 -23.23
C GLY C 106 -30.40 -42.07 -24.68
N ASP C 107 -31.43 -41.77 -25.48
CA ASP C 107 -31.44 -42.11 -26.90
C ASP C 107 -31.74 -40.88 -27.74
N SER C 108 -31.39 -39.70 -27.20
CA SER C 108 -31.60 -38.44 -27.90
C SER C 108 -30.54 -38.27 -28.98
N ILE C 109 -30.96 -37.68 -30.10
CA ILE C 109 -30.07 -37.42 -31.24
C ILE C 109 -29.48 -36.03 -31.08
N LEU C 110 -28.42 -35.76 -31.84
CA LEU C 110 -27.70 -34.50 -31.73
C LEU C 110 -28.56 -33.33 -32.20
N GLY C 111 -29.69 -33.63 -32.85
CA GLY C 111 -30.57 -32.58 -33.33
C GLY C 111 -31.57 -32.12 -32.29
N ASP C 112 -31.52 -32.73 -31.11
CA ASP C 112 -32.39 -32.36 -30.00
C ASP C 112 -31.75 -31.34 -29.08
N LEU C 113 -30.56 -30.85 -29.41
CA LEU C 113 -29.90 -29.84 -28.60
C LEU C 113 -30.60 -28.50 -28.75
N LYS C 114 -30.52 -27.70 -27.69
CA LYS C 114 -31.14 -26.37 -27.67
C LYS C 114 -30.19 -25.27 -28.10
N CYS C 115 -28.92 -25.58 -28.32
CA CYS C 115 -27.94 -24.59 -28.71
C CYS C 115 -27.02 -25.20 -29.75
N PRO C 116 -26.72 -24.48 -30.84
CA PRO C 116 -25.78 -25.01 -31.82
C PRO C 116 -24.43 -25.31 -31.19
N VAL C 117 -23.89 -26.49 -31.49
CA VAL C 117 -22.59 -26.89 -30.98
C VAL C 117 -21.73 -27.36 -32.13
N VAL C 118 -20.42 -27.26 -31.93
CA VAL C 118 -19.43 -27.79 -32.87
C VAL C 118 -18.47 -28.63 -32.04
N ILE C 119 -18.42 -29.92 -32.32
CA ILE C 119 -17.55 -30.84 -31.60
C ILE C 119 -16.48 -31.34 -32.56
N PRO C 120 -15.27 -30.79 -32.54
CA PRO C 120 -14.20 -31.32 -33.39
C PRO C 120 -13.70 -32.67 -32.88
N THR C 121 -13.16 -33.45 -33.81
CA THR C 121 -12.74 -34.82 -33.57
C THR C 121 -11.93 -35.25 -34.79
N ILE C 122 -11.20 -36.36 -34.68
CA ILE C 122 -10.40 -36.85 -35.78
C ILE C 122 -10.94 -38.21 -36.22
N ASP C 123 -11.16 -38.35 -37.53
CA ASP C 123 -11.49 -39.63 -38.15
C ASP C 123 -10.19 -40.42 -38.26
N PHE C 124 -10.05 -41.43 -37.40
CA PHE C 124 -8.87 -42.29 -37.42
C PHE C 124 -8.78 -43.10 -38.70
N THR C 125 -9.92 -43.55 -39.22
CA THR C 125 -9.96 -44.33 -40.46
C THR C 125 -9.31 -43.56 -41.60
N ARG C 126 -9.87 -42.41 -41.97
CA ARG C 126 -9.22 -41.55 -42.95
C ARG C 126 -8.07 -40.77 -42.35
N GLY C 127 -8.04 -40.61 -41.03
CA GLY C 127 -7.05 -39.77 -40.39
C GLY C 127 -7.18 -38.32 -40.77
N SER C 128 -8.40 -37.77 -40.66
CA SER C 128 -8.65 -36.41 -41.12
C SER C 128 -9.55 -35.70 -40.13
N PRO C 129 -9.50 -34.37 -40.06
CA PRO C 129 -10.38 -33.65 -39.14
C PRO C 129 -11.84 -33.85 -39.51
N VAL C 130 -12.69 -33.89 -38.48
CA VAL C 130 -14.13 -33.98 -38.60
C VAL C 130 -14.73 -33.08 -37.54
N THR C 131 -15.86 -32.45 -37.84
CA THR C 131 -16.60 -31.68 -36.86
C THR C 131 -18.04 -32.17 -36.85
N LEU C 132 -18.53 -32.53 -35.66
CA LEU C 132 -19.91 -32.94 -35.49
C LEU C 132 -20.73 -31.71 -35.11
N LYS C 133 -21.59 -31.30 -36.03
CA LYS C 133 -22.31 -30.04 -35.83
C LYS C 133 -23.80 -30.29 -35.83
N THR C 134 -24.57 -29.36 -35.25
CA THR C 134 -26.05 -29.46 -35.28
C THR C 134 -26.53 -28.79 -36.58
N PRO C 135 -27.77 -29.00 -37.05
CA PRO C 135 -28.22 -28.44 -38.33
C PRO C 135 -28.49 -26.93 -38.21
N HIS C 136 -27.42 -26.14 -38.05
CA HIS C 136 -27.59 -24.66 -37.89
C HIS C 136 -27.25 -23.96 -39.21
N ASN C 137 -27.05 -24.73 -40.28
CA ASN C 137 -26.79 -24.11 -41.60
C ASN C 137 -27.55 -24.95 -42.62
N PRO C 138 -28.04 -24.40 -43.74
CA PRO C 138 -28.68 -25.24 -44.72
C PRO C 138 -27.79 -26.41 -45.15
N ASN C 139 -26.48 -26.31 -45.00
CA ASN C 139 -25.53 -27.33 -45.52
C ASN C 139 -25.19 -28.42 -44.51
N LEU C 140 -25.76 -28.39 -43.31
CA LEU C 140 -25.42 -29.39 -42.25
C LEU C 140 -26.60 -30.35 -42.18
N LYS C 141 -26.44 -31.59 -42.65
CA LYS C 141 -27.60 -32.47 -42.80
C LYS C 141 -27.32 -33.92 -42.42
N ARG C 142 -26.20 -34.23 -41.77
CA ARG C 142 -25.92 -35.63 -41.52
C ARG C 142 -25.46 -35.92 -40.10
N ASP C 143 -25.22 -34.86 -39.33
CA ASP C 143 -24.65 -35.04 -37.97
C ASP C 143 -25.75 -34.98 -36.94
N TRP C 144 -26.92 -34.49 -37.31
CA TRP C 144 -28.00 -34.34 -36.35
C TRP C 144 -28.68 -35.67 -36.05
N LYS C 145 -28.30 -36.74 -36.74
CA LYS C 145 -28.90 -38.05 -36.56
C LYS C 145 -28.14 -38.92 -35.57
N LEU C 146 -27.00 -38.47 -35.08
CA LEU C 146 -26.15 -39.30 -34.25
C LEU C 146 -26.61 -39.28 -32.80
N LYS C 147 -26.26 -40.34 -32.07
CA LYS C 147 -26.48 -40.39 -30.63
C LYS C 147 -25.59 -39.37 -29.96
N ILE C 148 -26.15 -38.61 -29.02
CA ILE C 148 -25.33 -37.72 -28.21
C ILE C 148 -24.35 -38.53 -27.38
N VAL C 149 -24.77 -39.73 -26.96
CA VAL C 149 -23.87 -40.62 -26.24
C VAL C 149 -22.66 -41.00 -27.07
N ASP C 150 -22.86 -41.35 -28.34
CA ASP C 150 -21.76 -41.69 -29.22
C ASP C 150 -20.88 -40.50 -29.55
N VAL C 151 -21.46 -39.32 -29.74
CA VAL C 151 -20.65 -38.11 -29.92
C VAL C 151 -19.78 -37.84 -28.71
N ALA C 152 -20.35 -37.94 -27.51
CA ALA C 152 -19.61 -37.76 -26.26
C ALA C 152 -18.51 -38.80 -26.08
N LEU C 153 -18.77 -40.05 -26.44
CA LEU C 153 -17.75 -41.09 -26.37
C LEU C 153 -16.69 -40.96 -27.45
N ALA C 154 -16.99 -40.28 -28.56
CA ALA C 154 -16.03 -40.07 -29.62
C ALA C 154 -15.11 -38.89 -29.33
N THR C 155 -15.68 -37.77 -28.87
CA THR C 155 -14.87 -36.59 -28.59
C THR C 155 -13.88 -36.86 -27.46
N SER C 156 -14.31 -37.56 -26.42
CA SER C 156 -13.47 -37.89 -25.29
C SER C 156 -12.96 -39.32 -25.45
N ALA C 157 -12.14 -39.53 -26.47
CA ALA C 157 -11.54 -40.84 -26.71
C ALA C 157 -10.16 -40.70 -27.33
N ALA C 158 -9.12 -40.69 -26.49
CA ALA C 158 -7.78 -40.52 -27.00
C ALA C 158 -6.99 -41.82 -26.84
N PRO C 159 -6.00 -42.05 -27.71
CA PRO C 159 -5.12 -43.21 -27.53
C PRO C 159 -4.41 -43.13 -26.18
N THR C 160 -4.17 -44.31 -25.59
CA THR C 160 -3.65 -44.48 -24.24
C THR C 160 -4.60 -43.96 -23.17
N TYR C 161 -5.79 -43.48 -23.57
CA TYR C 161 -6.82 -43.11 -22.61
C TYR C 161 -8.07 -43.97 -22.79
N PHE C 162 -8.60 -44.01 -23.99
CA PHE C 162 -9.83 -44.74 -24.26
C PHE C 162 -9.72 -45.45 -25.60
N PRO C 163 -10.42 -46.58 -25.76
CA PRO C 163 -10.53 -47.20 -27.08
C PRO C 163 -11.25 -46.27 -28.04
N ARG C 164 -10.86 -46.34 -29.32
CA ARG C 164 -11.49 -45.50 -30.34
C ARG C 164 -12.96 -45.90 -30.51
N HIS C 165 -13.84 -44.90 -30.56
CA HIS C 165 -15.26 -45.17 -30.60
C HIS C 165 -15.77 -45.22 -32.04
N PRO C 166 -16.29 -46.36 -32.49
CA PRO C 166 -16.93 -46.47 -33.83
C PRO C 166 -18.39 -46.02 -33.86
N ILE C 167 -18.59 -44.72 -34.08
CA ILE C 167 -19.95 -44.18 -34.16
C ILE C 167 -20.75 -44.91 -35.22
N GLY C 168 -20.19 -45.03 -36.42
CA GLY C 168 -20.80 -45.78 -37.48
C GLY C 168 -19.78 -46.69 -38.13
N PRO C 169 -19.65 -46.58 -39.46
CA PRO C 169 -18.59 -47.30 -40.17
C PRO C 169 -17.18 -46.76 -39.94
N ASN C 170 -17.05 -45.63 -39.25
CA ASN C 170 -15.77 -44.97 -39.06
C ASN C 170 -15.39 -44.98 -37.59
N GLU C 171 -14.10 -45.03 -37.30
CA GLU C 171 -13.59 -44.92 -35.95
C GLU C 171 -13.08 -43.51 -35.71
N TYR C 172 -13.41 -42.92 -34.57
CA TYR C 172 -13.06 -41.55 -34.25
C TYR C 172 -12.21 -41.52 -32.98
N VAL C 173 -11.26 -40.58 -32.95
CA VAL C 173 -10.42 -40.40 -31.76
C VAL C 173 -10.72 -39.04 -31.16
N ALA C 174 -10.03 -38.70 -30.08
CA ALA C 174 -10.33 -37.47 -29.35
C ALA C 174 -10.06 -36.25 -30.22
N GLY C 175 -10.90 -35.22 -30.05
CA GLY C 175 -10.74 -33.99 -30.80
C GLY C 175 -9.66 -33.05 -30.30
N GLY C 176 -9.28 -33.16 -29.03
CA GLY C 176 -8.23 -32.32 -28.51
C GLY C 176 -6.88 -32.56 -29.15
N LEU C 177 -6.71 -33.69 -29.85
CA LEU C 177 -5.44 -33.98 -30.49
C LEU C 177 -5.10 -32.96 -31.56
N PHE C 178 -6.10 -32.55 -32.35
CA PHE C 178 -5.87 -31.55 -33.39
C PHE C 178 -6.42 -30.18 -33.01
N ALA C 179 -7.71 -30.09 -32.68
CA ALA C 179 -8.34 -28.80 -32.40
C ALA C 179 -8.32 -28.56 -30.89
N ASN C 180 -7.10 -28.46 -30.35
CA ASN C 180 -6.94 -28.38 -28.91
C ASN C 180 -7.55 -27.10 -28.35
N ASP C 181 -7.73 -26.09 -29.20
CA ASP C 181 -8.40 -24.87 -28.79
C ASP C 181 -9.77 -24.80 -29.46
N PRO C 182 -10.87 -24.86 -28.71
CA PRO C 182 -12.19 -24.79 -29.33
C PRO C 182 -12.69 -23.37 -29.50
N SER C 183 -11.82 -22.39 -29.27
CA SER C 183 -12.19 -21.00 -29.51
C SER C 183 -11.86 -20.53 -30.91
N LEU C 184 -10.90 -21.17 -31.58
CA LEU C 184 -10.70 -20.93 -33.00
C LEU C 184 -11.81 -21.54 -33.84
N ILE C 185 -12.29 -22.72 -33.45
CA ILE C 185 -13.46 -23.31 -34.10
C ILE C 185 -14.69 -22.44 -33.96
N GLY C 186 -14.95 -21.87 -32.78
CA GLY C 186 -16.09 -20.99 -32.61
C GLY C 186 -16.01 -19.76 -33.48
N LEU C 187 -14.85 -19.10 -33.48
CA LEU C 187 -14.66 -17.93 -34.33
C LEU C 187 -14.78 -18.26 -35.81
N HIS C 188 -14.17 -19.36 -36.26
CA HIS C 188 -14.28 -19.74 -37.66
C HIS C 188 -15.72 -20.06 -38.03
N GLU C 189 -16.39 -20.91 -37.28
CA GLU C 189 -17.81 -21.15 -37.60
C GLU C 189 -18.50 -19.80 -37.70
N ALA C 190 -18.49 -19.00 -36.65
CA ALA C 190 -19.18 -17.73 -36.77
C ALA C 190 -18.78 -16.96 -38.02
N ASP C 191 -17.67 -17.32 -38.66
CA ASP C 191 -17.20 -16.47 -39.78
C ASP C 191 -17.65 -17.06 -41.11
N TYR C 192 -17.90 -18.36 -41.18
CA TYR C 192 -18.22 -18.97 -42.48
C TYR C 192 -19.59 -19.66 -42.45
N MET C 193 -20.03 -20.20 -41.34
CA MET C 193 -21.38 -20.79 -41.30
C MET C 193 -22.41 -19.72 -41.01
N PHE C 194 -22.13 -18.87 -40.05
CA PHE C 194 -23.10 -17.84 -39.65
C PHE C 194 -22.95 -16.51 -40.38
N LYS C 195 -21.92 -16.39 -41.23
CA LYS C 195 -21.67 -15.14 -41.96
C LYS C 195 -21.77 -13.94 -41.03
N LYS C 196 -21.06 -14.00 -39.91
CA LYS C 196 -21.08 -12.92 -38.94
C LYS C 196 -19.85 -12.05 -39.10
N ASN C 197 -20.05 -10.74 -39.01
CA ASN C 197 -18.92 -9.82 -38.93
C ASN C 197 -18.20 -10.03 -37.62
N ILE C 198 -16.86 -9.99 -37.67
CA ILE C 198 -16.06 -10.33 -36.51
C ILE C 198 -16.25 -9.34 -35.37
N GLN C 199 -16.72 -8.13 -35.67
CA GLN C 199 -16.95 -7.17 -34.60
C GLN C 199 -18.15 -7.58 -33.74
N ASP C 200 -19.03 -8.43 -34.27
CA ASP C 200 -20.21 -8.87 -33.55
C ASP C 200 -20.01 -10.17 -32.80
N VAL C 201 -18.80 -10.74 -32.85
CA VAL C 201 -18.52 -12.02 -32.24
C VAL C 201 -17.90 -11.78 -30.86
N HIS C 202 -18.48 -12.40 -29.84
CA HIS C 202 -17.96 -12.34 -28.48
C HIS C 202 -17.70 -13.77 -28.01
N ILE C 203 -16.45 -14.09 -27.74
CA ILE C 203 -16.04 -15.44 -27.36
C ILE C 203 -15.71 -15.45 -25.88
N LEU C 204 -16.30 -16.39 -25.16
CA LEU C 204 -15.97 -16.63 -23.76
C LEU C 204 -15.43 -18.05 -23.66
N SER C 205 -14.13 -18.16 -23.40
CA SER C 205 -13.44 -19.45 -23.43
C SER C 205 -13.10 -19.87 -22.00
N ILE C 206 -13.89 -20.81 -21.47
CA ILE C 206 -13.63 -21.35 -20.15
C ILE C 206 -12.74 -22.57 -20.31
N GLY C 207 -11.43 -22.33 -20.37
CA GLY C 207 -10.48 -23.42 -20.51
C GLY C 207 -9.67 -23.64 -19.26
N THR C 208 -8.75 -24.59 -19.33
CA THR C 208 -7.87 -24.91 -18.23
C THR C 208 -6.54 -25.42 -18.77
N LEU C 209 -5.52 -25.36 -17.93
CA LEU C 209 -4.17 -25.79 -18.28
C LEU C 209 -4.02 -27.28 -17.99
N SER C 210 -3.37 -27.99 -18.91
CA SER C 210 -3.15 -29.41 -18.74
C SER C 210 -2.07 -29.66 -17.70
N SER C 211 -2.13 -30.84 -17.08
CA SER C 211 -1.15 -31.23 -16.06
C SER C 211 -0.11 -32.17 -16.64
N ALA C 236 11.17 -40.13 -24.56
CA ALA C 236 11.33 -38.83 -25.20
C ALA C 236 10.15 -38.55 -26.13
N ALA C 237 9.62 -39.59 -26.75
CA ALA C 237 8.51 -39.47 -27.69
C ALA C 237 7.26 -38.88 -27.04
N PRO C 238 6.80 -39.37 -25.87
CA PRO C 238 5.63 -38.72 -25.24
C PRO C 238 5.87 -37.27 -24.91
N ASN C 239 7.09 -36.91 -24.53
CA ASN C 239 7.43 -35.51 -24.29
C ASN C 239 7.24 -34.70 -25.57
N ILE C 240 7.66 -35.25 -26.71
CA ILE C 240 7.50 -34.56 -27.98
C ILE C 240 6.02 -34.41 -28.32
N ILE C 241 5.23 -35.45 -28.08
CA ILE C 241 3.80 -35.36 -28.36
C ILE C 241 3.15 -34.28 -27.51
N ASP C 242 3.46 -34.24 -26.21
CA ASP C 242 2.92 -33.21 -25.34
C ASP C 242 3.36 -31.81 -25.78
N LEU C 243 4.63 -31.66 -26.16
CA LEU C 243 5.11 -30.38 -26.62
C LEU C 243 4.37 -29.93 -27.87
N VAL C 244 4.16 -30.83 -28.82
CA VAL C 244 3.45 -30.50 -30.05
C VAL C 244 2.02 -30.09 -29.74
N LEU C 245 1.35 -30.84 -28.86
CA LEU C 245 -0.04 -30.53 -28.52
C LEU C 245 -0.15 -29.17 -27.85
N SER C 246 0.74 -28.88 -26.91
CA SER C 246 0.72 -27.59 -26.24
C SER C 246 1.01 -26.45 -27.22
N SER C 247 2.01 -26.64 -28.08
CA SER C 247 2.33 -25.63 -29.08
C SER C 247 1.18 -25.37 -30.03
N GLN C 248 0.46 -26.41 -30.42
CA GLN C 248 -0.67 -26.27 -31.32
C GLN C 248 -1.88 -25.62 -30.66
N GLN C 249 -2.10 -25.87 -29.37
CA GLN C 249 -3.11 -25.11 -28.65
C GLN C 249 -2.75 -23.64 -28.53
N GLN C 250 -1.50 -23.31 -28.18
CA GLN C 250 -1.10 -21.92 -28.06
C GLN C 250 -1.12 -21.17 -29.39
N PHE C 251 -0.71 -21.82 -30.47
CA PHE C 251 -0.74 -21.17 -31.78
C PHE C 251 -2.15 -20.72 -32.16
N MET C 252 -3.12 -21.62 -32.03
CA MET C 252 -4.49 -21.28 -32.37
C MET C 252 -5.09 -20.28 -31.38
N GLU C 253 -4.77 -20.39 -30.09
CA GLU C 253 -5.22 -19.39 -29.13
C GLU C 253 -4.69 -18.01 -29.45
N GLN C 254 -3.42 -17.91 -29.83
CA GLN C 254 -2.86 -16.60 -30.16
C GLN C 254 -3.45 -16.07 -31.46
N MET C 255 -3.77 -16.96 -32.40
CA MET C 255 -4.47 -16.48 -33.60
C MET C 255 -5.83 -15.89 -33.25
N VAL C 256 -6.59 -16.55 -32.37
CA VAL C 256 -7.87 -15.98 -31.95
C VAL C 256 -7.66 -14.65 -31.23
N LYS C 257 -6.68 -14.57 -30.35
CA LYS C 257 -6.40 -13.33 -29.65
C LYS C 257 -6.02 -12.20 -30.59
N HIS C 258 -5.24 -12.49 -31.63
CA HIS C 258 -4.87 -11.51 -32.64
C HIS C 258 -6.05 -11.03 -33.47
N ARG C 259 -6.93 -11.94 -33.88
CA ARG C 259 -8.06 -11.52 -34.70
C ARG C 259 -9.07 -10.69 -33.91
N MET C 260 -9.00 -10.72 -32.57
CA MET C 260 -9.97 -10.06 -31.72
C MET C 260 -9.35 -8.92 -30.92
N GLU C 261 -8.16 -8.47 -31.32
CA GLU C 261 -7.54 -7.33 -30.66
C GLU C 261 -8.15 -5.99 -31.08
N PRO C 262 -8.52 -5.80 -32.36
CA PRO C 262 -9.16 -4.52 -32.73
C PRO C 262 -10.47 -4.25 -32.00
N PHE C 263 -11.08 -5.27 -31.41
CA PHE C 263 -12.33 -5.11 -30.68
C PHE C 263 -12.09 -5.44 -29.21
N PRO C 264 -12.07 -4.45 -28.32
CA PRO C 264 -11.64 -4.70 -26.94
C PRO C 264 -12.61 -5.61 -26.20
N ASN C 265 -12.05 -6.54 -25.43
CA ASN C 265 -12.80 -7.36 -24.48
C ASN C 265 -13.82 -8.27 -25.17
N GLN C 266 -13.66 -8.50 -26.47
CA GLN C 266 -14.55 -9.40 -27.20
C GLN C 266 -14.07 -10.84 -27.20
N PHE C 267 -12.90 -11.11 -26.63
CA PHE C 267 -12.45 -12.48 -26.39
C PHE C 267 -11.84 -12.52 -25.00
N TYR C 268 -12.54 -13.15 -24.07
CA TYR C 268 -12.07 -13.28 -22.70
C TYR C 268 -11.99 -14.76 -22.35
N LYS C 269 -10.84 -15.17 -21.83
CA LYS C 269 -10.61 -16.57 -21.46
C LYS C 269 -10.60 -16.68 -19.95
N ILE C 270 -11.50 -17.49 -19.42
CA ILE C 270 -11.56 -17.75 -17.98
C ILE C 270 -10.61 -18.92 -17.69
N ASP C 271 -9.35 -18.61 -17.46
CA ASP C 271 -8.34 -19.61 -17.17
C ASP C 271 -7.91 -19.53 -15.71
N GLU C 272 -7.45 -20.65 -15.19
CA GLU C 272 -6.90 -20.69 -13.83
C GLU C 272 -5.46 -20.16 -13.82
N GLN C 273 -5.32 -18.90 -14.23
CA GLN C 273 -4.04 -18.19 -14.11
C GLN C 273 -3.67 -17.92 -12.66
N ILE C 274 -4.46 -18.41 -11.71
CA ILE C 274 -4.16 -18.22 -10.30
C ILE C 274 -3.50 -19.45 -9.70
N VAL C 275 -3.71 -20.62 -10.31
CA VAL C 275 -3.05 -21.84 -9.83
C VAL C 275 -1.57 -21.81 -10.17
N GLN C 276 -1.21 -21.15 -11.28
CA GLN C 276 0.21 -20.93 -11.57
C GLN C 276 0.81 -19.88 -10.64
N ALA C 277 -0.03 -19.03 -10.05
CA ALA C 277 0.39 -18.09 -9.01
C ALA C 277 0.06 -18.63 -7.62
N SER C 278 -0.43 -19.86 -7.52
CA SER C 278 -0.77 -20.45 -6.23
C SER C 278 0.48 -20.87 -5.48
N ALA C 279 0.79 -20.16 -4.39
CA ALA C 279 1.94 -20.48 -3.55
C ALA C 279 1.80 -21.84 -2.87
N GLN C 280 0.59 -22.37 -2.80
CA GLN C 280 0.37 -23.67 -2.19
C GLN C 280 -0.27 -24.65 -3.18
N SER C 288 -7.70 -37.77 -3.66
CA SER C 288 -7.70 -36.60 -4.53
C SER C 288 -8.72 -35.57 -4.07
N ASP C 289 -9.19 -35.72 -2.83
CA ASP C 289 -10.13 -34.74 -2.27
C ASP C 289 -9.50 -33.37 -2.13
N ALA C 290 -8.23 -33.31 -1.76
CA ALA C 290 -7.53 -32.03 -1.71
C ALA C 290 -7.49 -31.39 -3.09
N ALA C 291 -7.18 -32.17 -4.12
CA ALA C 291 -7.18 -31.64 -5.48
C ALA C 291 -8.56 -31.18 -5.89
N LYS C 292 -9.61 -31.87 -5.45
CA LYS C 292 -10.97 -31.37 -5.68
C LYS C 292 -11.15 -30.01 -5.05
N GLN C 293 -10.62 -29.84 -3.83
CA GLN C 293 -10.72 -28.54 -3.16
C GLN C 293 -10.03 -27.44 -3.97
N VAL C 294 -8.80 -27.70 -4.42
CA VAL C 294 -8.09 -26.67 -5.19
C VAL C 294 -8.82 -26.36 -6.49
N LEU C 295 -9.27 -27.39 -7.21
CA LEU C 295 -9.95 -27.17 -8.48
C LEU C 295 -11.24 -26.37 -8.30
N GLU C 296 -12.05 -26.78 -7.32
CA GLU C 296 -13.33 -26.09 -7.04
C GLU C 296 -13.05 -24.63 -6.65
N GLY C 297 -12.14 -24.41 -5.70
CA GLY C 297 -11.85 -23.07 -5.24
C GLY C 297 -11.32 -22.18 -6.34
N ASN C 298 -10.44 -22.74 -7.19
CA ASN C 298 -9.95 -21.99 -8.34
C ASN C 298 -11.07 -21.64 -9.31
N GLY C 299 -11.98 -22.57 -9.55
CA GLY C 299 -13.12 -22.27 -10.41
C GLY C 299 -13.99 -21.17 -9.84
N ILE C 300 -14.28 -21.24 -8.55
CA ILE C 300 -15.11 -20.22 -7.92
C ILE C 300 -14.43 -18.86 -7.97
N GLN C 301 -13.12 -18.81 -7.69
CA GLN C 301 -12.40 -17.54 -7.74
C GLN C 301 -12.34 -16.97 -9.15
N SER C 302 -12.06 -17.81 -10.15
CA SER C 302 -12.03 -17.33 -11.53
C SER C 302 -13.38 -16.83 -11.99
N ALA C 303 -14.46 -17.53 -11.62
CA ALA C 303 -15.79 -17.05 -11.97
C ALA C 303 -16.12 -15.74 -11.26
N LYS C 304 -15.68 -15.61 -10.01
CA LYS C 304 -15.87 -14.34 -9.29
C LYS C 304 -15.15 -13.22 -10.00
N VAL C 305 -13.90 -13.44 -10.42
CA VAL C 305 -13.16 -12.44 -11.15
C VAL C 305 -13.85 -12.08 -12.47
N ALA C 306 -14.35 -13.09 -13.20
CA ALA C 306 -15.05 -12.85 -14.45
C ALA C 306 -16.33 -12.05 -14.27
N LEU C 307 -17.13 -12.37 -13.25
CA LEU C 307 -18.38 -11.66 -13.03
C LEU C 307 -18.17 -10.23 -12.58
N GLY C 308 -16.96 -9.86 -12.17
CA GLY C 308 -16.68 -8.48 -11.83
C GLY C 308 -16.48 -7.57 -13.00
N LYS C 309 -16.50 -8.15 -14.22
CA LYS C 309 -16.25 -7.40 -15.48
C LYS C 309 -17.57 -7.19 -16.19
N ASP C 310 -17.98 -5.95 -16.43
CA ASP C 310 -19.32 -5.68 -16.93
C ASP C 310 -19.56 -6.35 -18.28
N PHE C 311 -18.53 -6.45 -19.12
CA PHE C 311 -18.73 -7.07 -20.42
C PHE C 311 -19.01 -8.56 -20.31
N ILE C 312 -18.52 -9.23 -19.27
CA ILE C 312 -18.91 -10.62 -19.03
C ILE C 312 -20.34 -10.69 -18.53
N ARG C 313 -20.73 -9.78 -17.64
CA ARG C 313 -22.10 -9.75 -17.14
C ARG C 313 -23.09 -9.40 -18.24
N ASN C 314 -22.64 -8.79 -19.33
CA ASN C 314 -23.53 -8.42 -20.42
C ASN C 314 -23.82 -9.58 -21.35
N TYR C 315 -23.17 -10.73 -21.16
CA TYR C 315 -23.53 -11.93 -21.92
C TYR C 315 -24.88 -12.48 -21.50
N PHE C 316 -25.30 -12.21 -20.26
CA PHE C 316 -26.45 -12.87 -19.67
C PHE C 316 -27.63 -11.95 -19.44
N ASN C 317 -27.50 -10.65 -19.70
CA ASN C 317 -28.59 -9.71 -19.45
C ASN C 317 -29.35 -9.36 -20.73
N GLN C 318 -29.54 -10.33 -21.61
CA GLN C 318 -30.14 -10.08 -22.92
C GLN C 318 -31.37 -10.95 -23.10
N PRO C 319 -32.26 -10.58 -24.03
CA PRO C 319 -33.40 -11.45 -24.32
C PRO C 319 -32.94 -12.80 -24.85
N SER C 320 -33.73 -13.83 -24.53
CA SER C 320 -33.37 -15.19 -24.90
C SER C 320 -33.15 -15.30 -26.40
N ARG C 321 -32.08 -15.98 -26.79
CA ARG C 321 -31.72 -16.05 -28.20
C ARG C 321 -32.66 -16.97 -28.95
N LYS C 322 -32.94 -16.64 -30.20
CA LYS C 322 -33.84 -17.40 -31.04
C LYS C 322 -33.02 -18.20 -32.05
N ARG C 323 -33.27 -19.51 -32.11
CA ARG C 323 -32.48 -20.41 -32.92
C ARG C 323 -33.09 -20.58 -34.30
N GLU C 324 -32.25 -20.91 -35.28
CA GLU C 324 -32.70 -21.22 -36.63
C GLU C 324 -32.15 -22.59 -37.00
N TRP C 325 -32.99 -23.62 -36.85
CA TRP C 325 -32.62 -24.98 -37.20
C TRP C 325 -33.09 -25.28 -38.61
N PHE C 326 -32.18 -25.77 -39.45
CA PHE C 326 -32.48 -25.99 -40.85
C PHE C 326 -32.75 -27.46 -41.18
N ASP C 327 -32.78 -28.32 -40.17
CA ASP C 327 -33.04 -29.74 -40.37
C ASP C 327 -33.23 -30.36 -39.00
N GLY C 328 -33.66 -31.61 -38.98
CA GLY C 328 -33.89 -32.32 -37.75
C GLY C 328 -35.26 -32.06 -37.16
N PRO C 329 -35.54 -32.62 -35.99
CA PRO C 329 -36.87 -32.50 -35.40
C PRO C 329 -37.26 -31.07 -35.04
N GLN C 330 -36.30 -30.17 -34.85
CA GLN C 330 -36.60 -28.79 -34.47
C GLN C 330 -36.52 -27.82 -35.64
N LYS C 331 -36.75 -28.30 -36.86
CA LYS C 331 -36.60 -27.48 -38.04
C LYS C 331 -37.54 -26.28 -38.00
N ASN C 332 -36.97 -25.08 -37.99
CA ASN C 332 -37.72 -23.83 -37.99
C ASN C 332 -37.82 -23.21 -39.36
N VAL C 333 -36.82 -23.43 -40.22
CA VAL C 333 -36.79 -22.82 -41.53
C VAL C 333 -37.23 -23.82 -42.60
N MET D 1 -6.11 0.25 -53.07
CA MET D 1 -6.36 -1.19 -53.13
C MET D 1 -5.54 -1.89 -54.20
N GLU D 2 -4.37 -2.39 -53.83
CA GLU D 2 -3.60 -3.22 -54.74
C GLU D 2 -3.38 -4.57 -54.06
N LYS D 3 -3.23 -5.61 -54.88
CA LYS D 3 -3.29 -6.98 -54.40
C LYS D 3 -2.11 -7.31 -53.51
N PHE D 4 -2.38 -7.87 -52.35
CA PHE D 4 -1.33 -8.32 -51.42
C PHE D 4 -1.12 -9.81 -51.68
N GLN D 5 0.01 -10.16 -52.30
CA GLN D 5 0.26 -11.52 -52.75
C GLN D 5 1.22 -12.22 -51.81
N ILE D 6 0.88 -13.46 -51.44
CA ILE D 6 1.64 -14.25 -50.49
C ILE D 6 2.07 -15.54 -51.17
N LEU D 7 3.30 -15.95 -50.90
CA LEU D 7 3.84 -17.22 -51.39
C LEU D 7 4.09 -18.11 -50.20
N ALA D 8 3.30 -19.18 -50.09
CA ALA D 8 3.34 -20.07 -48.93
C ALA D 8 3.99 -21.39 -49.35
N LEU D 9 5.32 -21.45 -49.22
CA LEU D 9 6.06 -22.65 -49.68
C LEU D 9 5.94 -23.77 -48.64
N SER D 10 4.98 -24.68 -48.83
CA SER D 10 4.86 -25.84 -47.93
C SER D 10 5.73 -26.99 -48.48
N GLY D 11 6.35 -27.77 -47.61
CA GLY D 11 7.26 -28.84 -48.08
C GLY D 11 7.83 -29.68 -46.95
N GLY D 12 8.26 -30.90 -47.26
CA GLY D 12 8.86 -31.77 -46.26
C GLY D 12 9.87 -32.71 -46.86
N GLY D 13 11.12 -32.53 -46.43
CA GLY D 13 12.19 -33.41 -46.90
C GLY D 13 12.47 -33.30 -48.40
N TYR D 14 12.75 -34.43 -49.05
CA TYR D 14 13.18 -34.43 -50.48
C TYR D 14 12.02 -34.20 -51.41
N ARG D 15 10.79 -34.28 -50.93
CA ARG D 15 9.68 -33.93 -51.85
C ARG D 15 9.83 -32.45 -52.20
N GLY D 16 10.75 -31.77 -51.51
CA GLY D 16 10.99 -30.33 -51.76
C GLY D 16 11.50 -30.10 -53.17
N LEU D 17 11.81 -31.16 -53.90
CA LEU D 17 12.23 -30.95 -55.32
C LEU D 17 11.01 -30.52 -56.14
N PHE D 18 9.80 -30.84 -55.69
CA PHE D 18 8.59 -30.36 -56.40
C PHE D 18 8.52 -28.83 -56.25
N THR D 19 8.57 -28.33 -55.02
CA THR D 19 8.51 -26.88 -54.74
C THR D 19 9.64 -26.18 -55.48
N ALA D 20 10.84 -26.76 -55.47
CA ALA D 20 11.99 -26.08 -56.10
C ALA D 20 11.78 -26.07 -57.60
N THR D 21 11.20 -27.14 -58.15
CA THR D 21 10.92 -27.20 -59.58
C THR D 21 9.76 -26.30 -59.97
N VAL D 22 8.68 -26.29 -59.20
CA VAL D 22 7.59 -25.36 -59.48
C VAL D 22 8.06 -23.92 -59.39
N LEU D 23 8.89 -23.59 -58.39
CA LEU D 23 9.47 -22.28 -58.25
C LEU D 23 10.40 -21.91 -59.40
N LYS D 24 11.24 -22.85 -59.86
CA LYS D 24 12.06 -22.61 -61.03
C LYS D 24 11.25 -22.36 -62.28
N GLU D 25 10.11 -23.03 -62.43
CA GLU D 25 9.23 -22.79 -63.56
C GLU D 25 8.48 -21.47 -63.47
N LEU D 26 8.11 -21.04 -62.27
CA LEU D 26 7.46 -19.74 -62.11
C LEU D 26 8.44 -18.59 -62.24
N GLU D 27 9.72 -18.82 -61.91
CA GLU D 27 10.74 -17.82 -62.19
C GLU D 27 10.77 -17.45 -63.66
N GLN D 28 10.49 -18.41 -64.54
CA GLN D 28 10.53 -18.12 -65.97
C GLN D 28 9.52 -17.04 -66.32
N GLU D 29 8.28 -17.18 -65.84
CA GLU D 29 7.28 -16.15 -66.05
C GLU D 29 7.68 -14.85 -65.36
N ALA D 30 8.23 -14.94 -64.16
CA ALA D 30 8.60 -13.75 -63.41
C ALA D 30 9.61 -12.90 -64.18
N LYS D 31 10.65 -13.56 -64.73
CA LYS D 31 11.64 -12.85 -65.52
C LYS D 31 11.09 -12.39 -66.86
N GLU D 32 10.30 -13.24 -67.53
CA GLU D 32 9.72 -12.85 -68.81
C GLU D 32 8.84 -11.63 -68.68
N ASN D 33 8.26 -11.39 -67.51
CA ASN D 33 7.50 -10.18 -67.27
C ASN D 33 8.34 -9.02 -66.77
N GLY D 34 9.65 -9.22 -66.63
CA GLY D 34 10.56 -8.14 -66.33
C GLY D 34 10.98 -7.96 -64.88
N HIS D 35 10.92 -9.01 -64.06
CA HIS D 35 11.33 -8.91 -62.67
C HIS D 35 12.71 -9.52 -62.49
N ASP D 36 13.40 -9.08 -61.43
CA ASP D 36 14.72 -9.58 -61.11
C ASP D 36 14.70 -11.00 -60.56
N SER D 37 13.73 -11.30 -59.69
CA SER D 37 13.59 -12.62 -59.11
C SER D 37 12.11 -12.87 -58.83
N ILE D 38 11.81 -14.06 -58.33
CA ILE D 38 10.43 -14.43 -58.04
C ILE D 38 10.02 -13.82 -56.70
N ALA D 39 10.97 -13.20 -56.01
CA ALA D 39 10.71 -12.53 -54.75
C ALA D 39 10.24 -11.09 -54.92
N ASP D 40 10.22 -10.57 -56.15
CA ASP D 40 9.74 -9.23 -56.42
C ASP D 40 8.27 -9.19 -56.76
N CYS D 41 7.61 -10.35 -56.84
CA CYS D 41 6.21 -10.43 -57.17
C CYS D 41 5.32 -10.69 -55.96
N PHE D 42 5.90 -10.86 -54.77
CA PHE D 42 5.16 -11.27 -53.60
C PHE D 42 5.42 -10.29 -52.46
N ASP D 43 4.42 -10.08 -51.62
CA ASP D 43 4.56 -9.21 -50.47
C ASP D 43 4.96 -9.96 -49.20
N LEU D 44 4.84 -11.27 -49.20
CA LEU D 44 5.14 -12.06 -48.02
C LEU D 44 5.44 -13.48 -48.46
N ILE D 45 6.39 -14.11 -47.77
CA ILE D 45 6.81 -15.47 -48.08
C ILE D 45 6.84 -16.23 -46.76
N THR D 46 6.03 -17.26 -46.70
CA THR D 46 5.91 -18.03 -45.46
C THR D 46 6.27 -19.46 -45.82
N GLY D 47 7.11 -20.09 -45.04
CA GLY D 47 7.41 -21.50 -45.29
C GLY D 47 7.74 -22.20 -44.01
N THR D 48 7.45 -23.49 -43.94
CA THR D 48 7.87 -24.25 -42.76
C THR D 48 8.71 -25.42 -43.25
N SER D 49 9.57 -25.96 -42.40
CA SER D 49 10.36 -27.14 -42.79
C SER D 49 11.27 -26.72 -43.94
N VAL D 50 11.61 -27.67 -44.82
CA VAL D 50 12.52 -27.35 -45.96
C VAL D 50 11.95 -26.14 -46.70
N GLY D 51 10.64 -25.94 -46.61
CA GLY D 51 10.02 -24.75 -47.22
C GLY D 51 10.66 -23.48 -46.68
N GLY D 52 10.88 -23.44 -45.36
CA GLY D 52 11.58 -22.28 -44.76
C GLY D 52 12.90 -22.02 -45.45
N ILE D 53 13.76 -23.04 -45.55
CA ILE D 53 15.04 -22.90 -46.27
C ILE D 53 14.74 -22.32 -47.67
N VAL D 54 13.91 -22.98 -48.47
CA VAL D 54 13.62 -22.46 -49.80
C VAL D 54 13.03 -21.05 -49.74
N ALA D 55 12.18 -20.76 -48.77
CA ALA D 55 11.61 -19.44 -48.60
C ALA D 55 12.66 -18.37 -48.30
N LEU D 56 13.63 -18.69 -47.44
CA LEU D 56 14.71 -17.74 -47.16
C LEU D 56 15.57 -17.54 -48.40
N ALA D 57 15.87 -18.62 -49.12
CA ALA D 57 16.67 -18.51 -50.34
C ALA D 57 15.94 -17.70 -51.40
N ILE D 58 14.63 -17.90 -51.54
CA ILE D 58 13.87 -17.12 -52.52
C ILE D 58 13.92 -15.63 -52.17
N ALA D 59 13.70 -15.29 -50.90
CA ALA D 59 13.66 -13.89 -50.50
C ALA D 59 15.03 -13.24 -50.52
N TYR D 60 16.08 -13.99 -50.20
CA TYR D 60 17.43 -13.45 -50.23
C TYR D 60 17.87 -13.02 -51.62
N GLY D 61 17.23 -13.53 -52.67
CA GLY D 61 17.63 -13.26 -54.03
C GLY D 61 18.40 -14.37 -54.70
N ILE D 62 18.48 -15.54 -54.06
CA ILE D 62 19.20 -16.67 -54.64
C ILE D 62 18.48 -17.14 -55.89
N LYS D 63 19.25 -17.41 -56.95
CA LYS D 63 18.70 -17.97 -58.16
C LYS D 63 18.10 -19.34 -57.88
N VAL D 64 16.90 -19.59 -58.40
CA VAL D 64 16.23 -20.86 -58.16
C VAL D 64 16.94 -22.03 -58.81
N GLU D 65 17.86 -21.80 -59.74
CA GLU D 65 18.64 -22.91 -60.26
C GLU D 65 19.49 -23.58 -59.19
N ALA D 66 20.02 -22.82 -58.24
CA ALA D 66 20.81 -23.37 -57.15
C ALA D 66 19.98 -24.01 -56.06
N ILE D 67 18.77 -23.51 -55.82
CA ILE D 67 17.87 -24.17 -54.91
C ILE D 67 17.48 -25.56 -55.43
N VAL D 68 17.25 -25.69 -56.74
CA VAL D 68 17.08 -27.01 -57.34
C VAL D 68 18.36 -27.82 -57.35
N ASP D 69 19.50 -27.19 -57.57
CA ASP D 69 20.79 -27.88 -57.53
C ASP D 69 21.05 -28.52 -56.18
N LEU D 70 20.53 -27.92 -55.10
CA LEU D 70 20.65 -28.50 -53.77
C LEU D 70 19.93 -29.84 -53.64
N PHE D 71 18.79 -30.00 -54.31
CA PHE D 71 17.94 -31.16 -54.08
C PHE D 71 18.25 -32.35 -54.98
N LYS D 72 18.90 -32.14 -56.11
CA LYS D 72 19.19 -33.23 -57.04
C LYS D 72 20.68 -33.55 -57.10
N SER D 73 21.50 -32.91 -56.27
CA SER D 73 22.92 -33.22 -56.23
C SER D 73 23.40 -33.38 -54.79
N HIS D 74 22.67 -32.78 -53.85
CA HIS D 74 23.02 -32.84 -52.43
C HIS D 74 21.84 -33.37 -51.61
N GLY D 75 20.78 -33.81 -52.28
CA GLY D 75 19.56 -34.17 -51.58
C GLY D 75 19.68 -35.39 -50.69
N ASP D 76 20.46 -36.39 -51.13
CA ASP D 76 20.60 -37.61 -50.34
C ASP D 76 21.37 -37.35 -49.05
N LYS D 77 22.51 -36.69 -49.17
CA LYS D 77 23.38 -36.46 -48.01
C LYS D 77 22.69 -35.57 -46.97
N ILE D 78 22.00 -34.53 -47.42
CA ILE D 78 21.30 -33.63 -46.50
C ILE D 78 19.98 -34.19 -46.02
N PHE D 79 19.15 -34.71 -46.92
CA PHE D 79 17.84 -35.21 -46.54
C PHE D 79 17.71 -36.70 -46.81
N GLY D 89 23.94 -39.60 -34.85
CA GLY D 89 23.19 -39.20 -33.68
C GLY D 89 21.68 -39.26 -33.88
N SER D 90 21.13 -38.18 -34.44
CA SER D 90 19.70 -38.07 -34.69
C SER D 90 19.35 -38.35 -36.15
N LYS D 91 20.05 -39.30 -36.78
CA LYS D 91 19.90 -39.78 -38.16
C LYS D 91 20.48 -38.79 -39.16
N TYR D 92 20.87 -37.59 -38.74
CA TYR D 92 21.57 -36.64 -39.60
C TYR D 92 22.47 -35.78 -38.74
N SER D 93 23.47 -35.17 -39.37
CA SER D 93 24.49 -34.41 -38.67
C SER D 93 24.47 -32.92 -39.02
N ASN D 94 23.66 -32.52 -40.00
CA ASN D 94 23.41 -31.12 -40.32
C ASN D 94 24.64 -30.40 -40.89
N GLU D 95 25.77 -31.10 -41.00
CA GLU D 95 26.99 -30.42 -41.42
C GLU D 95 26.99 -30.09 -42.91
N SER D 96 26.48 -30.99 -43.75
CA SER D 96 26.38 -30.69 -45.17
C SER D 96 25.39 -29.56 -45.43
N LEU D 97 24.25 -29.60 -44.75
CA LEU D 97 23.27 -28.53 -44.87
C LEU D 97 23.86 -27.20 -44.40
N LYS D 98 24.60 -27.24 -43.29
CA LYS D 98 25.27 -26.03 -42.83
C LYS D 98 26.26 -25.52 -43.85
N THR D 99 27.06 -26.41 -44.45
CA THR D 99 28.04 -25.98 -45.43
C THR D 99 27.37 -25.32 -46.63
N VAL D 100 26.30 -25.93 -47.14
CA VAL D 100 25.62 -25.38 -48.31
C VAL D 100 24.96 -24.04 -47.96
N LEU D 101 24.45 -23.90 -46.74
CA LEU D 101 23.80 -22.65 -46.37
C LEU D 101 24.80 -21.51 -46.20
N GLU D 102 25.96 -21.79 -45.58
CA GLU D 102 27.01 -20.78 -45.56
C GLU D 102 27.49 -20.44 -46.96
N GLU D 103 27.62 -21.47 -47.79
CA GLU D 103 27.97 -21.29 -49.23
C GLU D 103 27.01 -20.25 -49.83
N TRP D 104 25.70 -20.43 -49.59
CA TRP D 104 24.68 -19.53 -50.11
C TRP D 104 24.69 -18.17 -49.42
N PHE D 105 24.44 -18.15 -48.12
CA PHE D 105 24.22 -16.88 -47.41
C PHE D 105 25.52 -16.30 -46.91
N GLY D 106 26.21 -17.03 -46.04
CA GLY D 106 27.44 -16.52 -45.45
C GLY D 106 27.24 -16.00 -44.05
N ASP D 107 27.32 -14.69 -43.87
CA ASP D 107 27.16 -14.04 -42.58
C ASP D 107 26.10 -12.95 -42.66
N SER D 108 25.17 -13.09 -43.59
CA SER D 108 24.08 -12.15 -43.75
C SER D 108 23.03 -12.36 -42.66
N ILE D 109 22.46 -11.25 -42.20
CA ILE D 109 21.43 -11.25 -41.17
C ILE D 109 20.06 -11.31 -41.85
N LEU D 110 19.05 -11.66 -41.07
CA LEU D 110 17.70 -11.84 -41.60
C LEU D 110 17.11 -10.52 -42.09
N GLY D 111 17.76 -9.42 -41.75
CA GLY D 111 17.29 -8.12 -42.20
C GLY D 111 17.79 -7.73 -43.56
N ASP D 112 18.60 -8.58 -44.18
CA ASP D 112 19.13 -8.36 -45.51
C ASP D 112 18.26 -8.99 -46.60
N LEU D 113 17.13 -9.58 -46.22
CA LEU D 113 16.23 -10.17 -47.19
C LEU D 113 15.51 -9.09 -47.99
N LYS D 114 15.17 -9.42 -49.23
CA LYS D 114 14.50 -8.50 -50.13
C LYS D 114 12.98 -8.65 -50.09
N CYS D 115 12.46 -9.63 -49.35
CA CYS D 115 11.03 -9.85 -49.28
C CYS D 115 10.69 -10.23 -47.84
N PRO D 116 9.62 -9.66 -47.27
CA PRO D 116 9.23 -10.06 -45.92
C PRO D 116 8.92 -11.55 -45.86
N VAL D 117 9.45 -12.21 -44.85
CA VAL D 117 9.21 -13.64 -44.64
C VAL D 117 8.75 -13.87 -43.22
N VAL D 118 8.02 -14.96 -43.04
CA VAL D 118 7.60 -15.43 -41.73
C VAL D 118 8.00 -16.89 -41.65
N ILE D 119 8.88 -17.22 -40.72
CA ILE D 119 9.34 -18.60 -40.56
C ILE D 119 8.87 -19.11 -39.20
N PRO D 120 7.77 -19.87 -39.15
CA PRO D 120 7.35 -20.45 -37.88
C PRO D 120 8.27 -21.57 -37.42
N THR D 121 8.30 -21.78 -36.11
CA THR D 121 9.22 -22.69 -35.45
C THR D 121 8.74 -22.84 -34.01
N ILE D 122 9.24 -23.86 -33.30
CA ILE D 122 8.85 -24.07 -31.91
C ILE D 122 10.06 -23.88 -31.02
N ASP D 123 9.88 -23.07 -29.97
CA ASP D 123 10.87 -22.93 -28.90
C ASP D 123 10.75 -24.15 -28.01
N PHE D 124 11.73 -25.06 -28.12
CA PHE D 124 11.75 -26.27 -27.30
C PHE D 124 11.94 -25.95 -25.83
N THR D 125 12.75 -24.93 -25.53
CA THR D 125 13.00 -24.53 -24.14
C THR D 125 11.69 -24.19 -23.44
N ARG D 126 11.00 -23.15 -23.92
CA ARG D 126 9.67 -22.86 -23.39
C ARG D 126 8.61 -23.81 -23.93
N GLY D 127 8.87 -24.46 -25.06
CA GLY D 127 7.88 -25.29 -25.71
C GLY D 127 6.70 -24.49 -26.21
N SER D 128 6.97 -23.41 -26.95
CA SER D 128 5.91 -22.51 -27.37
C SER D 128 6.15 -22.07 -28.81
N PRO D 129 5.11 -21.70 -29.54
CA PRO D 129 5.30 -21.23 -30.92
C PRO D 129 6.15 -19.97 -30.97
N VAL D 130 6.96 -19.86 -32.03
CA VAL D 130 7.79 -18.70 -32.31
C VAL D 130 7.73 -18.48 -33.81
N THR D 131 7.76 -17.23 -34.23
CA THR D 131 7.86 -16.89 -35.65
C THR D 131 9.04 -15.94 -35.83
N LEU D 132 9.95 -16.30 -36.73
CA LEU D 132 11.07 -15.45 -37.07
C LEU D 132 10.68 -14.58 -38.26
N LYS D 133 10.58 -13.29 -38.05
CA LYS D 133 10.02 -12.41 -39.07
C LYS D 133 10.99 -11.31 -39.43
N THR D 134 11.04 -10.92 -40.70
CA THR D 134 11.87 -9.74 -41.08
C THR D 134 11.28 -8.50 -40.40
N PRO D 135 12.02 -7.38 -40.29
CA PRO D 135 11.46 -6.16 -39.69
C PRO D 135 10.44 -5.52 -40.63
N HIS D 136 9.27 -6.15 -40.80
CA HIS D 136 8.28 -5.62 -41.77
C HIS D 136 7.15 -4.90 -41.03
N ASN D 137 7.14 -4.91 -39.69
CA ASN D 137 6.11 -4.09 -38.99
C ASN D 137 6.84 -3.22 -37.99
N PRO D 138 6.31 -2.07 -37.57
CA PRO D 138 6.98 -1.28 -36.57
C PRO D 138 7.26 -2.11 -35.31
N ASN D 139 6.56 -3.21 -35.10
CA ASN D 139 6.65 -4.03 -33.86
C ASN D 139 7.65 -5.16 -33.92
N LEU D 140 8.30 -5.40 -35.05
CA LEU D 140 9.26 -6.51 -35.22
C LEU D 140 10.66 -5.89 -35.14
N LYS D 141 11.39 -6.14 -34.05
CA LYS D 141 12.66 -5.47 -33.82
C LYS D 141 13.75 -6.37 -33.28
N ARG D 142 13.59 -7.69 -33.30
CA ARG D 142 14.61 -8.53 -32.67
C ARG D 142 15.01 -9.73 -33.52
N ASP D 143 14.30 -9.98 -34.60
CA ASP D 143 14.58 -11.20 -35.40
C ASP D 143 15.34 -10.83 -36.67
N TRP D 144 15.54 -9.55 -36.93
CA TRP D 144 16.33 -9.16 -38.09
C TRP D 144 17.82 -9.23 -37.83
N LYS D 145 18.24 -9.53 -36.60
CA LYS D 145 19.64 -9.61 -36.25
C LYS D 145 20.21 -11.01 -36.35
N LEU D 146 19.37 -12.01 -36.64
CA LEU D 146 19.83 -13.39 -36.60
C LEU D 146 20.51 -13.78 -37.91
N LYS D 147 21.36 -14.79 -37.82
CA LYS D 147 21.96 -15.38 -39.01
C LYS D 147 20.88 -16.09 -39.81
N ILE D 148 20.89 -15.88 -41.14
CA ILE D 148 19.99 -16.64 -42.00
C ILE D 148 20.35 -18.12 -41.94
N VAL D 149 21.64 -18.43 -41.76
CA VAL D 149 22.07 -19.81 -41.60
C VAL D 149 21.45 -20.44 -40.38
N ASP D 150 21.44 -19.74 -39.24
CA ASP D 150 20.84 -20.26 -38.02
C ASP D 150 19.32 -20.38 -38.13
N VAL D 151 18.65 -19.41 -38.77
CA VAL D 151 17.22 -19.54 -39.01
C VAL D 151 16.91 -20.75 -39.86
N ALA D 152 17.66 -20.97 -40.93
CA ALA D 152 17.50 -22.14 -41.79
C ALA D 152 17.77 -23.45 -41.07
N LEU D 153 18.78 -23.49 -40.20
CA LEU D 153 19.06 -24.68 -39.40
C LEU D 153 18.04 -24.89 -38.29
N ALA D 154 17.34 -23.85 -37.86
CA ALA D 154 16.32 -23.99 -36.83
C ALA D 154 14.99 -24.45 -37.41
N THR D 155 14.57 -23.86 -38.54
CA THR D 155 13.29 -24.24 -39.13
C THR D 155 13.30 -25.69 -39.60
N SER D 156 14.41 -26.12 -40.18
CA SER D 156 14.56 -27.50 -40.65
C SER D 156 15.35 -28.30 -39.62
N ALA D 157 14.74 -28.48 -38.44
CA ALA D 157 15.36 -29.27 -37.40
C ALA D 157 14.31 -29.98 -36.56
N ALA D 158 13.99 -31.22 -36.92
CA ALA D 158 12.98 -31.96 -36.19
C ALA D 158 13.60 -33.09 -35.39
N PRO D 159 12.98 -33.49 -34.29
CA PRO D 159 13.46 -34.67 -33.56
C PRO D 159 13.43 -35.90 -34.46
N THR D 160 14.38 -36.80 -34.24
CA THR D 160 14.64 -37.97 -35.08
C THR D 160 15.09 -37.61 -36.48
N TYR D 161 15.25 -36.31 -36.77
CA TYR D 161 15.81 -35.88 -38.04
C TYR D 161 17.10 -35.10 -37.82
N PHE D 162 17.06 -34.07 -37.00
CA PHE D 162 18.22 -33.22 -36.78
C PHE D 162 18.31 -32.85 -35.31
N PRO D 163 19.52 -32.61 -34.80
CA PRO D 163 19.64 -32.04 -33.46
C PRO D 163 19.03 -30.65 -33.39
N ARG D 164 18.48 -30.32 -32.23
CA ARG D 164 17.86 -29.01 -32.04
C ARG D 164 18.91 -27.91 -32.13
N HIS D 165 18.60 -26.86 -32.88
CA HIS D 165 19.58 -25.81 -33.14
C HIS D 165 19.44 -24.68 -32.13
N PRO D 166 20.47 -24.42 -31.33
CA PRO D 166 20.50 -23.27 -30.40
C PRO D 166 20.94 -21.96 -31.04
N ILE D 167 19.97 -21.24 -31.62
CA ILE D 167 20.26 -19.95 -32.25
C ILE D 167 20.95 -19.02 -31.26
N GLY D 168 20.37 -18.87 -30.08
CA GLY D 168 20.96 -18.10 -29.01
C GLY D 168 20.91 -18.87 -27.71
N PRO D 169 20.35 -18.24 -26.67
CA PRO D 169 20.12 -18.95 -25.41
C PRO D 169 18.99 -19.98 -25.45
N ASN D 170 18.25 -20.05 -26.55
CA ASN D 170 17.10 -20.94 -26.67
C ASN D 170 17.35 -22.00 -27.73
N GLU D 171 16.77 -23.18 -27.53
CA GLU D 171 16.83 -24.25 -28.51
C GLU D 171 15.51 -24.29 -29.28
N TYR D 172 15.60 -24.42 -30.60
CA TYR D 172 14.44 -24.40 -31.48
C TYR D 172 14.32 -25.71 -32.24
N VAL D 173 13.10 -26.15 -32.48
CA VAL D 173 12.86 -27.36 -33.26
C VAL D 173 12.14 -26.98 -34.54
N ALA D 174 11.84 -27.96 -35.38
CA ALA D 174 11.26 -27.69 -36.68
C ALA D 174 9.90 -27.03 -36.56
N GLY D 175 9.60 -26.11 -37.48
CA GLY D 175 8.33 -25.42 -37.49
C GLY D 175 7.16 -26.20 -38.05
N GLY D 176 7.43 -27.20 -38.88
CA GLY D 176 6.36 -28.01 -39.43
C GLY D 176 5.61 -28.81 -38.39
N LEU D 177 6.19 -28.97 -37.20
CA LEU D 177 5.53 -29.73 -36.14
C LEU D 177 4.22 -29.07 -35.73
N PHE D 178 4.19 -27.75 -35.61
CA PHE D 178 2.97 -27.04 -35.25
C PHE D 178 2.32 -26.34 -36.43
N ALA D 179 3.06 -25.48 -37.13
CA ALA D 179 2.48 -24.70 -38.22
C ALA D 179 2.75 -25.41 -39.54
N ASN D 180 2.18 -26.61 -39.64
CA ASN D 180 2.47 -27.46 -40.80
C ASN D 180 1.97 -26.84 -42.09
N ASP D 181 1.01 -25.91 -42.00
CA ASP D 181 0.57 -25.18 -43.17
C ASP D 181 1.05 -23.74 -43.09
N PRO D 182 1.93 -23.30 -43.99
CA PRO D 182 2.40 -21.91 -43.92
C PRO D 182 1.52 -20.95 -44.69
N SER D 183 0.34 -21.40 -45.13
CA SER D 183 -0.61 -20.52 -45.78
C SER D 183 -1.59 -19.89 -44.79
N LEU D 184 -1.81 -20.51 -43.64
CA LEU D 184 -2.55 -19.84 -42.58
C LEU D 184 -1.72 -18.74 -41.92
N ILE D 185 -0.42 -18.97 -41.76
CA ILE D 185 0.48 -17.92 -41.29
C ILE D 185 0.52 -16.73 -42.24
N GLY D 186 0.57 -16.96 -43.54
CA GLY D 186 0.57 -15.85 -44.48
C GLY D 186 -0.71 -15.04 -44.41
N LEU D 187 -1.86 -15.72 -44.40
CA LEU D 187 -3.13 -15.03 -44.30
C LEU D 187 -3.26 -14.27 -42.98
N HIS D 188 -2.88 -14.89 -41.87
CA HIS D 188 -2.95 -14.21 -40.57
C HIS D 188 -2.04 -12.99 -40.54
N GLU D 189 -0.80 -13.16 -40.96
CA GLU D 189 0.14 -12.01 -40.99
C GLU D 189 -0.49 -10.90 -41.82
N ALA D 190 -0.93 -11.18 -43.04
CA ALA D 190 -1.57 -10.15 -43.82
C ALA D 190 -2.81 -9.58 -43.14
N ASP D 191 -3.31 -10.23 -42.10
CA ASP D 191 -4.48 -9.68 -41.36
C ASP D 191 -4.06 -8.90 -40.11
N TYR D 192 -3.10 -9.37 -39.33
CA TYR D 192 -2.76 -8.70 -38.06
C TYR D 192 -1.50 -7.84 -38.18
N MET D 193 -0.63 -8.06 -39.15
CA MET D 193 0.52 -7.18 -39.26
C MET D 193 0.39 -6.17 -40.38
N PHE D 194 -0.13 -6.61 -41.52
CA PHE D 194 -0.23 -5.71 -42.68
C PHE D 194 -1.56 -4.97 -42.75
N LYS D 195 -2.48 -5.25 -41.83
CA LYS D 195 -3.79 -4.58 -41.81
C LYS D 195 -4.41 -4.60 -43.21
N LYS D 196 -4.43 -5.76 -43.84
CA LYS D 196 -4.95 -5.89 -45.19
C LYS D 196 -6.35 -6.47 -45.15
N ASN D 197 -7.23 -5.92 -45.97
CA ASN D 197 -8.54 -6.51 -46.17
C ASN D 197 -8.37 -7.85 -46.89
N ILE D 198 -9.14 -8.84 -46.46
CA ILE D 198 -8.96 -10.20 -46.96
C ILE D 198 -9.28 -10.30 -48.45
N GLN D 199 -10.06 -9.37 -48.99
CA GLN D 199 -10.35 -9.42 -50.42
C GLN D 199 -9.12 -9.06 -51.25
N ASP D 200 -8.14 -8.39 -50.65
CA ASP D 200 -6.93 -7.99 -51.34
C ASP D 200 -5.80 -9.00 -51.19
N VAL D 201 -6.03 -10.11 -50.49
CA VAL D 201 -5.00 -11.09 -50.22
C VAL D 201 -5.10 -12.20 -51.25
N HIS D 202 -3.98 -12.49 -51.92
CA HIS D 202 -3.90 -13.58 -52.87
C HIS D 202 -2.78 -14.51 -52.42
N ILE D 203 -3.13 -15.75 -52.09
CA ILE D 203 -2.19 -16.72 -51.56
C ILE D 203 -1.91 -17.76 -52.63
N LEU D 204 -0.62 -18.01 -52.89
CA LEU D 204 -0.18 -19.08 -53.78
C LEU D 204 0.66 -20.04 -52.96
N SER D 205 0.12 -21.22 -52.71
CA SER D 205 0.73 -22.19 -51.81
C SER D 205 1.31 -23.34 -52.62
N ILE D 206 2.63 -23.32 -52.78
CA ILE D 206 3.32 -24.40 -53.47
C ILE D 206 3.73 -25.43 -52.45
N GLY D 207 2.82 -26.34 -52.11
CA GLY D 207 3.10 -27.38 -51.14
C GLY D 207 3.22 -28.74 -51.79
N THR D 208 3.43 -29.75 -50.95
CA THR D 208 3.55 -31.11 -51.40
C THR D 208 3.05 -32.05 -50.30
N LEU D 209 2.71 -33.27 -50.70
CA LEU D 209 2.20 -34.28 -49.79
C LEU D 209 3.36 -35.07 -49.18
N SER D 210 3.28 -35.33 -47.89
CA SER D 210 4.33 -36.08 -47.21
C SER D 210 4.25 -37.56 -47.57
N SER D 211 5.39 -38.23 -47.47
CA SER D 211 5.47 -39.66 -47.78
C SER D 211 5.46 -40.49 -46.51
N ALA D 236 3.08 -47.91 -32.63
CA ALA D 236 1.78 -47.24 -32.76
C ALA D 236 1.91 -45.74 -32.51
N ALA D 237 2.83 -45.36 -31.63
CA ALA D 237 3.05 -43.96 -31.28
C ALA D 237 3.47 -43.12 -32.49
N PRO D 238 4.46 -43.54 -33.29
CA PRO D 238 4.79 -42.74 -34.49
C PRO D 238 3.63 -42.60 -35.45
N ASN D 239 2.80 -43.63 -35.57
CA ASN D 239 1.60 -43.54 -36.39
C ASN D 239 0.68 -42.44 -35.86
N ILE D 240 0.52 -42.38 -34.54
CA ILE D 240 -0.32 -41.35 -33.94
C ILE D 240 0.27 -39.96 -34.19
N ILE D 241 1.59 -39.82 -34.08
CA ILE D 241 2.21 -38.53 -34.33
C ILE D 241 1.99 -38.09 -35.77
N ASP D 242 2.19 -38.99 -36.73
CA ASP D 242 1.94 -38.68 -38.12
C ASP D 242 0.48 -38.32 -38.38
N LEU D 243 -0.44 -39.06 -37.77
CA LEU D 243 -1.86 -38.76 -37.93
C LEU D 243 -2.20 -37.37 -37.40
N VAL D 244 -1.65 -37.02 -36.23
CA VAL D 244 -1.91 -35.71 -35.64
C VAL D 244 -1.34 -34.61 -36.53
N LEU D 245 -0.13 -34.80 -37.03
CA LEU D 245 0.49 -33.79 -37.88
C LEU D 245 -0.30 -33.59 -39.17
N SER D 246 -0.73 -34.68 -39.80
CA SER D 246 -1.52 -34.57 -41.02
C SER D 246 -2.85 -33.89 -40.75
N SER D 247 -3.52 -34.29 -39.66
CA SER D 247 -4.80 -33.68 -39.31
C SER D 247 -4.65 -32.20 -39.04
N GLN D 248 -3.57 -31.77 -38.39
CA GLN D 248 -3.34 -30.38 -38.10
C GLN D 248 -2.98 -29.56 -39.32
N GLN D 249 -2.28 -30.15 -40.29
CA GLN D 249 -2.10 -29.47 -41.56
C GLN D 249 -3.41 -29.32 -42.32
N GLN D 250 -4.24 -30.36 -42.40
CA GLN D 250 -5.51 -30.26 -43.10
C GLN D 250 -6.49 -29.30 -42.44
N PHE D 251 -6.53 -29.27 -41.11
CA PHE D 251 -7.42 -28.35 -40.41
C PHE D 251 -7.12 -26.90 -40.78
N MET D 252 -5.86 -26.50 -40.71
CA MET D 252 -5.47 -25.15 -41.04
C MET D 252 -5.62 -24.84 -42.52
N GLU D 253 -5.31 -25.81 -43.39
CA GLU D 253 -5.55 -25.62 -44.81
C GLU D 253 -7.02 -25.39 -45.12
N GLN D 254 -7.91 -26.16 -44.49
CA GLN D 254 -9.33 -25.97 -44.75
C GLN D 254 -9.81 -24.65 -44.17
N MET D 255 -9.25 -24.21 -43.06
CA MET D 255 -9.60 -22.88 -42.56
C MET D 255 -9.22 -21.79 -43.56
N VAL D 256 -8.02 -21.89 -44.14
CA VAL D 256 -7.63 -20.92 -45.16
C VAL D 256 -8.55 -20.99 -46.36
N LYS D 257 -8.88 -22.19 -46.82
CA LYS D 257 -9.80 -22.34 -47.94
C LYS D 257 -11.17 -21.77 -47.66
N HIS D 258 -11.68 -21.94 -46.45
CA HIS D 258 -12.97 -21.37 -46.06
C HIS D 258 -12.95 -19.86 -46.00
N ARG D 259 -11.88 -19.25 -45.46
CA ARG D 259 -11.85 -17.80 -45.38
C ARG D 259 -11.69 -17.15 -46.74
N MET D 260 -11.30 -17.90 -47.76
CA MET D 260 -11.03 -17.36 -49.09
C MET D 260 -12.01 -17.88 -50.13
N GLU D 261 -13.12 -18.45 -49.69
CA GLU D 261 -14.16 -18.88 -50.63
C GLU D 261 -14.99 -17.72 -51.17
N PRO D 262 -15.33 -16.70 -50.37
CA PRO D 262 -16.10 -15.58 -50.94
C PRO D 262 -15.37 -14.84 -52.05
N PHE D 263 -14.07 -15.02 -52.18
CA PHE D 263 -13.28 -14.36 -53.22
C PHE D 263 -12.70 -15.43 -54.14
N PRO D 264 -13.21 -15.57 -55.36
CA PRO D 264 -12.83 -16.71 -56.20
C PRO D 264 -11.36 -16.66 -56.62
N ASN D 265 -10.70 -17.81 -56.57
CA ASN D 265 -9.37 -18.00 -57.11
C ASN D 265 -8.31 -17.16 -56.40
N GLN D 266 -8.61 -16.69 -55.19
CA GLN D 266 -7.65 -15.92 -54.41
C GLN D 266 -6.79 -16.78 -53.50
N PHE D 267 -7.05 -18.09 -53.45
CA PHE D 267 -6.15 -19.02 -52.80
C PHE D 267 -6.03 -20.24 -53.71
N TYR D 268 -4.87 -20.40 -54.32
CA TYR D 268 -4.60 -21.53 -55.21
C TYR D 268 -3.39 -22.28 -54.68
N LYS D 269 -3.53 -23.59 -54.53
CA LYS D 269 -2.46 -24.44 -54.02
C LYS D 269 -1.91 -25.27 -55.17
N ILE D 270 -0.62 -25.12 -55.44
CA ILE D 270 0.06 -25.93 -56.45
C ILE D 270 0.53 -27.20 -55.80
N ASP D 271 -0.33 -28.21 -55.76
CA ASP D 271 0.00 -29.49 -55.16
C ASP D 271 0.14 -30.56 -56.24
N GLU D 272 0.93 -31.57 -55.92
CA GLU D 272 1.08 -32.72 -56.81
C GLU D 272 -0.11 -33.67 -56.67
N GLN D 273 -1.31 -33.14 -56.96
CA GLN D 273 -2.51 -33.96 -57.04
C GLN D 273 -2.49 -34.92 -58.23
N ILE D 274 -1.38 -34.96 -58.97
CA ILE D 274 -1.26 -35.86 -60.10
C ILE D 274 -0.47 -37.11 -59.73
N VAL D 275 0.36 -37.03 -58.70
CA VAL D 275 1.10 -38.21 -58.24
C VAL D 275 0.16 -39.19 -57.54
N GLN D 276 -0.89 -38.67 -56.89
CA GLN D 276 -1.92 -39.54 -56.35
C GLN D 276 -2.77 -40.14 -57.46
N ALA D 277 -2.81 -39.50 -58.62
CA ALA D 277 -3.44 -40.04 -59.82
C ALA D 277 -2.43 -40.70 -60.75
N SER D 278 -1.16 -40.79 -60.32
CA SER D 278 -0.12 -41.40 -61.15
C SER D 278 -0.24 -42.92 -61.15
N ALA D 279 -0.64 -43.49 -62.29
CA ALA D 279 -0.74 -44.93 -62.44
C ALA D 279 0.59 -45.64 -62.32
N GLN D 280 1.69 -44.91 -62.46
CA GLN D 280 3.02 -45.50 -62.33
C GLN D 280 3.81 -44.82 -61.23
N SER D 288 17.96 -43.24 -56.19
CA SER D 288 16.78 -42.39 -56.11
C SER D 288 16.67 -41.48 -57.33
N ASP D 289 17.42 -41.81 -58.38
CA ASP D 289 17.36 -41.04 -59.61
C ASP D 289 15.97 -41.13 -60.26
N ALA D 290 15.34 -42.30 -60.20
CA ALA D 290 13.98 -42.43 -60.71
C ALA D 290 13.03 -41.53 -59.93
N ALA D 291 13.16 -41.50 -58.61
CA ALA D 291 12.34 -40.61 -57.80
C ALA D 291 12.60 -39.15 -58.13
N LYS D 292 13.84 -38.80 -58.45
CA LYS D 292 14.13 -37.46 -58.93
C LYS D 292 13.36 -37.18 -60.20
N GLN D 293 13.31 -38.16 -61.10
CA GLN D 293 12.55 -37.98 -62.35
C GLN D 293 11.08 -37.73 -62.06
N VAL D 294 10.47 -38.54 -61.20
CA VAL D 294 9.04 -38.34 -60.92
C VAL D 294 8.80 -36.99 -60.26
N LEU D 295 9.63 -36.62 -59.29
CA LEU D 295 9.44 -35.34 -58.61
C LEU D 295 9.58 -34.16 -59.55
N GLU D 296 10.61 -34.17 -60.39
CA GLU D 296 10.82 -33.04 -61.30
C GLU D 296 9.76 -32.99 -62.39
N GLY D 297 9.33 -34.15 -62.91
CA GLY D 297 8.27 -34.16 -63.90
C GLY D 297 6.95 -33.69 -63.33
N ASN D 298 6.65 -34.12 -62.10
CA ASN D 298 5.44 -33.65 -61.42
C ASN D 298 5.48 -32.16 -61.18
N GLY D 299 6.64 -31.63 -60.77
CA GLY D 299 6.76 -30.20 -60.59
C GLY D 299 6.54 -29.43 -61.87
N ILE D 300 7.16 -29.90 -62.96
CA ILE D 300 7.01 -29.23 -64.25
C ILE D 300 5.56 -29.27 -64.71
N GLN D 301 4.89 -30.42 -64.56
CA GLN D 301 3.50 -30.52 -64.98
C GLN D 301 2.59 -29.64 -64.13
N SER D 302 2.78 -29.62 -62.82
CA SER D 302 1.97 -28.77 -61.95
C SER D 302 2.17 -27.30 -62.26
N ALA D 303 3.42 -26.88 -62.51
CA ALA D 303 3.66 -25.50 -62.88
C ALA D 303 3.05 -25.17 -64.24
N LYS D 304 3.09 -26.12 -65.18
CA LYS D 304 2.43 -25.92 -66.47
C LYS D 304 0.92 -25.72 -66.28
N VAL D 305 0.30 -26.56 -65.45
CA VAL D 305 -1.12 -26.41 -65.16
C VAL D 305 -1.41 -25.06 -64.52
N ALA D 306 -0.59 -24.63 -63.56
CA ALA D 306 -0.80 -23.35 -62.90
C ALA D 306 -0.64 -22.17 -63.84
N LEU D 307 0.35 -22.19 -64.72
CA LEU D 307 0.55 -21.09 -65.66
C LEU D 307 -0.54 -20.99 -66.71
N GLY D 308 -1.36 -22.03 -66.86
CA GLY D 308 -2.48 -21.96 -67.77
C GLY D 308 -3.67 -21.18 -67.25
N LYS D 309 -3.64 -20.77 -65.98
CA LYS D 309 -4.71 -20.01 -65.36
C LYS D 309 -4.31 -18.55 -65.29
N ASP D 310 -5.17 -17.67 -65.82
CA ASP D 310 -4.79 -16.27 -65.97
C ASP D 310 -4.55 -15.61 -64.63
N PHE D 311 -5.30 -16.01 -63.60
CA PHE D 311 -5.10 -15.39 -62.29
C PHE D 311 -3.76 -15.73 -61.68
N ILE D 312 -3.18 -16.88 -62.02
CA ILE D 312 -1.82 -17.18 -61.59
C ILE D 312 -0.82 -16.35 -62.38
N ARG D 313 -1.05 -16.20 -63.69
CA ARG D 313 -0.18 -15.38 -64.51
C ARG D 313 -0.25 -13.91 -64.12
N ASN D 314 -1.31 -13.49 -63.44
CA ASN D 314 -1.44 -12.09 -63.02
C ASN D 314 -0.65 -11.78 -61.77
N TYR D 315 -0.06 -12.78 -61.12
CA TYR D 315 0.84 -12.51 -59.99
C TYR D 315 2.13 -11.87 -60.45
N PHE D 316 2.53 -12.10 -61.70
CA PHE D 316 3.86 -11.73 -62.17
C PHE D 316 3.87 -10.61 -63.19
N ASN D 317 2.70 -10.13 -63.63
CA ASN D 317 2.62 -9.10 -64.64
C ASN D 317 2.38 -7.71 -64.05
N GLN D 318 2.96 -7.42 -62.90
CA GLN D 318 2.71 -6.20 -62.16
C GLN D 318 3.99 -5.44 -61.92
N PRO D 319 3.91 -4.13 -61.65
CA PRO D 319 5.12 -3.38 -61.31
C PRO D 319 5.75 -3.93 -60.05
N SER D 320 7.09 -3.83 -60.00
CA SER D 320 7.83 -4.39 -58.88
C SER D 320 7.35 -3.80 -57.56
N ARG D 321 7.17 -4.67 -56.57
CA ARG D 321 6.59 -4.25 -55.30
C ARG D 321 7.60 -3.44 -54.50
N LYS D 322 7.10 -2.45 -53.76
CA LYS D 322 7.94 -1.57 -52.97
C LYS D 322 7.80 -1.95 -51.50
N ARG D 323 8.93 -2.17 -50.84
CA ARG D 323 8.97 -2.68 -49.48
C ARG D 323 9.00 -1.54 -48.48
N GLU D 324 8.51 -1.80 -47.28
CA GLU D 324 8.56 -0.85 -46.17
C GLU D 324 9.23 -1.55 -45.00
N TRP D 325 10.53 -1.32 -44.82
CA TRP D 325 11.28 -1.90 -43.72
C TRP D 325 11.34 -0.89 -42.59
N PHE D 326 10.97 -1.34 -41.38
CA PHE D 326 10.88 -0.44 -40.24
C PHE D 326 12.06 -0.56 -39.30
N ASP D 327 13.07 -1.37 -39.65
CA ASP D 327 14.24 -1.54 -38.83
C ASP D 327 15.26 -2.32 -39.66
N GLY D 328 16.48 -2.41 -39.14
CA GLY D 328 17.53 -3.13 -39.83
C GLY D 328 18.25 -2.27 -40.83
N PRO D 329 19.21 -2.87 -41.55
CA PRO D 329 20.02 -2.09 -42.50
C PRO D 329 19.23 -1.48 -43.64
N GLN D 330 18.05 -2.01 -43.98
CA GLN D 330 17.27 -1.52 -45.10
C GLN D 330 16.11 -0.64 -44.64
N LYS D 331 16.23 0.01 -43.50
CA LYS D 331 15.14 0.80 -42.94
C LYS D 331 14.74 1.92 -43.88
N ASN D 332 13.49 1.87 -44.35
CA ASN D 332 12.94 2.90 -45.23
C ASN D 332 12.07 3.91 -44.50
N VAL D 333 11.44 3.50 -43.40
CA VAL D 333 10.54 4.37 -42.66
C VAL D 333 11.23 4.92 -41.43
N MET E 1 -16.74 45.25 23.04
CA MET E 1 -15.73 45.18 24.08
C MET E 1 -16.32 45.40 25.48
N GLU E 2 -16.69 44.32 26.15
CA GLU E 2 -17.09 44.42 27.54
C GLU E 2 -16.18 43.52 28.36
N LYS E 3 -15.98 43.87 29.63
CA LYS E 3 -14.93 43.28 30.44
C LYS E 3 -15.22 41.82 30.72
N PHE E 4 -14.23 40.96 30.50
CA PHE E 4 -14.33 39.54 30.83
C PHE E 4 -13.70 39.34 32.19
N GLN E 5 -14.52 39.08 33.21
CA GLN E 5 -14.07 39.04 34.59
C GLN E 5 -13.94 37.59 35.06
N ILE E 6 -12.82 37.29 35.70
CA ILE E 6 -12.51 35.95 36.16
C ILE E 6 -12.30 35.99 37.67
N LEU E 7 -12.81 34.97 38.35
CA LEU E 7 -12.64 34.80 39.79
C LEU E 7 -11.80 33.55 40.02
N ALA E 8 -10.57 33.74 40.49
CA ALA E 8 -9.60 32.65 40.64
C ALA E 8 -9.44 32.34 42.12
N LEU E 9 -10.30 31.45 42.63
CA LEU E 9 -10.28 31.15 44.09
C LEU E 9 -9.13 30.19 44.41
N SER E 10 -8.00 30.73 44.86
CA SER E 10 -6.87 29.87 45.29
C SER E 10 -7.00 29.59 46.79
N GLY E 11 -6.70 28.37 47.23
CA GLY E 11 -6.88 28.01 48.64
C GLY E 11 -6.34 26.63 48.97
N GLY E 12 -5.94 26.42 50.23
CA GLY E 12 -5.44 25.14 50.66
C GLY E 12 -5.82 24.82 52.08
N GLY E 13 -6.61 23.76 52.23
CA GLY E 13 -7.00 23.31 53.58
C GLY E 13 -7.83 24.31 54.36
N TYR E 14 -7.55 24.43 55.66
CA TYR E 14 -8.40 25.27 56.57
C TYR E 14 -8.25 26.73 56.26
N ARG E 15 -7.16 27.14 55.62
CA ARG E 15 -7.00 28.59 55.41
C ARG E 15 -8.14 29.02 54.48
N GLY E 16 -8.95 28.09 53.99
CA GLY E 16 -10.11 28.41 53.15
C GLY E 16 -11.10 29.28 53.89
N LEU E 17 -11.08 29.26 55.22
CA LEU E 17 -11.97 30.19 55.96
C LEU E 17 -11.60 31.61 55.54
N PHE E 18 -10.40 31.81 55.00
CA PHE E 18 -10.09 33.14 54.50
C PHE E 18 -10.81 33.40 53.18
N THR E 19 -10.73 32.44 52.26
CA THR E 19 -11.38 32.58 50.96
C THR E 19 -12.88 32.66 51.08
N ALA E 20 -13.50 31.92 51.99
CA ALA E 20 -14.94 31.98 52.19
C ALA E 20 -15.39 33.25 52.88
N THR E 21 -14.53 33.86 53.71
CA THR E 21 -14.86 35.13 54.33
C THR E 21 -14.75 36.30 53.37
N VAL E 22 -13.69 36.34 52.57
CA VAL E 22 -13.60 37.39 51.55
C VAL E 22 -14.75 37.29 50.56
N LEU E 23 -15.12 36.08 50.15
CA LEU E 23 -16.27 35.86 49.28
C LEU E 23 -17.58 36.27 49.92
N LYS E 24 -17.78 35.97 51.20
CA LYS E 24 -18.96 36.43 51.91
C LYS E 24 -19.04 37.94 52.00
N GLU E 25 -17.91 38.61 52.13
CA GLU E 25 -17.88 40.06 52.15
C GLU E 25 -18.11 40.68 50.78
N LEU E 26 -17.63 40.04 49.72
CA LEU E 26 -17.88 40.54 48.38
C LEU E 26 -19.32 40.27 47.93
N GLU E 27 -19.94 39.21 48.44
CA GLU E 27 -21.36 39.00 48.20
C GLU E 27 -22.18 40.20 48.64
N GLN E 28 -21.76 40.88 49.70
CA GLN E 28 -22.53 42.02 50.18
C GLN E 28 -22.59 43.10 49.11
N GLU E 29 -21.46 43.43 48.50
CA GLU E 29 -21.46 44.40 47.40
C GLU E 29 -22.24 43.86 46.21
N ALA E 30 -22.09 42.57 45.91
CA ALA E 30 -22.77 41.98 44.77
C ALA E 30 -24.28 42.13 44.88
N LYS E 31 -24.84 41.82 46.05
CA LYS E 31 -26.27 41.97 46.28
C LYS E 31 -26.69 43.43 46.36
N GLU E 32 -25.88 44.28 47.03
CA GLU E 32 -26.22 45.68 47.12
C GLU E 32 -26.29 46.35 45.75
N ASN E 33 -25.56 45.82 44.77
CA ASN E 33 -25.65 46.32 43.41
C ASN E 33 -26.73 45.62 42.59
N GLY E 34 -27.48 44.70 43.19
CA GLY E 34 -28.64 44.11 42.57
C GLY E 34 -28.46 42.78 41.89
N HIS E 35 -27.48 41.97 42.28
CA HIS E 35 -27.27 40.65 41.70
C HIS E 35 -27.81 39.58 42.63
N ASP E 36 -28.13 38.43 42.05
CA ASP E 36 -28.62 37.29 42.80
C ASP E 36 -27.55 36.61 43.63
N SER E 37 -26.35 36.46 43.07
CA SER E 37 -25.23 35.85 43.77
C SER E 37 -23.95 36.46 43.25
N ILE E 38 -22.82 36.03 43.81
CA ILE E 38 -21.52 36.57 43.42
C ILE E 38 -21.08 35.88 42.13
N ALA E 39 -21.84 34.89 41.69
CA ALA E 39 -21.56 34.18 40.45
C ALA E 39 -22.16 34.85 39.23
N ASP E 40 -22.93 35.92 39.41
CA ASP E 40 -23.51 36.66 38.29
C ASP E 40 -22.63 37.82 37.85
N CYS E 41 -21.52 38.05 38.54
CA CYS E 41 -20.61 39.15 38.21
C CYS E 41 -19.36 38.68 37.48
N PHE E 42 -19.21 37.37 37.27
CA PHE E 42 -17.97 36.82 36.72
C PHE E 42 -18.29 35.96 35.52
N ASP E 43 -17.37 35.94 34.55
CA ASP E 43 -17.54 35.12 33.36
C ASP E 43 -16.88 33.75 33.49
N LEU E 44 -16.01 33.58 34.48
CA LEU E 44 -15.29 32.33 34.64
C LEU E 44 -14.83 32.23 36.08
N ILE E 45 -14.84 31.02 36.61
CA ILE E 45 -14.45 30.75 37.99
C ILE E 45 -13.49 29.57 37.96
N THR E 46 -12.30 29.79 38.45
CA THR E 46 -11.28 28.73 38.42
C THR E 46 -10.85 28.53 39.85
N GLY E 47 -10.76 27.29 40.29
CA GLY E 47 -10.25 27.04 41.63
C GLY E 47 -9.56 25.71 41.69
N THR E 48 -8.56 25.59 42.55
CA THR E 48 -7.94 24.27 42.74
C THR E 48 -8.03 23.94 44.21
N SER E 49 -7.95 22.64 44.56
CA SER E 49 -8.02 22.17 45.96
C SER E 49 -9.38 22.53 46.57
N VAL E 50 -9.38 22.98 47.83
CA VAL E 50 -10.65 23.43 48.47
C VAL E 50 -11.23 24.57 47.64
N GLY E 51 -10.36 25.38 47.03
CA GLY E 51 -10.86 26.45 46.15
C GLY E 51 -11.84 25.88 45.14
N GLY E 52 -11.53 24.72 44.55
CA GLY E 52 -12.49 24.06 43.64
C GLY E 52 -13.84 23.88 44.29
N ILE E 53 -13.89 23.21 45.45
CA ILE E 53 -15.16 23.06 46.20
C ILE E 53 -15.81 24.44 46.36
N VAL E 54 -15.08 25.45 46.84
CA VAL E 54 -15.72 26.76 46.96
C VAL E 54 -16.13 27.32 45.61
N ALA E 55 -15.32 27.13 44.58
CA ALA E 55 -15.64 27.56 43.22
C ALA E 55 -16.89 26.90 42.67
N LEU E 56 -17.03 25.59 42.87
CA LEU E 56 -18.25 24.91 42.43
C LEU E 56 -19.46 25.40 43.21
N ALA E 57 -19.31 25.58 44.53
CA ALA E 57 -20.41 26.08 45.33
C ALA E 57 -20.82 27.50 44.93
N ILE E 58 -19.84 28.35 44.64
CA ILE E 58 -20.15 29.71 44.20
C ILE E 58 -20.93 29.68 42.89
N ALA E 59 -20.48 28.89 41.93
CA ALA E 59 -21.13 28.86 40.63
C ALA E 59 -22.49 28.17 40.67
N TYR E 60 -22.65 27.15 41.50
CA TYR E 60 -23.93 26.47 41.62
C TYR E 60 -25.04 27.37 42.14
N GLY E 61 -24.69 28.47 42.80
CA GLY E 61 -25.67 29.34 43.39
C GLY E 61 -25.81 29.21 44.89
N ILE E 62 -24.93 28.45 45.53
CA ILE E 62 -24.98 28.26 46.98
C ILE E 62 -24.69 29.59 47.67
N LYS E 63 -25.48 29.90 48.70
CA LYS E 63 -25.25 31.08 49.50
C LYS E 63 -23.89 30.97 50.20
N VAL E 64 -23.11 32.05 50.16
CA VAL E 64 -21.79 32.03 50.78
C VAL E 64 -21.85 31.89 52.30
N GLU E 65 -23.00 32.12 52.93
CA GLU E 65 -23.09 31.85 54.36
C GLU E 65 -22.86 30.39 54.70
N ALA E 66 -23.31 29.46 53.85
CA ALA E 66 -23.11 28.03 54.07
C ALA E 66 -21.71 27.57 53.70
N ILE E 67 -21.07 28.20 52.72
CA ILE E 67 -19.68 27.90 52.45
C ILE E 67 -18.80 28.28 53.63
N VAL E 68 -19.06 29.41 54.28
CA VAL E 68 -18.39 29.75 55.54
C VAL E 68 -18.81 28.84 56.67
N ASP E 69 -20.08 28.45 56.74
CA ASP E 69 -20.55 27.52 57.77
C ASP E 69 -19.82 26.20 57.70
N LEU E 70 -19.38 25.78 56.51
CA LEU E 70 -18.60 24.56 56.37
C LEU E 70 -17.25 24.64 57.07
N PHE E 71 -16.62 25.81 57.08
CA PHE E 71 -15.24 25.93 57.53
C PHE E 71 -15.10 26.23 59.02
N LYS E 72 -16.14 26.77 59.66
CA LYS E 72 -16.05 27.11 61.08
C LYS E 72 -16.93 26.21 61.95
N SER E 73 -17.54 25.19 61.36
CA SER E 73 -18.34 24.25 62.14
C SER E 73 -18.01 22.82 61.76
N HIS E 74 -17.50 22.62 60.56
CA HIS E 74 -17.13 21.30 60.06
C HIS E 74 -15.68 21.26 59.60
N GLY E 75 -14.93 22.34 59.86
CA GLY E 75 -13.59 22.46 59.31
C GLY E 75 -12.60 21.47 59.89
N ASP E 76 -12.72 21.16 61.18
CA ASP E 76 -11.77 20.23 61.81
C ASP E 76 -11.96 18.82 61.30
N LYS E 77 -13.21 18.34 61.28
CA LYS E 77 -13.49 16.97 60.88
C LYS E 77 -13.13 16.73 59.42
N ILE E 78 -13.44 17.69 58.54
CA ILE E 78 -13.14 17.55 57.13
C ILE E 78 -11.68 17.86 56.81
N PHE E 79 -11.14 18.96 57.32
CA PHE E 79 -9.77 19.35 57.01
C PHE E 79 -8.90 19.36 58.26
N GLY E 89 -6.82 5.78 57.19
CA GLY E 89 -6.07 5.38 56.01
C GLY E 89 -5.07 6.42 55.56
N SER E 90 -5.54 7.39 54.77
CA SER E 90 -4.70 8.47 54.25
C SER E 90 -4.86 9.76 55.03
N LYS E 91 -5.04 9.66 56.35
CA LYS E 91 -5.19 10.74 57.33
C LYS E 91 -6.59 11.35 57.28
N TYR E 92 -7.41 11.02 56.29
CA TYR E 92 -8.80 11.44 56.24
C TYR E 92 -9.60 10.39 55.50
N SER E 93 -10.92 10.40 55.73
CA SER E 93 -11.81 9.38 55.20
C SER E 93 -12.82 9.94 54.19
N ASN E 94 -12.87 11.26 54.03
CA ASN E 94 -13.67 11.92 52.99
C ASN E 94 -15.17 11.76 53.19
N GLU E 95 -15.59 11.05 54.23
CA GLU E 95 -17.02 10.77 54.40
C GLU E 95 -17.79 11.99 54.85
N SER E 96 -17.24 12.79 55.76
CA SER E 96 -17.92 14.01 56.18
C SER E 96 -18.00 15.01 55.04
N LEU E 97 -16.90 15.16 54.29
CA LEU E 97 -16.90 16.03 53.12
C LEU E 97 -17.93 15.56 52.09
N LYS E 98 -17.98 14.24 51.87
CA LYS E 98 -18.98 13.71 50.96
C LYS E 98 -20.40 14.00 51.45
N THR E 99 -20.65 13.84 52.75
CA THR E 99 -21.98 14.09 53.28
C THR E 99 -22.38 15.54 53.08
N VAL E 100 -21.46 16.46 53.37
CA VAL E 100 -21.78 17.88 53.25
C VAL E 100 -21.99 18.26 51.78
N LEU E 101 -21.23 17.63 50.88
CA LEU E 101 -21.36 17.97 49.46
C LEU E 101 -22.68 17.44 48.89
N GLU E 102 -23.08 16.22 49.25
CA GLU E 102 -24.41 15.76 48.86
C GLU E 102 -25.50 16.62 49.47
N GLU E 103 -25.30 17.01 50.74
CA GLU E 103 -26.23 17.96 51.41
C GLU E 103 -26.41 19.19 50.51
N TRP E 104 -25.29 19.75 50.03
CA TRP E 104 -25.32 20.94 49.18
C TRP E 104 -25.87 20.64 47.78
N PHE E 105 -25.20 19.77 47.03
CA PHE E 105 -25.51 19.60 45.62
C PHE E 105 -26.58 18.52 45.43
N GLY E 106 -26.28 17.30 45.85
CA GLY E 106 -27.21 16.20 45.66
C GLY E 106 -26.82 15.31 44.49
N ASP E 107 -27.60 15.37 43.40
CA ASP E 107 -27.35 14.57 42.22
C ASP E 107 -27.29 15.46 40.98
N SER E 108 -26.93 16.72 41.18
CA SER E 108 -26.79 17.68 40.09
C SER E 108 -25.51 17.42 39.32
N ILE E 109 -25.59 17.60 38.00
CA ILE E 109 -24.46 17.41 37.10
C ILE E 109 -23.73 18.74 36.94
N LEU E 110 -22.50 18.68 36.42
CA LEU E 110 -21.66 19.86 36.30
C LEU E 110 -22.23 20.83 35.27
N GLY E 111 -23.22 20.39 34.50
CA GLY E 111 -23.83 21.24 33.51
C GLY E 111 -24.95 22.10 34.07
N ASP E 112 -25.25 21.92 35.36
CA ASP E 112 -26.29 22.70 36.03
C ASP E 112 -25.73 23.95 36.71
N LEU E 113 -24.44 24.23 36.55
CA LEU E 113 -23.84 25.41 37.12
C LEU E 113 -24.31 26.66 36.38
N LYS E 114 -24.35 27.78 37.11
CA LYS E 114 -24.78 29.05 36.55
C LYS E 114 -23.62 29.89 36.05
N CYS E 115 -22.38 29.45 36.26
CA CYS E 115 -21.22 30.20 35.84
C CYS E 115 -20.19 29.22 35.31
N PRO E 116 -19.55 29.51 34.18
CA PRO E 116 -18.51 28.62 33.67
C PRO E 116 -17.37 28.49 34.68
N VAL E 117 -16.95 27.25 34.92
CA VAL E 117 -15.87 26.98 35.84
C VAL E 117 -14.84 26.09 35.15
N VAL E 118 -13.61 26.19 35.64
CA VAL E 118 -12.52 25.33 35.19
C VAL E 118 -11.89 24.77 36.46
N ILE E 119 -11.95 23.45 36.62
CA ILE E 119 -11.38 22.80 37.79
C ILE E 119 -10.21 21.93 37.35
N PRO E 120 -8.97 22.40 37.49
CA PRO E 120 -7.83 21.55 37.16
C PRO E 120 -7.63 20.44 38.18
N THR E 121 -7.01 19.36 37.72
CA THR E 121 -6.85 18.13 38.47
C THR E 121 -5.85 17.27 37.70
N ILE E 122 -5.31 16.23 38.34
CA ILE E 122 -4.37 15.34 37.69
C ILE E 122 -4.98 13.95 37.58
N ASP E 123 -4.93 13.38 36.37
CA ASP E 123 -5.28 11.98 36.15
C ASP E 123 -4.11 11.14 36.62
N PHE E 124 -4.29 10.47 37.76
CA PHE E 124 -3.26 9.60 38.31
C PHE E 124 -3.01 8.39 37.43
N THR E 125 -4.06 7.86 36.81
CA THR E 125 -3.93 6.71 35.92
C THR E 125 -2.94 7.00 34.80
N ARG E 126 -3.26 7.98 33.94
CA ARG E 126 -2.30 8.41 32.94
C ARG E 126 -1.21 9.30 33.53
N GLY E 127 -1.45 9.89 34.69
CA GLY E 127 -0.52 10.85 35.25
C GLY E 127 -0.37 12.09 34.41
N SER E 128 -1.49 12.70 34.03
CA SER E 128 -1.45 13.82 33.11
C SER E 128 -2.44 14.88 33.56
N PRO E 129 -2.23 16.15 33.21
CA PRO E 129 -3.19 17.19 33.59
C PRO E 129 -4.55 16.96 32.97
N VAL E 130 -5.60 17.32 33.71
CA VAL E 130 -6.98 17.26 33.26
C VAL E 130 -7.66 18.51 33.79
N THR E 131 -8.59 19.05 33.03
CA THR E 131 -9.43 20.15 33.50
C THR E 131 -10.89 19.77 33.30
N LEU E 132 -11.67 19.87 34.37
CA LEU E 132 -13.11 19.62 34.32
C LEU E 132 -13.81 20.95 34.07
N LYS E 133 -14.48 21.05 32.93
CA LYS E 133 -15.01 22.34 32.53
C LYS E 133 -16.49 22.23 32.22
N THR E 134 -17.27 23.27 32.54
CA THR E 134 -18.70 23.29 32.15
C THR E 134 -18.75 23.32 30.61
N PRO E 135 -19.90 23.02 29.97
CA PRO E 135 -19.98 23.11 28.50
C PRO E 135 -20.02 24.58 28.05
N HIS E 136 -18.89 25.29 28.19
CA HIS E 136 -18.88 26.74 27.84
C HIS E 136 -18.23 26.97 26.48
N ASN E 137 -17.70 25.92 25.83
CA ASN E 137 -17.19 26.13 24.45
C ASN E 137 -17.82 25.07 23.57
N PRO E 138 -17.97 25.29 22.26
CA PRO E 138 -18.53 24.24 21.43
C PRO E 138 -17.74 22.95 21.58
N ASN E 139 -16.50 22.99 22.07
CA ASN E 139 -15.60 21.81 22.13
C ASN E 139 -15.66 21.05 23.45
N LEU E 140 -16.35 21.54 24.44
CA LEU E 140 -16.46 20.89 25.77
C LEU E 140 -17.75 20.10 25.80
N LYS E 141 -17.67 18.77 25.71
CA LYS E 141 -18.87 17.96 25.56
C LYS E 141 -18.89 16.71 26.46
N ARG E 142 -17.99 16.59 27.42
CA ARG E 142 -17.95 15.34 28.18
C ARG E 142 -17.85 15.54 29.68
N ASP E 143 -17.66 16.76 30.13
CA ASP E 143 -17.43 16.98 31.57
C ASP E 143 -18.70 17.58 32.21
N TRP E 144 -19.68 17.92 31.40
CA TRP E 144 -20.92 18.43 31.96
C TRP E 144 -21.82 17.32 32.48
N LYS E 145 -21.45 16.06 32.30
CA LYS E 145 -22.25 14.94 32.73
C LYS E 145 -21.84 14.42 34.09
N LEU E 146 -20.78 14.95 34.69
CA LEU E 146 -20.25 14.40 35.93
C LEU E 146 -21.01 14.95 37.13
N LYS E 147 -20.98 14.18 38.22
CA LYS E 147 -21.51 14.64 39.49
C LYS E 147 -20.65 15.79 40.01
N ILE E 148 -21.31 16.85 40.49
CA ILE E 148 -20.57 17.92 41.15
C ILE E 148 -19.92 17.39 42.41
N VAL E 149 -20.56 16.43 43.07
CA VAL E 149 -19.98 15.79 44.25
C VAL E 149 -18.67 15.09 43.91
N ASP E 150 -18.64 14.33 42.81
CA ASP E 150 -17.43 13.65 42.38
C ASP E 150 -16.34 14.62 41.94
N VAL E 151 -16.71 15.69 41.22
CA VAL E 151 -15.72 16.71 40.88
C VAL E 151 -15.11 17.34 42.12
N ALA E 152 -15.94 17.68 43.10
CA ALA E 152 -15.47 18.24 44.37
C ALA E 152 -14.59 17.28 45.15
N LEU E 153 -14.92 15.99 45.15
CA LEU E 153 -14.10 14.98 45.80
C LEU E 153 -12.82 14.69 45.03
N ALA E 154 -12.77 14.95 43.74
CA ALA E 154 -11.57 14.73 42.95
C ALA E 154 -10.60 15.89 43.06
N THR E 155 -11.10 17.13 42.97
CA THR E 155 -10.22 18.29 43.06
C THR E 155 -9.55 18.38 44.42
N SER E 156 -10.29 18.09 45.49
CA SER E 156 -9.75 18.13 46.85
C SER E 156 -9.43 16.70 47.28
N ALA E 157 -8.44 16.12 46.62
CA ALA E 157 -7.98 14.78 46.97
C ALA E 157 -6.49 14.63 46.71
N ALA E 158 -5.68 14.86 47.73
CA ALA E 158 -4.24 14.77 47.56
C ALA E 158 -3.69 13.56 48.30
N PRO E 159 -2.57 13.01 47.83
CA PRO E 159 -1.92 11.93 48.59
C PRO E 159 -1.52 12.42 49.97
N THR E 160 -1.57 11.51 50.95
CA THR E 160 -1.38 11.79 52.37
C THR E 160 -2.47 12.69 52.94
N TYR E 161 -3.46 13.06 52.13
CA TYR E 161 -4.61 13.81 52.62
C TYR E 161 -5.90 13.00 52.42
N PHE E 162 -6.15 12.57 51.19
CA PHE E 162 -7.39 11.86 50.89
C PHE E 162 -7.09 10.73 49.92
N PRO E 163 -7.88 9.65 49.96
CA PRO E 163 -7.78 8.63 48.91
C PRO E 163 -8.15 9.21 47.55
N ARG E 164 -7.50 8.68 46.51
CA ARG E 164 -7.77 9.15 45.16
C ARG E 164 -9.20 8.80 44.76
N HIS E 165 -9.90 9.76 44.18
CA HIS E 165 -11.32 9.57 43.87
C HIS E 165 -11.50 9.06 42.44
N PRO E 166 -12.05 7.87 42.25
CA PRO E 166 -12.39 7.34 40.92
C PRO E 166 -13.74 7.83 40.38
N ILE E 167 -13.71 8.99 39.71
CA ILE E 167 -14.93 9.53 39.13
C ILE E 167 -15.58 8.53 38.19
N GLY E 168 -14.80 7.98 37.27
CA GLY E 168 -15.25 6.94 36.39
C GLY E 168 -14.25 5.80 36.33
N PRO E 169 -13.81 5.44 35.13
CA PRO E 169 -12.73 4.46 34.97
C PRO E 169 -11.35 4.99 35.36
N ASN E 170 -11.22 6.28 35.66
CA ASN E 170 -9.94 6.88 35.95
C ASN E 170 -9.90 7.36 37.40
N GLU E 171 -8.71 7.35 37.99
CA GLU E 171 -8.49 7.89 39.32
C GLU E 171 -7.86 9.27 39.21
N TYR E 172 -8.36 10.23 39.98
CA TYR E 172 -7.90 11.60 39.93
C TYR E 172 -7.34 12.02 41.28
N VAL E 173 -6.32 12.86 41.26
CA VAL E 173 -5.74 13.39 42.49
C VAL E 173 -5.98 14.90 42.53
N ALA E 174 -5.50 15.54 43.59
CA ALA E 174 -5.78 16.96 43.78
C ALA E 174 -5.17 17.80 42.67
N GLY E 175 -5.88 18.87 42.28
CA GLY E 175 -5.41 19.75 41.23
C GLY E 175 -4.34 20.74 41.66
N GLY E 176 -4.26 21.05 42.95
CA GLY E 176 -3.24 21.97 43.43
C GLY E 176 -1.83 21.46 43.26
N LEU E 177 -1.67 20.15 43.03
CA LEU E 177 -0.34 19.59 42.85
C LEU E 177 0.35 20.16 41.63
N PHE E 178 -0.38 20.33 40.53
CA PHE E 178 0.21 20.90 39.31
C PHE E 178 -0.23 22.34 39.08
N ALA E 179 -1.53 22.60 39.04
CA ALA E 179 -2.03 23.94 38.73
C ALA E 179 -2.30 24.69 40.03
N ASN E 180 -1.23 24.89 40.79
CA ASN E 180 -1.39 25.46 42.14
C ASN E 180 -1.93 26.89 42.07
N ASP E 181 -1.77 27.55 40.94
CA ASP E 181 -2.36 28.87 40.75
C ASP E 181 -3.52 28.78 39.77
N PRO E 182 -4.74 29.03 40.20
CA PRO E 182 -5.88 28.96 39.28
C PRO E 182 -6.14 30.26 38.56
N SER E 183 -5.22 31.22 38.66
CA SER E 183 -5.34 32.46 37.91
C SER E 183 -4.64 32.40 36.55
N LEU E 184 -3.66 31.51 36.39
CA LEU E 184 -3.12 31.24 35.06
C LEU E 184 -4.10 30.44 34.22
N ILE E 185 -4.81 29.49 34.83
CA ILE E 185 -5.88 28.79 34.13
C ILE E 185 -6.98 29.72 33.67
N GLY E 186 -7.40 30.67 34.50
CA GLY E 186 -8.43 31.61 34.09
C GLY E 186 -7.99 32.46 32.92
N LEU E 187 -6.78 33.01 33.00
CA LEU E 187 -6.26 33.81 31.90
C LEU E 187 -6.11 33.00 30.63
N HIS E 188 -5.56 31.79 30.72
CA HIS E 188 -5.41 30.95 29.53
C HIS E 188 -6.76 30.60 28.93
N GLU E 189 -7.69 30.14 29.75
CA GLU E 189 -9.05 29.84 29.24
C GLU E 189 -9.61 31.05 28.54
N ALA E 190 -9.59 32.22 29.16
CA ALA E 190 -10.07 33.41 28.47
C ALA E 190 -9.28 33.72 27.21
N ASP E 191 -8.15 33.05 27.03
CA ASP E 191 -7.36 33.25 25.78
C ASP E 191 -7.61 32.16 24.74
N TYR E 192 -7.70 30.89 25.14
CA TYR E 192 -7.83 29.81 24.13
C TYR E 192 -9.27 29.32 24.00
N MET E 193 -10.15 29.55 24.97
CA MET E 193 -11.53 29.13 24.78
C MET E 193 -12.46 30.28 24.47
N PHE E 194 -12.29 31.39 25.17
CA PHE E 194 -13.20 32.51 24.99
C PHE E 194 -12.75 33.52 23.92
N LYS E 195 -11.58 33.29 23.33
CA LYS E 195 -11.06 34.19 22.29
C LYS E 195 -11.18 35.63 22.73
N LYS E 196 -10.70 35.94 23.93
CA LYS E 196 -10.79 37.27 24.48
C LYS E 196 -9.44 37.97 24.36
N ASN E 197 -9.49 39.24 23.97
CA ASN E 197 -8.30 40.07 24.03
C ASN E 197 -7.90 40.29 25.48
N ILE E 198 -6.60 40.22 25.76
CA ILE E 198 -6.12 40.26 27.12
C ILE E 198 -6.42 41.60 27.80
N GLN E 199 -6.64 42.66 27.03
CA GLN E 199 -6.98 43.94 27.64
C GLN E 199 -8.37 43.91 28.25
N ASP E 200 -9.22 42.98 27.82
CA ASP E 200 -10.58 42.87 28.31
C ASP E 200 -10.71 41.89 29.47
N VAL E 201 -9.62 41.29 29.91
CA VAL E 201 -9.64 40.28 30.95
C VAL E 201 -9.32 40.94 32.28
N HIS E 202 -10.19 40.74 33.27
CA HIS E 202 -9.98 41.23 34.62
C HIS E 202 -10.02 40.05 35.57
N ILE E 203 -8.91 39.77 36.24
CA ILE E 203 -8.78 38.61 37.11
C ILE E 203 -8.78 39.09 38.56
N LEU E 204 -9.64 38.49 39.38
CA LEU E 204 -9.65 38.72 40.82
C LEU E 204 -9.35 37.40 41.50
N SER E 205 -8.16 37.31 42.09
CA SER E 205 -7.65 36.06 42.65
C SER E 205 -7.70 36.14 44.17
N ILE E 206 -8.70 35.48 44.75
CA ILE E 206 -8.81 35.41 46.20
C ILE E 206 -8.08 34.17 46.68
N GLY E 207 -6.77 34.29 46.87
CA GLY E 207 -5.97 33.19 47.33
C GLY E 207 -5.49 33.37 48.75
N THR E 208 -4.70 32.39 49.20
CA THR E 208 -4.14 32.42 50.55
C THR E 208 -2.81 31.70 50.55
N LEU E 209 -2.00 31.99 51.55
CA LEU E 209 -0.68 31.38 51.71
C LEU E 209 -0.79 30.09 52.48
N SER E 210 -0.06 29.07 52.03
CA SER E 210 -0.07 27.78 52.70
C SER E 210 0.72 27.84 54.00
N SER E 211 0.36 26.96 54.93
CA SER E 211 1.02 26.89 56.23
C SER E 211 2.04 25.75 56.26
N ALA E 236 13.60 14.97 54.40
CA ALA E 236 14.07 15.96 53.44
C ALA E 236 13.17 15.98 52.19
N ALA E 237 12.65 14.80 51.83
CA ALA E 237 11.79 14.65 50.66
C ALA E 237 10.53 15.51 50.75
N PRO E 238 9.76 15.46 51.86
CA PRO E 238 8.58 16.34 51.94
C PRO E 238 8.93 17.82 51.83
N ASN E 239 10.09 18.21 52.37
CA ASN E 239 10.55 19.59 52.22
C ASN E 239 10.75 19.93 50.75
N ILE E 240 11.34 19.00 50.00
CA ILE E 240 11.54 19.22 48.57
C ILE E 240 10.22 19.33 47.84
N ILE E 241 9.25 18.47 48.20
CA ILE E 241 7.94 18.53 47.56
C ILE E 241 7.27 19.87 47.82
N ASP E 242 7.29 20.34 49.07
CA ASP E 242 6.72 21.63 49.40
C ASP E 242 7.43 22.77 48.67
N LEU E 243 8.76 22.71 48.58
CA LEU E 243 9.50 23.74 47.87
C LEU E 243 9.12 23.77 46.40
N VAL E 244 9.00 22.60 45.77
CA VAL E 244 8.63 22.54 44.36
C VAL E 244 7.23 23.09 44.16
N LEU E 245 6.29 22.73 45.03
CA LEU E 245 4.92 23.21 44.90
C LEU E 245 4.85 24.73 45.04
N SER E 246 5.54 25.27 46.04
CA SER E 246 5.55 26.71 46.22
C SER E 246 6.19 27.43 45.04
N SER E 247 7.32 26.90 44.57
CA SER E 247 7.98 27.49 43.42
C SER E 247 7.11 27.47 42.18
N GLN E 248 6.37 26.39 41.97
CA GLN E 248 5.48 26.28 40.81
C GLN E 248 4.26 27.18 40.92
N GLN E 249 3.73 27.40 42.11
CA GLN E 249 2.71 28.42 42.28
C GLN E 249 3.22 29.82 42.01
N GLN E 250 4.39 30.18 42.53
CA GLN E 250 4.95 31.51 42.30
C GLN E 250 5.32 31.75 40.84
N PHE E 251 5.86 30.74 40.15
CA PHE E 251 6.21 30.90 38.75
C PHE E 251 4.99 31.28 37.91
N MET E 252 3.90 30.53 38.07
CA MET E 252 2.68 30.81 37.31
C MET E 252 2.03 32.11 37.74
N GLU E 253 2.04 32.43 39.04
CA GLU E 253 1.54 33.72 39.48
C GLU E 253 2.31 34.88 38.87
N GLN E 254 3.63 34.78 38.82
CA GLN E 254 4.41 35.86 38.24
C GLN E 254 4.19 35.95 36.74
N MET E 255 3.97 34.81 36.08
CA MET E 255 3.63 34.88 34.66
C MET E 255 2.31 35.63 34.45
N VAL E 256 1.30 35.36 35.27
CA VAL E 256 0.05 36.09 35.15
C VAL E 256 0.26 37.58 35.43
N LYS E 257 1.03 37.91 36.47
CA LYS E 257 1.32 39.30 36.76
C LYS E 257 2.04 40.01 35.64
N HIS E 258 2.99 39.34 34.98
CA HIS E 258 3.70 39.90 33.84
C HIS E 258 2.81 40.12 32.64
N ARG E 259 1.91 39.17 32.33
CA ARG E 259 1.06 39.35 31.16
C ARG E 259 0.02 40.45 31.37
N MET E 260 -0.21 40.87 32.61
CA MET E 260 -1.24 41.84 32.94
C MET E 260 -0.66 43.16 33.47
N GLU E 261 0.64 43.38 33.25
CA GLU E 261 1.25 44.64 33.64
C GLU E 261 0.93 45.77 32.67
N PRO E 262 0.87 45.54 31.35
CA PRO E 262 0.50 46.64 30.45
C PRO E 262 -0.87 47.21 30.70
N PHE E 263 -1.74 46.50 31.41
CA PHE E 263 -3.08 46.97 31.71
C PHE E 263 -3.21 47.14 33.22
N PRO E 264 -3.25 48.38 33.72
CA PRO E 264 -3.17 48.59 35.17
C PRO E 264 -4.39 48.05 35.89
N ASN E 265 -4.15 47.41 37.04
CA ASN E 265 -5.19 47.00 37.98
C ASN E 265 -6.15 45.97 37.38
N GLN E 266 -5.74 45.29 36.32
CA GLN E 266 -6.56 44.25 35.71
C GLN E 266 -6.29 42.88 36.29
N PHE E 267 -5.32 42.75 37.19
CA PHE E 267 -5.12 41.53 37.96
C PHE E 267 -4.85 41.94 39.40
N TYR E 268 -5.81 41.70 40.28
CA TYR E 268 -5.67 42.01 41.69
C TYR E 268 -5.86 40.75 42.50
N LYS E 269 -4.91 40.48 43.40
CA LYS E 269 -4.97 39.29 44.23
C LYS E 269 -5.30 39.70 45.65
N ILE E 270 -6.40 39.17 46.17
CA ILE E 270 -6.80 39.42 47.56
C ILE E 270 -6.10 38.38 48.43
N ASP E 271 -4.89 38.69 48.86
CA ASP E 271 -4.12 37.78 49.70
C ASP E 271 -4.00 38.35 51.10
N GLU E 272 -3.83 37.44 52.06
CA GLU E 272 -3.60 37.84 53.45
C GLU E 272 -2.14 38.26 53.65
N GLN E 273 -1.74 39.30 52.91
CA GLN E 273 -0.44 39.94 53.11
C GLN E 273 -0.35 40.67 54.45
N ILE E 274 -1.40 40.58 55.28
CA ILE E 274 -1.39 41.23 56.58
C ILE E 274 -1.05 40.23 57.68
N VAL E 275 -1.27 38.95 57.45
CA VAL E 275 -0.90 37.94 58.43
C VAL E 275 0.61 37.77 58.49
N GLN E 276 1.29 37.99 57.36
CA GLN E 276 2.75 38.01 57.38
C GLN E 276 3.26 39.28 58.04
N ALA E 277 2.44 40.33 58.10
CA ALA E 277 2.74 41.54 58.85
C ALA E 277 2.06 41.54 60.21
N SER E 278 1.40 40.44 60.57
CA SER E 278 0.70 40.36 61.85
C SER E 278 1.69 40.15 63.00
N ALA E 279 1.86 41.17 63.84
CA ALA E 279 2.73 41.09 64.99
C ALA E 279 2.27 40.06 66.02
N GLN E 280 1.01 39.65 65.95
CA GLN E 280 0.49 38.64 66.87
C GLN E 280 -0.04 37.43 66.11
N SER E 288 -8.89 25.34 68.01
CA SER E 288 -8.53 26.14 66.84
C SER E 288 -9.48 27.33 66.68
N ASP E 289 -10.23 27.64 67.73
CA ASP E 289 -11.13 28.79 67.71
C ASP E 289 -10.36 30.10 67.55
N ALA E 290 -9.20 30.21 68.18
CA ALA E 290 -8.37 31.39 68.00
C ALA E 290 -7.94 31.53 66.54
N ALA E 291 -7.53 30.42 65.93
CA ALA E 291 -7.15 30.44 64.52
C ALA E 291 -8.34 30.81 63.64
N LYS E 292 -9.54 30.38 64.01
CA LYS E 292 -10.74 30.83 63.31
C LYS E 292 -10.86 32.34 63.40
N GLN E 293 -10.61 32.90 64.58
CA GLN E 293 -10.67 34.34 64.75
C GLN E 293 -9.68 35.05 63.84
N VAL E 294 -8.43 34.59 63.81
CA VAL E 294 -7.44 35.27 62.96
C VAL E 294 -7.82 35.15 61.49
N LEU E 295 -8.23 33.96 61.06
CA LEU E 295 -8.58 33.77 59.65
C LEU E 295 -9.76 34.64 59.24
N GLU E 296 -10.81 34.62 60.06
CA GLU E 296 -12.03 35.45 59.79
C GLU E 296 -11.62 36.92 59.72
N GLY E 297 -10.93 37.41 60.75
CA GLY E 297 -10.57 38.81 60.83
C GLY E 297 -9.70 39.24 59.66
N ASN E 298 -8.74 38.38 59.28
CA ASN E 298 -7.91 38.67 58.12
C ASN E 298 -8.73 38.73 56.85
N GLY E 299 -9.70 37.81 56.69
CA GLY E 299 -10.57 37.85 55.53
C GLY E 299 -11.38 39.13 55.47
N ILE E 300 -11.96 39.53 56.61
CA ILE E 300 -12.76 40.75 56.64
C ILE E 300 -11.90 41.97 56.33
N GLN E 301 -10.69 42.04 56.90
CA GLN E 301 -9.82 43.17 56.63
C GLN E 301 -9.37 43.22 55.18
N SER E 302 -9.00 42.08 54.60
CA SER E 302 -8.60 42.05 53.19
C SER E 302 -9.74 42.43 52.27
N ALA E 303 -10.95 41.97 52.57
CA ALA E 303 -12.10 42.37 51.76
C ALA E 303 -12.40 43.85 51.92
N LYS E 304 -12.24 44.39 53.13
CA LYS E 304 -12.40 45.82 53.33
C LYS E 304 -11.40 46.61 52.50
N VAL E 305 -10.14 46.18 52.50
CA VAL E 305 -9.12 46.82 51.69
C VAL E 305 -9.47 46.75 50.21
N ALA E 306 -9.91 45.58 49.74
CA ALA E 306 -10.27 45.42 48.34
C ALA E 306 -11.45 46.29 47.92
N LEU E 307 -12.49 46.39 48.76
CA LEU E 307 -13.65 47.19 48.42
C LEU E 307 -13.36 48.68 48.43
N GLY E 308 -12.23 49.10 49.00
CA GLY E 308 -11.85 50.49 48.93
C GLY E 308 -11.28 50.93 47.61
N LYS E 309 -11.05 50.01 46.69
CA LYS E 309 -10.50 50.30 45.37
C LYS E 309 -11.62 50.27 44.35
N ASP E 310 -11.76 51.36 43.59
CA ASP E 310 -12.91 51.51 42.72
C ASP E 310 -12.95 50.44 41.63
N PHE E 311 -11.77 50.00 41.16
CA PHE E 311 -11.77 48.99 40.11
C PHE E 311 -12.26 47.63 40.62
N ILE E 312 -12.11 47.35 41.91
CA ILE E 312 -12.71 46.15 42.47
C ILE E 312 -14.22 46.33 42.60
N ARG E 313 -14.66 47.51 43.02
CA ARG E 313 -16.10 47.77 43.12
C ARG E 313 -16.77 47.78 41.76
N ASN E 314 -16.01 47.96 40.68
CA ASN E 314 -16.58 47.96 39.34
C ASN E 314 -16.82 46.57 38.79
N TYR E 315 -16.39 45.53 39.49
CA TYR E 315 -16.73 44.17 39.09
C TYR E 315 -18.20 43.86 39.33
N PHE E 316 -18.84 44.56 40.26
CA PHE E 316 -20.17 44.21 40.73
C PHE E 316 -21.24 45.21 40.34
N ASN E 317 -20.88 46.33 39.73
CA ASN E 317 -21.85 47.37 39.37
C ASN E 317 -22.27 47.29 37.91
N GLN E 318 -22.39 46.10 37.35
CA GLN E 318 -22.65 45.91 35.94
C GLN E 318 -23.92 45.09 35.74
N PRO E 319 -24.53 45.17 34.55
CA PRO E 319 -25.69 44.32 34.27
C PRO E 319 -25.31 42.85 34.34
N SER E 320 -26.27 42.03 34.76
CA SER E 320 -26.02 40.61 34.96
C SER E 320 -25.52 39.98 33.67
N ARG E 321 -24.48 39.15 33.79
CA ARG E 321 -23.83 38.59 32.62
C ARG E 321 -24.70 37.51 32.00
N LYS E 322 -24.65 37.41 30.68
CA LYS E 322 -25.45 36.45 29.92
C LYS E 322 -24.55 35.31 29.47
N ARG E 323 -24.95 34.08 29.77
CA ARG E 323 -24.12 32.92 29.52
C ARG E 323 -24.44 32.31 28.16
N GLU E 324 -23.46 31.63 27.58
CA GLU E 324 -23.64 30.89 26.33
C GLU E 324 -23.21 29.45 26.57
N TRP E 325 -24.20 28.59 26.82
CA TRP E 325 -23.94 27.17 27.04
C TRP E 325 -24.14 26.43 25.72
N PHE E 326 -23.14 25.63 25.34
CA PHE E 326 -23.15 24.96 24.05
C PHE E 326 -23.53 23.50 24.15
N ASP E 327 -23.90 23.02 25.34
CA ASP E 327 -24.30 21.64 25.55
C ASP E 327 -24.87 21.54 26.95
N GLY E 328 -25.46 20.39 27.26
CA GLY E 328 -26.04 20.17 28.56
C GLY E 328 -27.45 20.69 28.67
N PRO E 329 -28.05 20.56 29.85
CA PRO E 329 -29.45 20.96 30.02
C PRO E 329 -29.72 22.44 29.79
N GLN E 330 -28.71 23.30 29.92
CA GLN E 330 -28.90 24.74 29.76
C GLN E 330 -28.43 25.24 28.40
N LYS E 331 -28.45 24.39 27.37
CA LYS E 331 -27.94 24.75 26.06
C LYS E 331 -28.70 25.94 25.48
N ASN E 332 -27.99 27.04 25.26
CA ASN E 332 -28.56 28.25 24.67
C ASN E 332 -28.25 28.37 23.18
N VAL E 333 -27.14 27.81 22.72
CA VAL E 333 -26.74 27.94 21.33
C VAL E 333 -27.07 26.66 20.56
N MET F 1 8.57 43.68 11.31
CA MET F 1 8.14 42.32 11.65
C MET F 1 9.08 41.26 11.10
N GLU F 2 10.06 40.84 11.89
CA GLU F 2 10.88 39.70 11.51
C GLU F 2 10.77 38.66 12.61
N LYS F 3 10.94 37.40 12.23
CA LYS F 3 10.58 36.28 13.09
C LYS F 3 11.50 36.21 14.30
N PHE F 4 10.91 36.10 15.49
CA PHE F 4 11.66 35.92 16.74
C PHE F 4 11.72 34.43 17.03
N GLN F 5 12.90 33.83 16.85
CA GLN F 5 13.05 32.39 16.93
C GLN F 5 13.67 31.99 18.27
N ILE F 6 13.09 30.98 18.90
CA ILE F 6 13.52 30.52 20.22
C ILE F 6 13.90 29.05 20.11
N LEU F 7 14.98 28.67 20.79
CA LEU F 7 15.43 27.29 20.87
C LEU F 7 15.29 26.84 22.32
N ALA F 8 14.36 25.93 22.57
CA ALA F 8 14.02 25.49 23.92
C ALA F 8 14.55 24.07 24.13
N LEU F 9 15.80 23.99 24.59
CA LEU F 9 16.45 22.66 24.76
C LEU F 9 15.92 21.97 26.03
N SER F 10 14.92 21.11 25.89
CA SER F 10 14.42 20.34 27.06
C SER F 10 15.19 19.00 27.14
N GLY F 11 15.26 18.40 28.32
CA GLY F 11 15.92 17.09 28.46
C GLY F 11 16.11 16.66 29.90
N GLY F 12 16.93 15.63 30.13
CA GLY F 12 17.17 15.12 31.46
C GLY F 12 18.15 13.98 31.47
N GLY F 13 19.19 14.12 32.28
CA GLY F 13 20.13 13.02 32.49
C GLY F 13 20.91 12.59 31.29
N TYR F 14 20.89 11.29 31.00
CA TYR F 14 21.72 10.73 29.92
C TYR F 14 20.97 10.65 28.64
N ARG F 15 19.71 11.06 28.64
CA ARG F 15 19.02 11.08 27.34
C ARG F 15 19.44 12.35 26.61
N GLY F 16 20.28 13.17 27.23
CA GLY F 16 20.71 14.43 26.63
C GLY F 16 21.45 14.19 25.35
N LEU F 17 22.07 13.03 25.23
CA LEU F 17 22.67 12.63 23.97
C LEU F 17 21.72 12.74 22.79
N PHE F 18 20.41 12.60 23.02
CA PHE F 18 19.45 12.86 21.96
C PHE F 18 19.46 14.34 21.58
N THR F 19 19.41 15.21 22.57
CA THR F 19 19.42 16.66 22.33
C THR F 19 20.70 17.12 21.66
N ALA F 20 21.82 16.47 21.90
CA ALA F 20 23.01 16.97 21.20
C ALA F 20 23.12 16.35 19.83
N THR F 21 22.58 15.16 19.61
CA THR F 21 22.59 14.60 18.24
C THR F 21 21.65 15.39 17.34
N VAL F 22 20.46 15.75 17.81
CA VAL F 22 19.51 16.55 17.00
C VAL F 22 20.15 17.88 16.71
N LEU F 23 21.02 18.35 17.58
CA LEU F 23 21.62 19.69 17.42
C LEU F 23 22.86 19.61 16.53
N LYS F 24 23.52 18.47 16.41
CA LYS F 24 24.66 18.42 15.47
C LYS F 24 24.09 18.44 14.06
N GLU F 25 22.98 17.76 13.83
CA GLU F 25 22.34 17.68 12.49
C GLU F 25 21.77 19.03 12.08
N LEU F 26 21.10 19.70 13.00
CA LEU F 26 20.54 21.03 12.71
C LEU F 26 21.69 22.00 12.49
N GLU F 27 22.72 21.95 13.33
CA GLU F 27 23.90 22.80 13.12
C GLU F 27 24.37 22.72 11.67
N GLN F 28 24.51 21.51 11.14
CA GLN F 28 25.02 21.37 9.76
C GLN F 28 24.18 22.24 8.83
N GLU F 29 22.88 22.30 9.06
CA GLU F 29 22.00 23.04 8.13
C GLU F 29 22.30 24.51 8.27
N ALA F 30 22.67 24.95 9.46
CA ALA F 30 23.02 26.37 9.71
C ALA F 30 24.29 26.69 8.96
N LYS F 31 25.33 25.90 9.20
CA LYS F 31 26.60 26.10 8.47
C LYS F 31 26.29 26.16 6.98
N GLU F 32 25.67 25.11 6.45
CA GLU F 32 25.44 25.08 5.02
C GLU F 32 24.72 26.32 4.51
N ASN F 33 23.95 26.98 5.37
CA ASN F 33 23.32 28.24 5.01
C ASN F 33 24.20 29.45 5.31
N GLY F 34 25.41 29.23 5.83
CA GLY F 34 26.38 30.29 5.98
C GLY F 34 26.48 30.94 7.36
N HIS F 35 26.12 30.25 8.42
CA HIS F 35 26.23 30.78 9.77
C HIS F 35 27.45 30.19 10.47
N ASP F 36 27.94 30.92 11.46
CA ASP F 36 29.09 30.48 12.25
C ASP F 36 28.74 29.35 13.20
N SER F 37 27.58 29.42 13.85
CA SER F 37 27.14 28.38 14.77
C SER F 37 25.62 28.35 14.73
N ILE F 38 25.05 27.42 15.50
CA ILE F 38 23.60 27.25 15.54
C ILE F 38 23.01 28.30 16.47
N ALA F 39 23.87 29.07 17.13
CA ALA F 39 23.43 30.14 18.02
C ALA F 39 23.22 31.45 17.28
N ASP F 40 23.54 31.51 15.99
CA ASP F 40 23.32 32.71 15.20
C ASP F 40 21.97 32.72 14.50
N CYS F 41 21.19 31.65 14.64
CA CYS F 41 19.89 31.54 14.02
C CYS F 41 18.74 31.76 14.99
N PHE F 42 19.02 31.97 16.27
CA PHE F 42 18.01 32.05 17.29
C PHE F 42 18.14 33.33 18.09
N ASP F 43 17.01 33.87 18.54
CA ASP F 43 17.04 35.08 19.36
C ASP F 43 17.05 34.79 20.84
N LEU F 44 16.75 33.56 21.24
CA LEU F 44 16.68 33.21 22.64
C LEU F 44 16.87 31.71 22.78
N ILE F 45 17.56 31.30 23.83
CA ILE F 45 17.84 29.89 24.09
C ILE F 45 17.48 29.64 25.55
N THR F 46 16.54 28.74 25.76
CA THR F 46 16.08 28.46 27.11
C THR F 46 16.35 26.99 27.33
N GLY F 47 16.85 26.63 28.49
CA GLY F 47 17.08 25.22 28.78
C GLY F 47 16.83 24.96 30.23
N THR F 48 16.63 23.70 30.61
CA THR F 48 16.45 23.36 32.04
C THR F 48 17.44 22.24 32.41
N SER F 49 18.11 22.38 33.56
CA SER F 49 19.06 21.33 34.03
C SER F 49 20.09 21.02 32.95
N VAL F 50 20.19 19.76 32.53
CA VAL F 50 21.20 19.36 31.49
C VAL F 50 20.99 20.21 30.24
N GLY F 51 19.73 20.38 29.82
CA GLY F 51 19.44 21.24 28.66
C GLY F 51 20.12 22.58 28.83
N GLY F 52 20.49 22.93 30.06
CA GLY F 52 21.15 24.21 30.34
C GLY F 52 22.65 24.07 30.16
N ILE F 53 23.20 22.89 30.43
CA ILE F 53 24.64 22.69 30.15
C ILE F 53 24.79 22.66 28.63
N VAL F 54 23.75 22.30 27.88
CA VAL F 54 23.82 22.36 26.43
C VAL F 54 23.44 23.73 25.89
N ALA F 55 22.44 24.38 26.47
CA ALA F 55 22.04 25.73 26.07
C ALA F 55 23.14 26.75 26.27
N LEU F 56 23.84 26.71 27.40
CA LEU F 56 24.97 27.62 27.61
C LEU F 56 26.09 27.33 26.62
N ALA F 57 26.39 26.05 26.39
CA ALA F 57 27.43 25.69 25.43
C ALA F 57 27.07 26.13 24.03
N ILE F 58 25.81 25.98 23.63
CA ILE F 58 25.37 26.42 22.30
C ILE F 58 25.56 27.92 22.15
N ALA F 59 25.12 28.69 23.15
CA ALA F 59 25.19 30.15 23.06
C ALA F 59 26.62 30.67 23.18
N TYR F 60 27.46 30.01 23.97
CA TYR F 60 28.85 30.44 24.11
C TYR F 60 29.63 30.33 22.80
N GLY F 61 29.16 29.52 21.86
CA GLY F 61 29.87 29.30 20.63
C GLY F 61 30.60 27.98 20.55
N ILE F 62 30.39 27.10 21.54
CA ILE F 62 31.05 25.80 21.54
C ILE F 62 30.56 24.97 20.37
N LYS F 63 31.49 24.31 19.68
CA LYS F 63 31.14 23.40 18.60
C LYS F 63 30.31 22.25 19.15
N VAL F 64 29.21 21.91 18.46
CA VAL F 64 28.35 20.84 18.92
C VAL F 64 29.01 19.47 18.87
N GLU F 65 30.14 19.32 18.17
CA GLU F 65 30.85 18.05 18.24
C GLU F 65 31.35 17.73 19.65
N ALA F 66 31.76 18.75 20.41
CA ALA F 66 32.22 18.56 21.77
C ALA F 66 31.10 18.39 22.78
N ILE F 67 29.93 19.00 22.53
CA ILE F 67 28.78 18.74 23.36
C ILE F 67 28.34 17.29 23.23
N VAL F 68 28.36 16.73 22.02
CA VAL F 68 28.14 15.30 21.85
C VAL F 68 29.27 14.46 22.42
N ASP F 69 30.52 14.91 22.29
CA ASP F 69 31.65 14.20 22.86
C ASP F 69 31.52 14.06 24.37
N LEU F 70 30.88 15.02 25.03
CA LEU F 70 30.63 14.93 26.46
C LEU F 70 29.72 13.76 26.83
N PHE F 71 28.73 13.43 25.99
CA PHE F 71 27.70 12.47 26.36
C PHE F 71 28.03 11.04 26.00
N LYS F 72 28.94 10.81 25.05
CA LYS F 72 29.27 9.45 24.62
C LYS F 72 30.67 9.04 25.04
N SER F 73 31.37 9.88 25.80
CA SER F 73 32.70 9.52 26.28
C SER F 73 32.83 9.83 27.77
N HIS F 74 32.02 10.76 28.26
CA HIS F 74 32.03 11.17 29.66
C HIS F 74 30.65 11.03 30.29
N GLY F 75 29.70 10.44 29.55
CA GLY F 75 28.33 10.42 30.01
C GLY F 75 28.08 9.57 31.23
N ASP F 76 28.78 8.44 31.36
CA ASP F 76 28.59 7.55 32.50
C ASP F 76 29.10 8.19 33.78
N LYS F 77 30.32 8.72 33.75
CA LYS F 77 30.94 9.27 34.95
C LYS F 77 30.17 10.50 35.45
N ILE F 78 29.74 11.36 34.53
CA ILE F 78 29.00 12.56 34.91
C ILE F 78 27.54 12.29 35.21
N PHE F 79 26.86 11.53 34.34
CA PHE F 79 25.43 11.27 34.53
C PHE F 79 25.17 9.78 34.73
N GLY F 89 28.23 10.80 48.13
CA GLY F 89 27.31 11.63 48.89
C GLY F 89 25.90 11.60 48.35
N SER F 90 25.62 12.44 47.36
CA SER F 90 24.30 12.54 46.74
C SER F 90 24.24 11.80 45.41
N LYS F 91 24.92 10.66 45.31
CA LYS F 91 25.00 9.74 44.17
C LYS F 91 25.93 10.29 43.08
N TYR F 92 26.38 11.54 43.17
CA TYR F 92 27.37 12.09 42.25
C TYR F 92 28.18 13.15 43.00
N SER F 93 29.37 13.44 42.47
CA SER F 93 30.31 14.33 43.12
C SER F 93 30.57 15.61 42.32
N ASN F 94 30.04 15.70 41.09
CA ASN F 94 30.07 16.91 40.28
C ASN F 94 31.47 17.31 39.85
N GLU F 95 32.50 16.56 40.25
CA GLU F 95 33.86 16.98 39.95
C GLU F 95 34.22 16.78 38.49
N SER F 96 33.78 15.68 37.87
CA SER F 96 34.03 15.48 36.45
C SER F 96 33.30 16.51 35.61
N LEU F 97 32.03 16.77 35.96
CA LEU F 97 31.26 17.80 35.27
C LEU F 97 31.92 19.15 35.41
N LYS F 98 32.40 19.47 36.63
CA LYS F 98 33.10 20.72 36.83
C LYS F 98 34.36 20.79 35.98
N THR F 99 35.12 19.70 35.92
CA THR F 99 36.35 19.71 35.12
C THR F 99 36.05 19.95 33.65
N VAL F 100 35.03 19.27 33.12
CA VAL F 100 34.70 19.42 31.71
C VAL F 100 34.18 20.83 31.42
N LEU F 101 33.45 21.42 32.38
CA LEU F 101 32.90 22.75 32.15
C LEU F 101 34.00 23.81 32.18
N GLU F 102 34.94 23.70 33.13
CA GLU F 102 36.10 24.61 33.09
C GLU F 102 36.91 24.41 31.82
N GLU F 103 37.07 23.14 31.42
CA GLU F 103 37.74 22.82 30.13
C GLU F 103 37.08 23.64 29.02
N TRP F 104 35.74 23.62 28.97
CA TRP F 104 34.99 24.35 27.96
C TRP F 104 35.04 25.86 28.14
N PHE F 105 34.52 26.34 29.27
CA PHE F 105 34.33 27.78 29.46
C PHE F 105 35.57 28.43 30.06
N GLY F 106 35.95 28.01 31.26
CA GLY F 106 37.08 28.60 31.94
C GLY F 106 36.66 29.59 33.01
N ASP F 107 36.88 30.87 32.77
CA ASP F 107 36.54 31.93 33.71
C ASP F 107 35.68 32.99 33.03
N SER F 108 34.95 32.58 31.99
CA SER F 108 34.07 33.48 31.26
C SER F 108 32.80 33.73 32.06
N ILE F 109 32.30 34.96 31.99
CA ILE F 109 31.08 35.37 32.68
C ILE F 109 29.90 35.15 31.75
N LEU F 110 28.70 35.16 32.32
CA LEU F 110 27.48 34.88 31.56
C LEU F 110 27.21 35.98 30.55
N GLY F 111 27.92 37.11 30.65
CA GLY F 111 27.73 38.19 29.73
C GLY F 111 28.56 38.06 28.47
N ASP F 112 29.36 36.99 28.39
CA ASP F 112 30.18 36.73 27.22
C ASP F 112 29.49 35.82 26.21
N LEU F 113 28.24 35.45 26.47
CA LEU F 113 27.48 34.62 25.54
C LEU F 113 27.12 35.40 24.28
N LYS F 114 27.01 34.68 23.17
CA LYS F 114 26.66 35.28 21.90
C LYS F 114 25.17 35.25 21.61
N CYS F 115 24.38 34.60 22.46
CA CYS F 115 22.95 34.50 22.25
C CYS F 115 22.26 34.66 23.59
N PRO F 116 21.19 35.45 23.68
CA PRO F 116 20.46 35.57 24.94
C PRO F 116 19.94 34.21 25.38
N VAL F 117 20.15 33.90 26.66
CA VAL F 117 19.68 32.65 27.24
C VAL F 117 18.89 32.95 28.50
N VAL F 118 18.01 32.03 28.84
CA VAL F 118 17.25 32.08 30.09
C VAL F 118 17.41 30.70 30.72
N ILE F 119 18.03 30.65 31.89
CA ILE F 119 18.24 29.38 32.59
C ILE F 119 17.42 29.40 33.87
N PRO F 120 16.25 28.77 33.90
CA PRO F 120 15.49 28.69 35.15
C PRO F 120 16.13 27.74 36.15
N THR F 121 15.85 28.00 37.42
CA THR F 121 16.48 27.31 38.54
C THR F 121 15.67 27.69 39.79
N ILE F 122 15.87 26.96 40.89
CA ILE F 122 15.16 27.26 42.13
C ILE F 122 16.18 27.67 43.19
N ASP F 123 15.90 28.79 43.84
CA ASP F 123 16.64 29.24 45.03
C ASP F 123 16.16 28.40 46.20
N PHE F 124 17.00 27.46 46.63
CA PHE F 124 16.68 26.61 47.76
C PHE F 124 16.60 27.40 49.06
N THR F 125 17.45 28.41 49.22
CA THR F 125 17.46 29.25 50.41
C THR F 125 16.09 29.88 50.62
N ARG F 126 15.66 30.74 49.68
CA ARG F 126 14.30 31.27 49.74
C ARG F 126 13.26 30.26 49.29
N GLY F 127 13.68 29.23 48.53
CA GLY F 127 12.74 28.30 47.95
C GLY F 127 11.82 28.94 46.94
N SER F 128 12.38 29.69 45.99
CA SER F 128 11.58 30.45 45.06
C SER F 128 12.17 30.35 43.67
N PRO F 129 11.37 30.51 42.61
CA PRO F 129 11.92 30.46 41.26
C PRO F 129 12.92 31.58 41.02
N VAL F 130 13.94 31.28 40.22
CA VAL F 130 14.96 32.22 39.79
C VAL F 130 15.26 31.91 38.33
N THR F 131 15.55 32.94 37.55
CA THR F 131 16.01 32.76 36.18
C THR F 131 17.31 33.53 36.00
N LEU F 132 18.34 32.82 35.51
CA LEU F 132 19.62 33.44 35.20
C LEU F 132 19.60 33.86 33.75
N LYS F 133 19.61 35.17 33.52
CA LYS F 133 19.44 35.66 32.15
C LYS F 133 20.64 36.51 31.75
N THR F 134 20.85 36.69 30.45
CA THR F 134 21.93 37.58 29.96
C THR F 134 21.36 39.00 29.87
N PRO F 135 22.18 40.07 29.78
CA PRO F 135 21.65 41.43 29.78
C PRO F 135 21.00 41.78 28.43
N HIS F 136 19.84 41.16 28.14
CA HIS F 136 19.15 41.40 26.84
C HIS F 136 17.98 42.37 27.05
N ASN F 137 17.88 42.96 28.25
CA ASN F 137 16.81 43.95 28.51
C ASN F 137 17.45 45.04 29.36
N PRO F 138 17.03 46.30 29.29
CA PRO F 138 17.59 47.30 30.18
C PRO F 138 17.49 46.89 31.65
N ASN F 139 16.57 46.02 32.00
CA ASN F 139 16.30 45.67 33.42
C ASN F 139 17.10 44.48 33.93
N LEU F 140 17.96 43.87 33.11
CA LEU F 140 18.72 42.66 33.54
C LEU F 140 20.15 43.12 33.81
N LYS F 141 20.55 43.18 35.08
CA LYS F 141 21.82 43.83 35.40
C LYS F 141 22.65 43.09 36.45
N ARG F 142 22.31 41.86 36.81
CA ARG F 142 23.04 41.22 37.90
C ARG F 142 23.45 39.79 37.62
N ASP F 143 22.96 39.25 36.51
CA ASP F 143 23.20 37.82 36.21
C ASP F 143 24.33 37.67 35.21
N TRP F 144 24.72 38.77 34.56
CA TRP F 144 25.79 38.68 33.57
C TRP F 144 27.16 38.61 34.20
N LYS F 145 27.26 38.73 35.52
CA LYS F 145 28.53 38.69 36.22
C LYS F 145 28.90 37.31 36.71
N LEU F 146 28.02 36.33 36.57
CA LEU F 146 28.25 35.02 37.15
C LEU F 146 29.14 34.17 36.25
N LYS F 147 29.82 33.20 36.85
CA LYS F 147 30.57 32.19 36.11
C LYS F 147 29.59 31.32 35.33
N ILE F 148 29.91 31.07 34.06
CA ILE F 148 29.12 30.11 33.30
C ILE F 148 29.26 28.73 33.90
N VAL F 149 30.42 28.43 34.49
CA VAL F 149 30.61 27.16 35.17
C VAL F 149 29.66 27.01 36.35
N ASP F 150 29.51 28.06 37.16
CA ASP F 150 28.58 28.03 38.29
C ASP F 150 27.13 27.98 37.86
N VAL F 151 26.76 28.69 36.80
CA VAL F 151 25.40 28.58 36.26
C VAL F 151 25.12 27.17 35.79
N ALA F 152 26.05 26.55 35.07
CA ALA F 152 25.91 25.18 34.62
C ALA F 152 25.84 24.17 35.76
N LEU F 153 26.62 24.38 36.81
CA LEU F 153 26.56 23.53 38.00
C LEU F 153 25.30 23.76 38.82
N ALA F 154 24.67 24.93 38.71
CA ALA F 154 23.45 25.21 39.45
C ALA F 154 22.23 24.66 38.74
N THR F 155 22.14 24.85 37.42
CA THR F 155 20.98 24.37 36.68
C THR F 155 20.89 22.85 36.72
N SER F 156 22.02 22.17 36.60
CA SER F 156 22.07 20.70 36.64
C SER F 156 22.51 20.27 38.03
N ALA F 157 21.65 20.54 39.01
CA ALA F 157 21.91 20.12 40.39
C ALA F 157 20.62 19.80 41.11
N ALA F 158 20.21 18.54 41.10
CA ALA F 158 18.97 18.15 41.75
C ALA F 158 19.26 17.32 43.00
N PRO F 159 18.36 17.37 43.98
CA PRO F 159 18.51 16.48 45.14
C PRO F 159 18.50 15.02 44.71
N THR F 160 19.26 14.21 45.43
CA THR F 160 19.52 12.80 45.11
C THR F 160 20.31 12.63 43.82
N TYR F 161 20.69 13.74 43.18
CA TYR F 161 21.57 13.68 42.00
C TYR F 161 22.88 14.40 42.28
N PHE F 162 22.81 15.66 42.70
CA PHE F 162 24.00 16.46 42.91
C PHE F 162 23.83 17.31 44.17
N PRO F 163 24.92 17.64 44.86
CA PRO F 163 24.83 18.63 45.94
C PRO F 163 24.42 19.98 45.40
N ARG F 164 23.69 20.73 46.22
CA ARG F 164 23.22 22.05 45.82
C ARG F 164 24.42 22.99 45.64
N HIS F 165 24.41 23.74 44.54
CA HIS F 165 25.57 24.57 44.21
C HIS F 165 25.37 25.99 44.75
N PRO F 166 26.24 26.45 45.66
CA PRO F 166 26.22 27.85 46.15
C PRO F 166 26.96 28.82 45.24
N ILE F 167 26.25 29.36 44.25
CA ILE F 167 26.85 30.33 43.33
C ILE F 167 27.43 31.51 44.12
N GLY F 168 26.64 32.08 45.00
CA GLY F 168 27.09 33.14 45.88
C GLY F 168 26.66 32.87 47.30
N PRO F 169 25.98 33.84 47.91
CA PRO F 169 25.38 33.63 49.24
C PRO F 169 24.16 32.71 49.24
N ASN F 170 23.67 32.30 48.08
CA ASN F 170 22.45 31.51 47.97
C ASN F 170 22.79 30.14 47.40
N GLU F 171 22.02 29.13 47.81
CA GLU F 171 22.13 27.78 47.27
C GLU F 171 21.02 27.57 46.25
N TYR F 172 21.37 26.99 45.10
CA TYR F 172 20.43 26.77 44.01
C TYR F 172 20.30 25.29 43.71
N VAL F 173 19.10 24.87 43.33
CA VAL F 173 18.88 23.47 42.94
C VAL F 173 18.51 23.44 41.46
N ALA F 174 18.25 22.24 40.94
CA ALA F 174 18.02 22.09 39.51
C ALA F 174 16.77 22.83 39.08
N GLY F 175 16.80 23.39 37.87
CA GLY F 175 15.67 24.11 37.32
C GLY F 175 14.56 23.26 36.78
N GLY F 176 14.85 22.02 36.39
CA GLY F 176 13.81 21.13 35.89
C GLY F 176 12.76 20.77 36.91
N LEU F 177 13.05 21.01 38.20
CA LEU F 177 12.07 20.69 39.24
C LEU F 177 10.81 21.53 39.09
N PHE F 178 10.95 22.81 38.76
CA PHE F 178 9.79 23.67 38.58
C PHE F 178 9.51 23.96 37.10
N ALA F 179 10.48 24.48 36.38
CA ALA F 179 10.27 24.88 34.99
C ALA F 179 10.71 23.74 34.07
N ASN F 180 10.01 22.61 34.21
CA ASN F 180 10.43 21.41 33.50
C ASN F 180 10.31 21.57 31.99
N ASP F 181 9.49 22.53 31.55
CA ASP F 181 9.40 22.85 30.13
C ASP F 181 10.05 24.19 29.87
N PRO F 182 11.15 24.24 29.13
CA PRO F 182 11.79 25.54 28.86
C PRO F 182 11.23 26.23 27.63
N SER F 183 10.13 25.72 27.08
CA SER F 183 9.47 26.38 25.97
C SER F 183 8.41 27.37 26.42
N LEU F 184 7.85 27.20 27.62
CA LEU F 184 7.01 28.24 28.21
C LEU F 184 7.82 29.43 28.65
N ILE F 185 9.02 29.20 29.19
CA ILE F 185 9.92 30.29 29.51
C ILE F 185 10.32 31.08 28.28
N GLY F 186 10.63 30.42 27.16
CA GLY F 186 10.98 31.14 25.96
C GLY F 186 9.84 32.00 25.44
N LEU F 187 8.63 31.42 25.39
CA LEU F 187 7.48 32.19 24.95
C LEU F 187 7.18 33.36 25.88
N HIS F 188 7.21 33.13 27.19
CA HIS F 188 6.97 34.22 28.13
C HIS F 188 8.01 35.32 28.01
N GLU F 189 9.28 34.93 27.91
CA GLU F 189 10.37 35.89 27.80
C GLU F 189 10.26 36.71 26.53
N ALA F 190 9.87 36.10 25.42
CA ALA F 190 9.56 36.84 24.21
C ALA F 190 8.29 37.68 24.35
N ASP F 191 7.50 37.48 25.38
CA ASP F 191 6.23 38.25 25.44
C ASP F 191 6.38 39.47 26.35
N TYR F 192 7.31 39.42 27.29
CA TYR F 192 7.41 40.53 28.26
C TYR F 192 8.78 41.18 28.25
N MET F 193 9.87 40.45 27.99
CA MET F 193 11.16 41.12 27.92
C MET F 193 11.37 41.71 26.54
N PHE F 194 11.03 40.95 25.51
CA PHE F 194 11.24 41.42 24.15
C PHE F 194 10.05 42.14 23.53
N LYS F 195 8.93 42.22 24.25
CA LYS F 195 7.72 42.85 23.73
C LYS F 195 7.42 42.41 22.31
N LYS F 196 7.41 41.11 22.09
CA LYS F 196 7.17 40.55 20.76
C LYS F 196 5.73 40.11 20.65
N ASN F 197 5.12 40.40 19.49
CA ASN F 197 3.82 39.84 19.18
C ASN F 197 3.95 38.34 18.99
N ILE F 198 2.98 37.59 19.51
CA ILE F 198 3.08 36.14 19.52
C ILE F 198 3.07 35.55 18.12
N GLN F 199 2.56 36.29 17.13
CA GLN F 199 2.58 35.78 15.76
C GLN F 199 4.00 35.75 15.20
N ASP F 200 4.91 36.53 15.79
CA ASP F 200 6.28 36.60 15.32
C ASP F 200 7.20 35.63 16.06
N VAL F 201 6.68 34.85 16.99
CA VAL F 201 7.48 33.96 17.81
C VAL F 201 7.45 32.57 17.20
N HIS F 202 8.63 32.01 16.96
CA HIS F 202 8.77 30.64 16.45
C HIS F 202 9.62 29.86 17.44
N ILE F 203 9.03 28.84 18.05
CA ILE F 203 9.70 28.05 19.08
C ILE F 203 10.07 26.69 18.50
N LEU F 204 11.32 26.31 18.65
CA LEU F 204 11.79 24.98 18.29
C LEU F 204 12.29 24.30 19.56
N SER F 205 11.55 23.31 20.04
CA SER F 205 11.82 22.68 21.32
C SER F 205 12.40 21.28 21.08
N ILE F 206 13.71 21.18 21.26
CA ILE F 206 14.38 19.88 21.13
C ILE F 206 14.42 19.24 22.51
N GLY F 207 13.34 18.56 22.88
CA GLY F 207 13.26 17.89 24.16
C GLY F 207 13.33 16.39 24.04
N THR F 208 13.21 15.72 25.19
CA THR F 208 13.23 14.28 25.24
C THR F 208 12.38 13.81 26.41
N LEU F 209 11.97 12.55 26.35
CA LEU F 209 11.14 11.94 27.39
C LEU F 209 12.03 11.35 28.48
N SER F 210 11.63 11.55 29.73
CA SER F 210 12.39 11.02 30.85
C SER F 210 12.19 9.51 30.97
N SER F 211 13.18 8.84 31.56
CA SER F 211 13.13 7.40 31.75
C SER F 211 12.73 7.05 33.18
N ALA F 236 6.44 5.01 47.66
CA ALA F 236 5.31 5.65 47.01
C ALA F 236 5.58 7.14 46.78
N ALA F 237 6.34 7.74 47.69
CA ALA F 237 6.68 9.15 47.62
C ALA F 237 7.46 9.51 46.35
N PRO F 238 8.53 8.78 45.99
CA PRO F 238 9.21 9.11 44.72
C PRO F 238 8.31 8.98 43.51
N ASN F 239 7.39 8.02 43.53
CA ASN F 239 6.41 7.89 42.45
C ASN F 239 5.57 9.15 42.36
N ILE F 240 5.14 9.68 43.51
CA ILE F 240 4.34 10.90 43.52
C ILE F 240 5.16 12.08 42.99
N ILE F 241 6.42 12.18 43.38
CA ILE F 241 7.26 13.26 42.89
C ILE F 241 7.42 13.19 41.37
N ASP F 242 7.68 12.00 40.84
CA ASP F 242 7.79 11.83 39.40
C ASP F 242 6.48 12.17 38.69
N LEU F 243 5.35 11.74 39.25
CA LEU F 243 4.06 12.05 38.66
C LEU F 243 3.82 13.55 38.62
N VAL F 244 4.14 14.25 39.71
CA VAL F 244 3.94 15.69 39.77
C VAL F 244 4.83 16.38 38.75
N LEU F 245 6.10 15.96 38.64
CA LEU F 245 7.01 16.59 37.70
C LEU F 245 6.55 16.38 36.26
N SER F 246 6.12 15.15 35.92
CA SER F 246 5.63 14.90 34.57
C SER F 246 4.37 15.70 34.28
N SER F 247 3.44 15.73 35.23
CA SER F 247 2.22 16.51 35.06
C SER F 247 2.51 17.98 34.86
N GLN F 248 3.47 18.54 35.59
CA GLN F 248 3.83 19.93 35.46
C GLN F 248 4.54 20.26 34.17
N GLN F 249 5.35 19.34 33.65
CA GLN F 249 5.89 19.52 32.31
C GLN F 249 4.81 19.49 31.24
N GLN F 250 3.88 18.53 31.30
CA GLN F 250 2.82 18.46 30.31
C GLN F 250 1.86 19.64 30.37
N PHE F 251 1.54 20.13 31.57
CA PHE F 251 0.66 21.28 31.68
C PHE F 251 1.22 22.50 30.96
N MET F 252 2.49 22.81 31.23
CA MET F 252 3.12 23.96 30.58
C MET F 252 3.33 23.74 29.09
N GLU F 253 3.68 22.52 28.68
CA GLU F 253 3.78 22.23 27.25
C GLU F 253 2.46 22.42 26.53
N GLN F 254 1.36 21.97 27.13
CA GLN F 254 0.07 22.14 26.49
C GLN F 254 -0.35 23.60 26.47
N MET F 255 0.02 24.37 27.50
CA MET F 255 -0.24 25.80 27.44
C MET F 255 0.50 26.45 26.28
N VAL F 256 1.77 26.10 26.07
CA VAL F 256 2.49 26.64 24.92
C VAL F 256 1.84 26.21 23.61
N LYS F 257 1.46 24.94 23.50
CA LYS F 257 0.80 24.47 22.30
C LYS F 257 -0.52 25.19 22.03
N HIS F 258 -1.30 25.47 23.07
CA HIS F 258 -2.54 26.22 22.92
C HIS F 258 -2.32 27.66 22.50
N ARG F 259 -1.32 28.34 23.06
CA ARG F 259 -1.11 29.73 22.69
C ARG F 259 -0.58 29.87 21.26
N MET F 260 -0.09 28.78 20.68
CA MET F 260 0.54 28.82 19.36
C MET F 260 -0.26 28.03 18.32
N GLU F 261 -1.51 27.72 18.63
CA GLU F 261 -2.37 27.05 17.65
C GLU F 261 -2.90 28.00 16.58
N PRO F 262 -3.26 29.25 16.90
CA PRO F 262 -3.72 30.16 15.84
C PRO F 262 -2.68 30.41 14.76
N PHE F 263 -1.41 30.13 15.03
CA PHE F 263 -0.34 30.34 14.07
C PHE F 263 0.26 28.99 13.71
N PRO F 264 0.02 28.48 12.51
CA PRO F 264 0.41 27.09 12.19
C PRO F 264 1.92 26.92 12.16
N ASN F 265 2.39 25.82 12.74
CA ASN F 265 3.77 25.38 12.63
C ASN F 265 4.75 26.34 13.28
N GLN F 266 4.27 27.22 14.15
CA GLN F 266 5.14 28.15 14.86
C GLN F 266 5.65 27.60 16.17
N PHE F 267 5.23 26.41 16.57
CA PHE F 267 5.81 25.70 17.69
C PHE F 267 5.96 24.25 17.29
N TYR F 268 7.20 23.82 17.06
CA TYR F 268 7.49 22.44 16.69
C TYR F 268 8.44 21.84 17.69
N LYS F 269 8.09 20.67 18.21
CA LYS F 269 8.90 19.99 19.22
C LYS F 269 9.56 18.78 18.58
N ILE F 270 10.89 18.76 18.59
CA ILE F 270 11.64 17.62 18.09
C ILE F 270 11.79 16.61 19.22
N ASP F 271 10.81 15.73 19.36
CA ASP F 271 10.82 14.73 20.40
C ASP F 271 11.04 13.35 19.79
N GLU F 272 11.60 12.45 20.60
CA GLU F 272 11.77 11.06 20.18
C GLU F 272 10.45 10.29 20.32
N GLN F 273 9.44 10.75 19.59
CA GLN F 273 8.18 10.04 19.47
C GLN F 273 8.32 8.73 18.71
N ILE F 274 9.54 8.37 18.32
CA ILE F 274 9.78 7.13 17.59
C ILE F 274 10.29 6.04 18.52
N VAL F 275 10.88 6.41 19.66
CA VAL F 275 11.34 5.43 20.64
C VAL F 275 10.15 4.81 21.35
N GLN F 276 9.07 5.58 21.52
CA GLN F 276 7.83 5.00 22.04
C GLN F 276 7.16 4.11 21.00
N ALA F 277 7.46 4.31 19.72
CA ALA F 277 7.03 3.42 18.66
C ALA F 277 8.12 2.44 18.27
N SER F 278 9.23 2.42 18.99
CA SER F 278 10.33 1.52 18.68
C SER F 278 10.00 0.10 19.14
N ALA F 279 9.80 -0.81 18.18
CA ALA F 279 9.51 -2.20 18.48
C ALA F 279 10.68 -2.91 19.15
N GLN F 280 11.88 -2.34 19.06
CA GLN F 280 13.05 -2.93 19.70
C GLN F 280 13.69 -1.95 20.69
N SER F 288 26.51 0.43 28.30
CA SER F 288 25.46 1.32 27.80
C SER F 288 25.74 1.77 26.37
N ASP F 289 26.65 1.05 25.70
CA ASP F 289 26.95 1.36 24.31
C ASP F 289 25.75 1.12 23.41
N ALA F 290 24.96 0.09 23.68
CA ALA F 290 23.74 -0.14 22.92
C ALA F 290 22.78 1.04 23.10
N ALA F 291 22.63 1.52 24.34
CA ALA F 291 21.78 2.67 24.59
C ALA F 291 22.30 3.91 23.88
N LYS F 292 23.62 4.06 23.80
CA LYS F 292 24.19 5.14 22.99
C LYS F 292 23.75 5.01 21.55
N GLN F 293 23.77 3.78 21.02
CA GLN F 293 23.33 3.56 19.65
C GLN F 293 21.88 3.98 19.45
N VAL F 294 20.98 3.55 20.35
CA VAL F 294 19.57 3.93 20.19
C VAL F 294 19.38 5.43 20.30
N LEU F 295 20.02 6.06 21.28
CA LEU F 295 19.87 7.50 21.45
C LEU F 295 20.37 8.28 20.24
N GLU F 296 21.57 7.92 19.78
CA GLU F 296 22.17 8.60 18.59
C GLU F 296 21.25 8.41 17.38
N GLY F 297 20.86 7.15 17.11
CA GLY F 297 20.04 6.87 15.94
C GLY F 297 18.71 7.58 15.99
N ASN F 298 18.09 7.62 17.18
CA ASN F 298 16.85 8.36 17.34
C ASN F 298 17.04 9.84 17.10
N GLY F 299 18.14 10.41 17.59
CA GLY F 299 18.42 11.81 17.34
C GLY F 299 18.59 12.09 15.86
N ILE F 300 19.35 11.25 15.17
CA ILE F 300 19.57 11.44 13.74
C ILE F 300 18.26 11.33 12.97
N GLN F 301 17.43 10.34 13.30
CA GLN F 301 16.15 10.18 12.61
C GLN F 301 15.21 11.35 12.88
N SER F 302 15.12 11.81 14.13
CA SER F 302 14.27 12.95 14.44
C SER F 302 14.73 14.22 13.74
N ALA F 303 16.06 14.45 13.68
CA ALA F 303 16.56 15.60 12.96
C ALA F 303 16.30 15.47 11.47
N LYS F 304 16.41 14.27 10.92
CA LYS F 304 16.07 14.06 9.51
C LYS F 304 14.61 14.38 9.25
N VAL F 305 13.72 13.93 10.13
CA VAL F 305 12.30 14.25 9.99
C VAL F 305 12.06 15.75 10.07
N ALA F 306 12.71 16.43 11.02
CA ALA F 306 12.56 17.87 11.16
C ALA F 306 13.06 18.65 9.96
N LEU F 307 14.21 18.27 9.40
CA LEU F 307 14.76 18.98 8.25
C LEU F 307 13.93 18.76 6.99
N GLY F 308 13.03 17.79 6.98
CA GLY F 308 12.15 17.61 5.85
C GLY F 308 11.01 18.59 5.78
N LYS F 309 10.83 19.40 6.81
CA LYS F 309 9.75 20.39 6.88
C LYS F 309 10.33 21.76 6.58
N ASP F 310 9.74 22.44 5.59
CA ASP F 310 10.32 23.69 5.10
C ASP F 310 10.36 24.76 6.18
N PHE F 311 9.36 24.77 7.07
CA PHE F 311 9.35 25.79 8.11
C PHE F 311 10.48 25.61 9.12
N ILE F 312 10.95 24.37 9.32
CA ILE F 312 12.14 24.16 10.14
C ILE F 312 13.39 24.61 9.40
N ARG F 313 13.46 24.32 8.10
CA ARG F 313 14.59 24.76 7.30
C ARG F 313 14.66 26.28 7.17
N ASN F 314 13.55 26.96 7.40
CA ASN F 314 13.51 28.41 7.30
C ASN F 314 14.05 29.10 8.55
N TYR F 315 14.34 28.35 9.61
CA TYR F 315 15.01 28.93 10.77
C TYR F 315 16.45 29.30 10.47
N PHE F 316 17.08 28.64 9.49
CA PHE F 316 18.51 28.74 9.27
C PHE F 316 18.89 29.45 7.98
N ASN F 317 17.91 29.81 7.14
CA ASN F 317 18.20 30.45 5.87
C ASN F 317 18.04 31.96 5.91
N GLN F 318 18.39 32.59 7.02
CA GLN F 318 18.15 34.00 7.23
C GLN F 318 19.45 34.72 7.52
N PRO F 319 19.49 36.05 7.34
CA PRO F 319 20.69 36.80 7.71
C PRO F 319 20.97 36.68 9.20
N SER F 320 22.25 36.70 9.55
CA SER F 320 22.67 36.53 10.93
C SER F 320 22.00 37.55 11.83
N ARG F 321 21.49 37.09 12.97
CA ARG F 321 20.72 37.96 13.85
C ARG F 321 21.64 38.93 14.57
N LYS F 322 21.14 40.14 14.81
CA LYS F 322 21.89 41.20 15.47
C LYS F 322 21.39 41.34 16.89
N ARG F 323 22.32 41.29 17.85
CA ARG F 323 21.98 41.28 19.26
C ARG F 323 21.97 42.69 19.82
N GLU F 324 21.20 42.89 20.88
CA GLU F 324 21.15 44.15 21.60
C GLU F 324 21.44 43.86 23.07
N TRP F 325 22.69 44.06 23.47
CA TRP F 325 23.11 43.85 24.86
C TRP F 325 23.06 45.18 25.59
N PHE F 326 22.39 45.20 26.74
CA PHE F 326 22.18 46.43 27.48
C PHE F 326 23.10 46.58 28.67
N ASP F 327 24.03 45.65 28.85
CA ASP F 327 24.98 45.69 29.95
C ASP F 327 26.02 44.62 29.70
N GLY F 328 27.08 44.64 30.50
CA GLY F 328 28.15 43.66 30.36
C GLY F 328 29.18 44.09 29.34
N PRO F 329 30.18 43.23 29.11
CA PRO F 329 31.27 43.59 28.20
C PRO F 329 30.83 43.81 26.76
N GLN F 330 29.70 43.26 26.34
CA GLN F 330 29.24 43.38 24.96
C GLN F 330 28.14 44.43 24.80
N LYS F 331 28.11 45.44 25.68
CA LYS F 331 27.04 46.42 25.66
C LYS F 331 27.01 47.18 24.34
N ASN F 332 25.91 47.05 23.62
CA ASN F 332 25.70 47.73 22.35
C ASN F 332 24.84 48.98 22.49
N VAL F 333 23.94 49.00 23.47
CA VAL F 333 23.04 50.13 23.63
C VAL F 333 23.51 51.04 24.77
#